data_6DU6
#
_entry.id   6DU6
#
_cell.length_a   109.229
_cell.length_b   113.654
_cell.length_c   202.075
_cell.angle_alpha   90.00
_cell.angle_beta   90.00
_cell.angle_gamma   90.00
#
_symmetry.space_group_name_H-M   'P 21 21 21'
#
loop_
_entity.id
_entity.type
_entity.pdbx_description
1 polymer 'Pyruvate kinase'
2 non-polymer 1,6-di-O-phosphono-beta-D-fructofuranose
#
_entity_poly.entity_id   1
_entity_poly.type   'polypeptide(L)'
_entity_poly.pdbx_seq_one_letter_code
;MASWSHPQFEKGADDDDKMMVWVSDYDCDPKGRKMNPESVSHLEHMCSLDIDSQTAFVRLSGIICTIGPASVAPEMLEKM
MATGMNIARLNFSHGSHEYHANTIKNIREAVDNYSKKQGKPFPLAIALDTKGPEIRTGLIEGSGTGEVELKKGEQIQLTT
DKDHLEKGSKDKIFVDYVNIVKVVKKGDRVFVDDGLISLVVDSISGDTLTCTVENGGLLGSRKGVNLPGVPVDLPAVSEK
DKSDLQFGVEQGVDVIFASFIRNAAALKEIRTILGEKGKNIKIISKIENQQGMQNLDAIIAASDGIMVARGDLGIEIPAE
KVFLAQKSMIARCNRAGKPVICATQMLESMIKKPRPTRAEISDVANAIIDGADCVMLSGETAKGEYPLECVLTMAKTCKE
AEAALWHRNLFNDLVNTTPTPLDTASSIAIAASEAAAKSRAAAVIVITTSGRSAHLISKYRPRCPIIAVTRFAQTARQCH
LYRGILPVIYEQQALEDWLKDVDARVQYGMDFGKERGFLKPGNPVVVVTGWKQGSGFTNTIRIVNVEPGFSSISAHHHHH
HHHHH
;
_entity_poly.pdbx_strand_id   A,B,C,D
#
loop_
_chem_comp.id
_chem_comp.type
_chem_comp.name
_chem_comp.formula
FBP D-saccharide, beta linking 1,6-di-O-phosphono-beta-D-fructofuranose 'C6 H14 O12 P2'
#
# COMPACT_ATOMS: atom_id res chain seq x y z
N SER A 39 -0.35 -12.82 -2.24
CA SER A 39 -0.11 -12.37 -0.87
C SER A 39 -0.43 -10.88 -0.72
N VAL A 40 -0.86 -10.47 0.48
CA VAL A 40 -1.19 -9.08 0.71
C VAL A 40 0.06 -8.25 1.01
N SER A 41 0.94 -8.76 1.87
CA SER A 41 2.10 -8.00 2.31
C SER A 41 3.37 -8.81 2.06
N HIS A 42 4.51 -8.12 2.18
CA HIS A 42 5.79 -8.78 1.96
C HIS A 42 6.06 -9.83 3.04
N LEU A 43 5.71 -9.54 4.28
CA LEU A 43 5.86 -10.53 5.35
C LEU A 43 5.02 -11.77 5.07
N GLU A 44 3.75 -11.57 4.69
CA GLU A 44 2.90 -12.70 4.33
C GLU A 44 3.43 -13.44 3.11
N HIS A 45 4.06 -12.72 2.18
CA HIS A 45 4.68 -13.36 1.03
C HIS A 45 5.81 -14.29 1.47
N MET A 46 6.72 -13.77 2.30
CA MET A 46 7.82 -14.58 2.79
C MET A 46 7.30 -15.78 3.58
N CYS A 47 6.23 -15.59 4.34
CA CYS A 47 5.63 -16.70 5.08
C CYS A 47 5.07 -17.76 4.15
N SER A 48 4.61 -17.36 2.96
CA SER A 48 3.95 -18.26 2.02
C SER A 48 4.91 -19.10 1.21
N LEU A 49 6.23 -18.91 1.36
CA LEU A 49 7.19 -19.72 0.63
C LEU A 49 7.10 -21.18 1.06
N ASP A 50 6.99 -22.08 0.07
CA ASP A 50 6.82 -23.51 0.31
C ASP A 50 7.90 -24.24 -0.48
N ILE A 51 8.71 -25.04 0.21
CA ILE A 51 9.72 -25.83 -0.48
C ILE A 51 9.06 -26.92 -1.31
N ASP A 52 7.87 -27.37 -0.91
CA ASP A 52 7.16 -28.39 -1.66
C ASP A 52 6.59 -27.83 -2.97
N SER A 53 6.27 -26.54 -3.00
CA SER A 53 5.70 -25.94 -4.21
C SER A 53 6.74 -25.94 -5.32
N GLN A 54 6.45 -26.68 -6.39
CA GLN A 54 7.41 -26.85 -7.47
C GLN A 54 7.45 -25.61 -8.38
N THR A 55 8.64 -25.29 -8.85
CA THR A 55 8.85 -24.17 -9.76
C THR A 55 8.66 -24.61 -11.21
N ALA A 56 8.59 -23.63 -12.10
CA ALA A 56 8.53 -23.91 -13.53
C ALA A 56 9.90 -24.33 -14.04
N PHE A 57 9.90 -25.07 -15.15
CA PHE A 57 11.15 -25.59 -15.70
C PHE A 57 12.04 -24.48 -16.24
N VAL A 58 11.45 -23.39 -16.74
CA VAL A 58 12.23 -22.35 -17.40
C VAL A 58 13.07 -21.60 -16.38
N ARG A 59 14.30 -21.25 -16.77
CA ARG A 59 15.20 -20.44 -15.96
C ARG A 59 15.53 -19.17 -16.74
N LEU A 60 15.11 -18.02 -16.23
CA LEU A 60 15.17 -16.77 -16.98
C LEU A 60 16.53 -16.08 -16.86
N SER A 61 17.18 -16.17 -15.70
CA SER A 61 18.40 -15.40 -15.46
C SER A 61 19.60 -16.03 -16.15
N GLY A 62 20.44 -15.18 -16.74
CA GLY A 62 21.60 -15.67 -17.45
C GLY A 62 22.74 -16.03 -16.52
N ILE A 63 23.56 -16.97 -16.98
CA ILE A 63 24.74 -17.44 -16.24
C ILE A 63 25.98 -17.07 -17.03
N ILE A 64 26.92 -16.39 -16.36
CA ILE A 64 28.17 -15.96 -16.96
C ILE A 64 29.30 -16.79 -16.37
N CYS A 65 30.16 -17.33 -17.23
CA CYS A 65 31.25 -18.18 -16.83
C CYS A 65 32.57 -17.61 -17.34
N THR A 66 33.54 -17.45 -16.45
CA THR A 66 34.87 -17.02 -16.84
C THR A 66 35.67 -18.22 -17.34
N ILE A 67 36.37 -18.02 -18.45
CA ILE A 67 37.09 -19.10 -19.11
C ILE A 67 38.54 -19.08 -18.66
N GLY A 68 39.08 -20.26 -18.35
CA GLY A 68 40.44 -20.40 -17.92
C GLY A 68 40.98 -21.78 -18.23
N PRO A 69 42.09 -22.16 -17.58
CA PRO A 69 42.69 -23.48 -17.88
C PRO A 69 41.75 -24.65 -17.71
N ALA A 70 40.85 -24.59 -16.72
CA ALA A 70 39.94 -25.71 -16.49
C ALA A 70 38.86 -25.79 -17.56
N SER A 71 38.44 -24.66 -18.12
CA SER A 71 37.29 -24.61 -19.03
C SER A 71 37.67 -24.35 -20.48
N VAL A 72 38.95 -24.11 -20.78
CA VAL A 72 39.33 -23.70 -22.13
C VAL A 72 39.14 -24.83 -23.13
N ALA A 73 39.17 -26.08 -22.67
CA ALA A 73 39.09 -27.21 -23.58
C ALA A 73 37.74 -27.20 -24.31
N PRO A 74 37.70 -27.61 -25.59
CA PRO A 74 36.42 -27.58 -26.31
C PRO A 74 35.39 -28.53 -25.75
N GLU A 75 35.78 -29.74 -25.36
CA GLU A 75 34.82 -30.69 -24.81
C GLU A 75 34.26 -30.22 -23.47
N MET A 76 35.14 -29.75 -22.59
CA MET A 76 34.69 -29.18 -21.33
C MET A 76 33.78 -27.99 -21.58
N LEU A 77 34.07 -27.22 -22.63
CA LEU A 77 33.24 -26.06 -22.97
C LEU A 77 31.86 -26.50 -23.44
N GLU A 78 31.78 -27.58 -24.24
CA GLU A 78 30.49 -28.10 -24.65
C GLU A 78 29.69 -28.60 -23.45
N LYS A 79 30.35 -29.27 -22.50
CA LYS A 79 29.64 -29.73 -21.32
C LYS A 79 29.12 -28.56 -20.49
N MET A 80 29.94 -27.51 -20.34
CA MET A 80 29.46 -26.32 -19.64
C MET A 80 28.30 -25.67 -20.38
N MET A 81 28.39 -25.61 -21.70
CA MET A 81 27.34 -25.02 -22.52
C MET A 81 26.03 -25.77 -22.36
N ALA A 82 26.08 -27.11 -22.39
CA ALA A 82 24.89 -27.90 -22.15
C ALA A 82 24.37 -27.71 -20.73
N THR A 83 25.27 -27.47 -19.78
CA THR A 83 24.84 -27.26 -18.39
C THR A 83 24.01 -25.99 -18.24
N GLY A 84 24.27 -24.97 -19.06
CA GLY A 84 23.47 -23.76 -18.99
C GLY A 84 24.20 -22.43 -19.12
N MET A 85 25.48 -22.46 -19.49
CA MET A 85 26.22 -21.22 -19.70
C MET A 85 25.64 -20.42 -20.86
N ASN A 86 25.26 -19.17 -20.58
CA ASN A 86 24.67 -18.29 -21.59
C ASN A 86 25.70 -17.39 -22.25
N ILE A 87 26.69 -16.92 -21.51
CA ILE A 87 27.76 -16.07 -22.05
C ILE A 87 29.05 -16.41 -21.34
N ALA A 88 30.12 -16.56 -22.11
CA ALA A 88 31.45 -16.83 -21.56
C ALA A 88 32.24 -15.53 -21.45
N ARG A 89 32.98 -15.39 -20.37
CA ARG A 89 33.73 -14.18 -20.06
C ARG A 89 35.22 -14.49 -20.12
N LEU A 90 35.96 -13.64 -20.81
CA LEU A 90 37.40 -13.77 -20.95
C LEU A 90 38.06 -12.67 -20.12
N ASN A 91 38.96 -13.05 -19.23
CA ASN A 91 39.61 -12.08 -18.35
C ASN A 91 40.90 -11.61 -19.00
N PHE A 92 40.90 -10.36 -19.48
CA PHE A 92 42.06 -9.79 -20.17
C PHE A 92 43.14 -9.27 -19.23
N SER A 93 42.94 -9.33 -17.92
CA SER A 93 43.99 -8.91 -17.00
C SER A 93 45.22 -9.80 -17.09
N HIS A 94 45.12 -10.97 -17.73
CA HIS A 94 46.25 -11.85 -17.94
C HIS A 94 46.11 -12.51 -19.31
N GLY A 95 47.24 -12.93 -19.87
CA GLY A 95 47.24 -13.61 -21.15
C GLY A 95 47.42 -12.67 -22.33
N SER A 96 47.94 -13.23 -23.41
CA SER A 96 48.24 -12.48 -24.63
C SER A 96 47.06 -12.54 -25.60
N HIS A 97 47.20 -11.78 -26.69
CA HIS A 97 46.17 -11.81 -27.74
C HIS A 97 46.06 -13.19 -28.36
N GLU A 98 47.18 -13.89 -28.51
CA GLU A 98 47.14 -15.25 -29.08
C GLU A 98 46.35 -16.19 -28.19
N TYR A 99 46.55 -16.11 -26.87
CA TYR A 99 45.81 -16.97 -25.94
C TYR A 99 44.31 -16.77 -26.07
N HIS A 100 43.86 -15.51 -26.01
CA HIS A 100 42.44 -15.23 -26.07
C HIS A 100 41.87 -15.51 -27.46
N ALA A 101 42.66 -15.31 -28.52
CA ALA A 101 42.19 -15.66 -29.86
C ALA A 101 42.00 -17.17 -30.00
N ASN A 102 42.94 -17.96 -29.46
CA ASN A 102 42.79 -19.41 -29.47
C ASN A 102 41.61 -19.84 -28.61
N THR A 103 41.40 -19.17 -27.48
CA THR A 103 40.24 -19.47 -26.64
C THR A 103 38.94 -19.17 -27.39
N ILE A 104 38.90 -18.06 -28.12
CA ILE A 104 37.72 -17.75 -28.92
C ILE A 104 37.51 -18.80 -30.01
N LYS A 105 38.59 -19.23 -30.65
CA LYS A 105 38.48 -20.27 -31.66
C LYS A 105 37.93 -21.56 -31.06
N ASN A 106 38.42 -21.94 -29.88
CA ASN A 106 37.96 -23.16 -29.22
C ASN A 106 36.49 -23.03 -28.81
N ILE A 107 36.10 -21.87 -28.29
CA ILE A 107 34.71 -21.68 -27.88
C ILE A 107 33.80 -21.69 -29.10
N ARG A 108 34.25 -21.14 -30.23
CA ARG A 108 33.43 -21.14 -31.44
C ARG A 108 33.26 -22.56 -31.98
N GLU A 109 34.34 -23.34 -32.05
CA GLU A 109 34.18 -24.72 -32.52
C GLU A 109 33.28 -25.51 -31.58
N ALA A 110 33.38 -25.27 -30.27
CA ALA A 110 32.54 -25.99 -29.32
C ALA A 110 31.07 -25.57 -29.44
N VAL A 111 30.80 -24.26 -29.58
CA VAL A 111 29.42 -23.80 -29.65
C VAL A 111 28.79 -24.22 -30.97
N ASP A 112 29.56 -24.23 -32.05
CA ASP A 112 29.03 -24.73 -33.32
C ASP A 112 28.77 -26.23 -33.26
N ASN A 113 29.60 -26.99 -32.54
CA ASN A 113 29.34 -28.42 -32.42
C ASN A 113 28.09 -28.67 -31.58
N TYR A 114 27.87 -27.88 -30.52
CA TYR A 114 26.63 -28.02 -29.78
C TYR A 114 25.45 -27.46 -30.57
N SER A 115 25.66 -26.39 -31.32
CA SER A 115 24.59 -25.74 -32.09
C SER A 115 24.13 -26.59 -33.27
N LYS A 116 24.24 -27.92 -33.16
CA LYS A 116 23.80 -28.80 -34.23
C LYS A 116 22.38 -29.31 -34.02
N LYS A 117 21.58 -28.65 -33.18
CA LYS A 117 20.16 -28.93 -33.07
C LYS A 117 19.37 -27.96 -33.93
N GLN A 118 18.11 -28.31 -34.18
CA GLN A 118 17.17 -27.45 -34.92
C GLN A 118 17.67 -27.12 -36.33
N GLY A 119 18.79 -26.40 -36.41
CA GLY A 119 19.41 -26.02 -37.67
C GLY A 119 20.68 -25.25 -37.35
N LYS A 120 20.65 -23.92 -37.50
CA LYS A 120 21.78 -23.11 -37.08
C LYS A 120 21.50 -22.23 -35.85
N PRO A 121 20.68 -22.67 -34.85
CA PRO A 121 20.40 -21.78 -33.71
C PRO A 121 21.52 -21.61 -32.70
N PHE A 122 21.12 -21.76 -31.44
CA PHE A 122 21.79 -21.58 -30.16
C PHE A 122 22.78 -20.42 -30.23
N PRO A 123 22.34 -19.21 -29.93
CA PRO A 123 23.25 -18.07 -29.86
C PRO A 123 23.93 -18.01 -28.49
N LEU A 124 25.17 -17.55 -28.51
CA LEU A 124 25.96 -17.39 -27.30
C LEU A 124 26.75 -16.11 -27.39
N ALA A 125 26.80 -15.36 -26.30
CA ALA A 125 27.37 -14.03 -26.27
C ALA A 125 28.84 -14.07 -25.88
N ILE A 126 29.58 -13.07 -26.35
CA ILE A 126 31.01 -12.94 -26.12
C ILE A 126 31.27 -11.73 -25.23
N ALA A 127 32.12 -11.92 -24.23
CA ALA A 127 32.42 -10.93 -23.22
C ALA A 127 33.92 -10.66 -23.24
N LEU A 128 34.29 -9.39 -23.03
CA LEU A 128 35.70 -8.99 -23.15
C LEU A 128 36.35 -8.67 -21.81
N ASP A 129 35.80 -7.73 -21.04
CA ASP A 129 36.34 -7.29 -19.76
C ASP A 129 37.78 -6.79 -19.87
N THR A 130 37.99 -5.49 -19.68
CA THR A 130 39.29 -4.88 -19.87
C THR A 130 40.15 -5.03 -18.62
N LYS A 131 41.48 -4.98 -18.83
CA LYS A 131 42.40 -4.96 -17.70
C LYS A 131 42.17 -3.73 -16.84
N GLY A 132 41.96 -2.58 -17.48
CA GLY A 132 41.59 -1.37 -16.79
C GLY A 132 42.74 -0.65 -16.13
N PRO A 133 42.46 0.56 -15.63
CA PRO A 133 43.50 1.36 -14.99
C PRO A 133 43.80 0.90 -13.57
N GLU A 134 44.88 0.13 -13.43
CA GLU A 134 45.31 -0.36 -12.14
C GLU A 134 46.63 0.28 -11.75
N ILE A 135 46.90 0.29 -10.44
CA ILE A 135 48.13 0.80 -9.86
C ILE A 135 48.84 -0.39 -9.22
N ARG A 136 50.15 -0.48 -9.42
CA ARG A 136 50.90 -1.65 -9.01
C ARG A 136 52.14 -1.23 -8.24
N THR A 137 52.64 -2.15 -7.41
CA THR A 137 53.87 -1.94 -6.66
C THR A 137 55.06 -2.31 -7.54
N GLY A 138 56.26 -2.00 -7.06
CA GLY A 138 57.47 -2.33 -7.77
C GLY A 138 58.09 -3.64 -7.30
N LEU A 139 59.35 -3.82 -7.66
CA LEU A 139 60.09 -5.03 -7.34
C LEU A 139 60.96 -4.81 -6.11
N ILE A 140 61.19 -5.89 -5.37
CA ILE A 140 62.13 -5.85 -4.26
C ILE A 140 63.57 -6.05 -4.75
N THR A 145 59.23 -11.57 -7.84
CA THR A 145 59.99 -11.88 -6.63
C THR A 145 59.92 -10.73 -5.61
N GLY A 146 59.80 -11.08 -4.34
CA GLY A 146 59.74 -10.09 -3.28
C GLY A 146 59.99 -10.68 -1.91
N GLU A 147 58.93 -11.15 -1.26
CA GLU A 147 58.99 -11.79 0.07
C GLU A 147 59.43 -10.85 1.18
N VAL A 148 59.13 -9.54 1.08
CA VAL A 148 59.38 -8.63 2.19
C VAL A 148 58.25 -8.74 3.22
N GLU A 149 58.59 -8.46 4.47
CA GLU A 149 57.62 -8.44 5.56
C GLU A 149 57.44 -7.00 6.06
N LEU A 150 56.18 -6.62 6.30
CA LEU A 150 55.84 -5.30 6.83
C LEU A 150 55.18 -5.46 8.18
N LYS A 151 55.79 -4.88 9.22
CA LYS A 151 55.29 -4.99 10.58
C LYS A 151 54.40 -3.80 10.92
N LYS A 152 53.43 -4.05 11.79
CA LYS A 152 52.50 -3.01 12.19
C LYS A 152 53.21 -1.93 13.00
N GLY A 153 52.84 -0.67 12.78
CA GLY A 153 53.40 0.44 13.50
C GLY A 153 54.59 1.10 12.83
N GLU A 154 55.26 0.41 11.92
CA GLU A 154 56.43 0.97 11.27
C GLU A 154 56.02 1.88 10.11
N GLN A 155 57.00 2.60 9.58
CA GLN A 155 56.77 3.58 8.53
C GLN A 155 57.44 3.13 7.24
N ILE A 156 56.69 3.20 6.13
CA ILE A 156 57.24 2.91 4.82
C ILE A 156 56.87 4.05 3.88
N GLN A 157 57.59 4.14 2.77
CA GLN A 157 57.51 5.28 1.87
C GLN A 157 57.21 4.79 0.47
N LEU A 158 56.07 5.19 -0.09
CA LEU A 158 55.68 4.82 -1.45
C LEU A 158 56.04 5.97 -2.38
N THR A 159 56.95 5.71 -3.31
CA THR A 159 57.49 6.77 -4.16
C THR A 159 57.16 6.52 -5.62
N THR A 160 56.99 7.61 -6.36
CA THR A 160 56.80 7.56 -7.80
C THR A 160 58.10 7.73 -8.56
N ASP A 161 59.22 7.95 -7.87
CA ASP A 161 60.52 8.03 -8.52
C ASP A 161 60.85 6.70 -9.19
N LYS A 162 61.18 6.76 -10.48
CA LYS A 162 61.40 5.55 -11.24
C LYS A 162 62.66 4.80 -10.79
N ASP A 163 63.66 5.52 -10.26
CA ASP A 163 64.90 4.84 -9.91
C ASP A 163 64.76 3.95 -8.68
N HIS A 164 63.56 3.80 -8.13
CA HIS A 164 63.31 2.85 -7.04
C HIS A 164 62.42 1.71 -7.49
N LEU A 165 62.13 1.62 -8.80
CA LEU A 165 61.28 0.54 -9.30
C LEU A 165 61.85 -0.83 -8.92
N GLU A 166 63.16 -1.00 -9.11
CA GLU A 166 63.81 -2.27 -8.81
C GLU A 166 64.33 -2.35 -7.38
N LYS A 167 64.50 -1.21 -6.70
CA LYS A 167 65.16 -1.14 -5.41
C LYS A 167 64.18 -1.22 -4.22
N GLY A 168 62.97 -1.72 -4.44
CA GLY A 168 61.99 -1.76 -3.37
C GLY A 168 62.42 -2.62 -2.21
N SER A 169 61.98 -2.21 -1.01
CA SER A 169 62.27 -2.92 0.24
C SER A 169 61.19 -2.55 1.25
N LYS A 170 61.37 -2.99 2.49
CA LYS A 170 60.40 -2.66 3.53
C LYS A 170 60.43 -1.17 3.87
N ASP A 171 61.54 -0.49 3.61
CA ASP A 171 61.65 0.92 3.94
C ASP A 171 61.01 1.80 2.88
N LYS A 172 61.32 1.54 1.60
CA LYS A 172 60.82 2.36 0.51
C LYS A 172 60.30 1.47 -0.60
N ILE A 173 59.28 1.96 -1.31
CA ILE A 173 58.55 1.17 -2.28
C ILE A 173 58.13 2.08 -3.43
N PHE A 174 58.16 1.56 -4.65
CA PHE A 174 57.73 2.30 -5.82
C PHE A 174 56.27 1.99 -6.14
N VAL A 175 55.57 2.98 -6.69
CA VAL A 175 54.17 2.83 -7.08
C VAL A 175 54.00 3.29 -8.53
N ASP A 176 53.13 2.58 -9.26
CA ASP A 176 52.91 2.87 -10.68
C ASP A 176 52.30 4.25 -10.87
N TYR A 177 51.24 4.55 -10.13
CA TYR A 177 50.51 5.81 -10.25
C TYR A 177 51.44 7.00 -10.10
N VAL A 178 51.46 7.86 -11.13
CA VAL A 178 52.41 8.98 -11.14
C VAL A 178 51.92 10.10 -10.24
N ASN A 179 50.75 10.65 -10.53
CA ASN A 179 50.23 11.78 -9.77
C ASN A 179 49.35 11.35 -8.61
N ILE A 180 49.75 10.27 -7.92
CA ILE A 180 49.06 9.90 -6.68
C ILE A 180 49.15 11.02 -5.68
N VAL A 181 50.20 11.85 -5.77
CA VAL A 181 50.36 12.96 -4.85
C VAL A 181 49.39 14.09 -5.16
N LYS A 182 48.96 14.21 -6.42
CA LYS A 182 47.96 15.20 -6.79
C LYS A 182 46.65 14.94 -6.07
N VAL A 183 46.19 13.68 -6.08
CA VAL A 183 45.09 13.25 -5.25
C VAL A 183 45.65 12.91 -3.88
N VAL A 184 44.86 12.20 -3.06
CA VAL A 184 45.25 11.77 -1.71
C VAL A 184 45.41 12.98 -0.79
N LYS A 185 44.93 12.85 0.44
CA LYS A 185 45.02 13.90 1.44
C LYS A 185 45.97 13.48 2.55
N LYS A 186 46.05 14.33 3.59
CA LYS A 186 46.88 14.04 4.75
C LYS A 186 46.43 12.80 5.50
N GLY A 187 45.20 12.35 5.26
CA GLY A 187 44.72 11.10 5.83
C GLY A 187 44.63 10.03 4.77
N ASP A 188 43.44 9.45 4.59
CA ASP A 188 43.14 8.50 3.52
C ASP A 188 43.97 7.22 3.62
N ARG A 189 43.30 6.10 3.87
CA ARG A 189 43.99 4.82 3.94
C ARG A 189 44.38 4.33 2.55
N VAL A 190 45.40 3.48 2.53
CA VAL A 190 45.98 2.88 1.33
C VAL A 190 46.02 1.37 1.50
N PHE A 191 45.70 0.63 0.44
CA PHE A 191 45.78 -0.82 0.47
C PHE A 191 46.84 -1.31 -0.51
N VAL A 192 47.38 -2.48 -0.21
CA VAL A 192 48.31 -3.19 -1.09
C VAL A 192 47.93 -4.66 -1.08
N ASP A 193 47.95 -5.27 -2.28
CA ASP A 193 47.70 -6.69 -2.46
C ASP A 193 46.33 -7.11 -1.96
N ASP A 194 45.29 -6.85 -2.76
CA ASP A 194 43.93 -7.36 -2.49
C ASP A 194 43.46 -6.98 -1.09
N GLY A 195 43.92 -5.84 -0.58
CA GLY A 195 43.53 -5.41 0.74
C GLY A 195 44.27 -6.08 1.88
N LEU A 196 45.25 -6.92 1.60
CA LEU A 196 45.94 -7.64 2.66
C LEU A 196 46.80 -6.71 3.51
N ILE A 197 47.41 -5.70 2.90
CA ILE A 197 48.28 -4.76 3.60
C ILE A 197 47.64 -3.39 3.57
N SER A 198 47.70 -2.67 4.68
CA SER A 198 47.09 -1.34 4.76
C SER A 198 48.08 -0.35 5.35
N LEU A 199 48.07 0.86 4.79
CA LEU A 199 48.92 1.96 5.20
C LEU A 199 48.04 3.19 5.43
N VAL A 200 48.57 4.14 6.19
CA VAL A 200 47.93 5.43 6.38
C VAL A 200 48.94 6.52 6.00
N VAL A 201 48.52 7.43 5.14
CA VAL A 201 49.41 8.48 4.67
C VAL A 201 49.64 9.45 5.81
N ASP A 202 50.91 9.58 6.24
CA ASP A 202 51.24 10.53 7.28
C ASP A 202 51.58 11.90 6.69
N SER A 203 52.52 11.93 5.76
CA SER A 203 53.00 13.17 5.17
C SER A 203 53.04 13.03 3.66
N ILE A 204 53.09 14.18 2.99
CA ILE A 204 53.21 14.24 1.54
C ILE A 204 54.34 15.20 1.20
N SER A 205 55.32 14.70 0.44
CA SER A 205 56.40 15.47 -0.13
C SER A 205 56.27 15.44 -1.64
N GLY A 206 57.34 15.79 -2.35
CA GLY A 206 57.27 15.82 -3.80
C GLY A 206 56.97 14.47 -4.42
N ASP A 207 57.59 13.41 -3.91
CA ASP A 207 57.42 12.09 -4.49
C ASP A 207 57.69 11.00 -3.45
N THR A 208 57.28 11.24 -2.20
CA THR A 208 57.63 10.34 -1.11
C THR A 208 56.42 9.71 -0.45
N LEU A 209 55.47 10.50 0.05
CA LEU A 209 54.32 10.00 0.80
C LEU A 209 54.77 9.06 1.92
N THR A 210 55.30 9.60 3.00
CA THR A 210 55.64 8.80 4.17
C THR A 210 54.37 8.29 4.83
N CYS A 211 54.32 6.99 5.13
CA CYS A 211 53.12 6.34 5.59
C CYS A 211 53.45 5.45 6.78
N THR A 212 52.42 5.10 7.55
CA THR A 212 52.54 4.19 8.67
C THR A 212 51.72 2.93 8.38
N VAL A 213 52.21 1.78 8.83
CA VAL A 213 51.59 0.51 8.49
C VAL A 213 50.44 0.22 9.45
N GLU A 214 49.20 0.39 8.97
CA GLU A 214 48.00 -0.02 9.71
C GLU A 214 47.78 -1.52 9.50
N ASN A 215 48.55 -2.31 10.24
CA ASN A 215 48.52 -3.77 10.20
C ASN A 215 49.04 -4.30 8.86
N GLY A 216 50.09 -5.12 8.94
CA GLY A 216 50.84 -5.54 7.77
C GLY A 216 51.09 -7.04 7.76
N GLY A 217 51.36 -7.55 6.57
CA GLY A 217 51.66 -8.94 6.34
C GLY A 217 52.84 -9.06 5.39
N LEU A 218 52.86 -10.16 4.64
CA LEU A 218 53.96 -10.42 3.72
C LEU A 218 53.75 -9.62 2.44
N LEU A 219 54.66 -8.69 2.16
CA LEU A 219 54.54 -7.83 0.98
C LEU A 219 55.35 -8.42 -0.17
N GLY A 220 54.70 -8.59 -1.31
CA GLY A 220 55.35 -9.06 -2.51
C GLY A 220 55.62 -7.94 -3.48
N SER A 221 55.84 -8.32 -4.74
CA SER A 221 56.15 -7.39 -5.80
C SER A 221 54.99 -7.33 -6.79
N ARG A 222 54.75 -6.14 -7.35
CA ARG A 222 53.70 -5.91 -8.35
C ARG A 222 52.35 -6.36 -7.81
N LYS A 223 51.92 -5.61 -6.81
CA LYS A 223 50.75 -5.97 -6.02
C LYS A 223 49.67 -4.91 -6.21
N GLY A 224 48.50 -5.18 -5.64
CA GLY A 224 47.35 -4.33 -5.85
C GLY A 224 47.52 -2.91 -5.27
N VAL A 225 46.51 -2.09 -5.56
CA VAL A 225 46.48 -0.69 -5.19
C VAL A 225 45.28 -0.42 -4.31
N ASN A 226 44.23 0.16 -4.90
CA ASN A 226 42.97 0.43 -4.22
C ASN A 226 43.18 1.63 -3.28
N LEU A 227 42.81 2.84 -3.73
CA LEU A 227 42.93 3.97 -2.82
C LEU A 227 41.51 4.31 -2.38
N PRO A 228 41.10 3.94 -1.16
CA PRO A 228 39.69 4.12 -0.78
C PRO A 228 39.38 5.60 -0.58
N GLY A 229 38.30 6.04 -1.21
CA GLY A 229 37.85 7.42 -1.12
C GLY A 229 38.30 8.38 -2.20
N VAL A 230 39.56 8.26 -2.65
CA VAL A 230 40.16 9.28 -3.49
C VAL A 230 39.60 9.16 -4.90
N PRO A 231 39.38 10.28 -5.60
CA PRO A 231 38.99 10.20 -7.01
C PRO A 231 40.22 10.07 -7.89
N VAL A 232 40.33 8.95 -8.59
CA VAL A 232 41.49 8.68 -9.43
C VAL A 232 41.33 9.39 -10.76
N ASP A 233 42.41 10.01 -11.24
CA ASP A 233 42.37 10.75 -12.50
C ASP A 233 42.84 9.94 -13.69
N LEU A 234 43.23 8.68 -13.48
CA LEU A 234 43.79 7.88 -14.56
C LEU A 234 42.81 7.79 -15.72
N PRO A 235 43.30 7.65 -16.96
CA PRO A 235 42.39 7.55 -18.10
C PRO A 235 41.58 6.27 -18.02
N ALA A 236 40.30 6.37 -18.37
CA ALA A 236 39.42 5.21 -18.31
C ALA A 236 39.90 4.11 -19.24
N VAL A 237 40.43 4.47 -20.40
CA VAL A 237 40.95 3.53 -21.38
C VAL A 237 42.45 3.79 -21.48
N SER A 238 43.25 2.82 -21.06
CA SER A 238 44.69 2.90 -21.15
C SER A 238 45.16 2.33 -22.49
N GLU A 239 46.48 2.24 -22.68
CA GLU A 239 47.02 1.75 -23.94
C GLU A 239 46.66 0.28 -24.15
N LYS A 240 46.87 -0.55 -23.13
CA LYS A 240 46.49 -1.95 -23.24
C LYS A 240 45.00 -2.10 -23.50
N ASP A 241 44.18 -1.28 -22.82
CA ASP A 241 42.74 -1.31 -23.07
C ASP A 241 42.42 -0.92 -24.51
N LYS A 242 43.16 0.05 -25.06
CA LYS A 242 42.95 0.46 -26.44
C LYS A 242 43.21 -0.69 -27.40
N SER A 243 44.39 -1.32 -27.26
CA SER A 243 44.72 -2.45 -28.13
C SER A 243 43.73 -3.59 -27.95
N ASP A 244 43.30 -3.84 -26.71
CA ASP A 244 42.37 -4.94 -26.44
C ASP A 244 40.99 -4.66 -27.03
N LEU A 245 40.54 -3.41 -26.97
CA LEU A 245 39.25 -3.08 -27.58
C LEU A 245 39.31 -3.19 -29.09
N GLN A 246 40.41 -2.77 -29.71
CA GLN A 246 40.54 -2.95 -31.16
C GLN A 246 40.58 -4.43 -31.52
N PHE A 247 41.27 -5.23 -30.71
CA PHE A 247 41.28 -6.68 -30.91
C PHE A 247 39.88 -7.27 -30.78
N GLY A 248 39.12 -6.80 -29.80
CA GLY A 248 37.75 -7.26 -29.64
C GLY A 248 36.86 -6.89 -30.82
N VAL A 249 37.05 -5.69 -31.36
CA VAL A 249 36.31 -5.30 -32.56
C VAL A 249 36.66 -6.22 -33.71
N GLU A 250 37.94 -6.55 -33.87
CA GLU A 250 38.33 -7.47 -34.94
C GLU A 250 37.74 -8.86 -34.72
N GLN A 251 37.71 -9.33 -33.46
CA GLN A 251 37.17 -10.64 -33.16
C GLN A 251 35.65 -10.69 -33.32
N GLY A 252 34.97 -9.55 -33.28
CA GLY A 252 33.53 -9.55 -33.36
C GLY A 252 32.89 -9.90 -32.02
N VAL A 253 33.39 -9.28 -30.95
CA VAL A 253 32.88 -9.57 -29.62
C VAL A 253 31.51 -8.94 -29.44
N ASP A 254 30.71 -9.53 -28.56
CA ASP A 254 29.35 -9.06 -28.30
C ASP A 254 29.28 -7.98 -27.23
N VAL A 255 30.08 -8.11 -26.17
CA VAL A 255 30.00 -7.24 -25.00
C VAL A 255 31.39 -6.97 -24.45
N ILE A 256 31.57 -5.78 -23.88
CA ILE A 256 32.78 -5.40 -23.15
C ILE A 256 32.40 -5.05 -21.72
N PHE A 257 33.15 -5.55 -20.75
CA PHE A 257 33.02 -5.13 -19.36
C PHE A 257 34.14 -4.14 -19.06
N ALA A 258 33.79 -2.86 -18.89
CA ALA A 258 34.78 -1.80 -18.71
C ALA A 258 35.03 -1.58 -17.23
N SER A 259 36.29 -1.74 -16.82
CA SER A 259 36.67 -1.67 -15.41
C SER A 259 36.91 -0.21 -14.98
N PHE A 260 36.61 0.05 -13.71
CA PHE A 260 36.86 1.36 -13.07
C PHE A 260 36.17 2.49 -13.84
N ILE A 261 34.89 2.28 -14.16
CA ILE A 261 34.11 3.32 -14.81
C ILE A 261 33.74 4.36 -13.77
N ARG A 262 34.35 5.54 -13.87
CA ARG A 262 34.18 6.65 -12.94
C ARG A 262 33.21 7.71 -13.45
N ASN A 263 33.41 8.23 -14.66
CA ASN A 263 32.60 9.33 -15.18
C ASN A 263 31.91 8.90 -16.47
N ALA A 264 31.09 9.79 -17.02
CA ALA A 264 30.38 9.50 -18.26
C ALA A 264 31.23 9.72 -19.50
N ALA A 265 32.30 10.53 -19.41
CA ALA A 265 33.19 10.69 -20.55
C ALA A 265 33.89 9.40 -20.91
N ALA A 266 34.05 8.52 -19.92
CA ALA A 266 34.65 7.20 -20.16
C ALA A 266 33.93 6.47 -21.28
N LEU A 267 32.60 6.43 -21.24
CA LEU A 267 31.87 5.66 -22.24
C LEU A 267 31.89 6.33 -23.61
N LYS A 268 31.93 7.65 -23.67
CA LYS A 268 32.15 8.31 -24.95
C LYS A 268 33.49 7.90 -25.54
N GLU A 269 34.54 7.86 -24.71
CA GLU A 269 35.84 7.42 -25.18
C GLU A 269 35.79 5.97 -25.65
N ILE A 270 35.08 5.11 -24.93
CA ILE A 270 35.02 3.69 -25.31
C ILE A 270 34.27 3.52 -26.63
N ARG A 271 33.15 4.23 -26.79
CA ARG A 271 32.41 4.14 -28.04
C ARG A 271 33.22 4.68 -29.21
N THR A 272 33.89 5.82 -29.02
CA THR A 272 34.68 6.39 -30.10
C THR A 272 35.89 5.51 -30.44
N ILE A 273 36.44 4.80 -29.46
CA ILE A 273 37.58 3.93 -29.74
C ILE A 273 37.12 2.64 -30.41
N LEU A 274 35.92 2.15 -30.08
CA LEU A 274 35.36 1.02 -30.80
C LEU A 274 35.00 1.41 -32.24
N GLY A 275 34.64 2.68 -32.44
CA GLY A 275 34.43 3.24 -33.75
C GLY A 275 33.20 2.70 -34.49
N GLU A 276 33.19 2.98 -35.80
CA GLU A 276 32.05 2.65 -36.65
C GLU A 276 31.79 1.15 -36.69
N LYS A 277 32.86 0.35 -36.73
CA LYS A 277 32.70 -1.09 -36.90
C LYS A 277 32.05 -1.74 -35.68
N GLY A 278 32.51 -1.38 -34.49
CA GLY A 278 32.01 -1.93 -33.24
C GLY A 278 30.78 -1.26 -32.66
N LYS A 279 30.16 -0.31 -33.37
CA LYS A 279 29.04 0.46 -32.83
C LYS A 279 27.94 -0.41 -32.22
N ASN A 280 27.69 -1.60 -32.80
CA ASN A 280 26.62 -2.44 -32.28
C ASN A 280 27.00 -3.12 -30.97
N ILE A 281 28.29 -3.27 -30.69
CA ILE A 281 28.73 -3.96 -29.49
C ILE A 281 28.35 -3.15 -28.26
N LYS A 282 27.77 -3.82 -27.27
CA LYS A 282 27.30 -3.15 -26.05
C LYS A 282 28.38 -3.14 -24.98
N ILE A 283 28.46 -2.04 -24.24
CA ILE A 283 29.45 -1.84 -23.19
C ILE A 283 28.77 -1.93 -21.83
N ILE A 284 29.33 -2.75 -20.95
CA ILE A 284 28.85 -2.89 -19.58
C ILE A 284 29.89 -2.28 -18.66
N SER A 285 29.47 -1.29 -17.88
CA SER A 285 30.38 -0.58 -16.99
C SER A 285 30.52 -1.33 -15.66
N LYS A 286 31.75 -1.38 -15.15
CA LYS A 286 32.05 -2.01 -13.86
C LYS A 286 32.24 -0.92 -12.81
N ILE A 287 31.45 -0.99 -11.74
CA ILE A 287 31.48 -0.02 -10.66
C ILE A 287 32.35 -0.63 -9.55
N GLU A 288 33.59 -0.18 -9.46
CA GLU A 288 34.54 -0.76 -8.52
C GLU A 288 35.00 0.18 -7.41
N ASN A 289 34.77 1.50 -7.53
CA ASN A 289 35.26 2.45 -6.53
C ASN A 289 34.15 3.44 -6.17
N GLN A 290 34.48 4.36 -5.25
CA GLN A 290 33.48 5.32 -4.77
C GLN A 290 33.09 6.33 -5.83
N GLN A 291 33.99 6.69 -6.75
CA GLN A 291 33.66 7.72 -7.73
C GLN A 291 32.59 7.22 -8.72
N GLY A 292 32.73 6.00 -9.20
CA GLY A 292 31.70 5.45 -10.07
C GLY A 292 30.38 5.26 -9.35
N MET A 293 30.44 4.88 -8.07
CA MET A 293 29.24 4.73 -7.27
C MET A 293 28.55 6.07 -7.03
N GLN A 294 29.34 7.14 -6.89
CA GLN A 294 28.80 8.45 -6.52
C GLN A 294 27.89 9.00 -7.61
N ASN A 295 28.34 8.96 -8.85
CA ASN A 295 27.52 9.40 -9.98
C ASN A 295 27.03 8.18 -10.75
N LEU A 296 26.45 7.21 -10.04
CA LEU A 296 26.02 5.97 -10.66
C LEU A 296 24.91 6.21 -11.69
N ASP A 297 24.00 7.14 -11.39
CA ASP A 297 22.86 7.37 -12.26
C ASP A 297 23.29 7.84 -13.64
N ALA A 298 24.28 8.74 -13.70
CA ALA A 298 24.80 9.20 -14.98
C ALA A 298 25.43 8.05 -15.76
N ILE A 299 26.14 7.16 -15.07
CA ILE A 299 26.74 6.01 -15.73
C ILE A 299 25.67 5.11 -16.31
N ILE A 300 24.63 4.80 -15.51
CA ILE A 300 23.57 3.92 -15.98
C ILE A 300 22.85 4.53 -17.16
N ALA A 301 22.68 5.85 -17.17
CA ALA A 301 22.09 6.51 -18.32
C ALA A 301 23.00 6.37 -19.55
N ALA A 302 24.30 6.56 -19.35
CA ALA A 302 25.24 6.45 -20.47
C ALA A 302 25.54 5.01 -20.84
N SER A 303 25.40 4.06 -19.90
CA SER A 303 25.79 2.68 -20.15
C SER A 303 24.66 1.87 -20.77
N ASP A 304 25.05 0.76 -21.38
CA ASP A 304 24.11 -0.29 -21.76
C ASP A 304 23.79 -1.22 -20.61
N GLY A 305 24.66 -1.28 -19.61
CA GLY A 305 24.45 -2.09 -18.42
C GLY A 305 25.57 -1.85 -17.43
N ILE A 306 25.39 -2.42 -16.23
CA ILE A 306 26.30 -2.21 -15.12
C ILE A 306 26.63 -3.56 -14.49
N MET A 307 27.89 -3.73 -14.09
CA MET A 307 28.31 -4.88 -13.31
C MET A 307 28.74 -4.41 -11.92
N VAL A 308 28.24 -5.06 -10.88
CA VAL A 308 28.69 -4.79 -9.51
C VAL A 308 29.85 -5.75 -9.22
N ALA A 309 31.07 -5.25 -9.42
CA ALA A 309 32.28 -6.04 -9.20
C ALA A 309 32.61 -5.98 -7.72
N ARG A 310 32.06 -6.94 -6.96
CA ARG A 310 32.20 -6.91 -5.51
C ARG A 310 33.63 -7.13 -5.05
N GLY A 311 34.49 -7.71 -5.89
CA GLY A 311 35.86 -7.94 -5.53
C GLY A 311 36.65 -6.68 -5.22
N ASP A 312 36.81 -5.82 -6.22
CA ASP A 312 37.54 -4.56 -6.01
C ASP A 312 36.74 -3.59 -5.16
N LEU A 313 35.41 -3.62 -5.28
CA LEU A 313 34.56 -2.72 -4.51
C LEU A 313 34.70 -3.00 -3.01
N GLY A 314 34.73 -4.28 -2.63
CA GLY A 314 34.88 -4.63 -1.24
C GLY A 314 36.18 -4.14 -0.63
N ILE A 315 37.21 -3.99 -1.46
CA ILE A 315 38.44 -3.38 -0.98
C ILE A 315 38.30 -1.87 -0.89
N GLU A 316 37.67 -1.26 -1.91
CA GLU A 316 37.51 0.19 -1.93
C GLU A 316 36.67 0.66 -0.75
N ILE A 317 35.35 0.44 -0.82
CA ILE A 317 34.44 0.79 0.27
C ILE A 317 34.56 -0.27 1.36
N PRO A 318 34.13 -0.01 2.59
CA PRO A 318 34.13 -1.05 3.62
C PRO A 318 33.35 -2.27 3.14
N ALA A 319 33.91 -3.45 3.42
CA ALA A 319 33.30 -4.69 2.93
C ALA A 319 31.88 -4.85 3.45
N GLU A 320 31.63 -4.48 4.70
CA GLU A 320 30.31 -4.65 5.31
C GLU A 320 29.22 -3.90 4.55
N LYS A 321 29.56 -2.88 3.78
CA LYS A 321 28.59 -2.10 3.02
C LYS A 321 28.31 -2.67 1.64
N VAL A 322 29.10 -3.65 1.16
CA VAL A 322 29.05 -4.01 -0.26
C VAL A 322 27.63 -4.39 -0.66
N PHE A 323 26.94 -5.18 0.16
CA PHE A 323 25.60 -5.63 -0.23
C PHE A 323 24.68 -4.43 -0.43
N LEU A 324 24.74 -3.44 0.47
CA LEU A 324 24.00 -2.21 0.28
C LEU A 324 24.17 -1.73 -1.15
N ALA A 325 25.43 -1.54 -1.55
CA ALA A 325 25.74 -1.06 -2.89
C ALA A 325 25.03 -1.89 -3.95
N GLN A 326 25.21 -3.22 -3.92
CA GLN A 326 24.61 -4.02 -4.96
C GLN A 326 23.10 -3.89 -4.93
N LYS A 327 22.51 -3.94 -3.73
CA LYS A 327 21.06 -3.86 -3.64
C LYS A 327 20.58 -2.48 -4.06
N SER A 328 21.41 -1.45 -3.87
CA SER A 328 21.11 -0.18 -4.50
C SER A 328 21.29 -0.27 -6.00
N MET A 329 22.47 -0.70 -6.42
CA MET A 329 22.85 -0.65 -7.83
C MET A 329 21.85 -1.41 -8.68
N ILE A 330 21.66 -2.70 -8.36
CA ILE A 330 20.69 -3.53 -9.07
C ILE A 330 19.36 -2.81 -9.16
N ALA A 331 18.87 -2.29 -8.01
CA ALA A 331 17.58 -1.64 -7.98
C ALA A 331 17.53 -0.51 -9.00
N ARG A 332 18.52 0.38 -8.96
CA ARG A 332 18.52 1.50 -9.89
C ARG A 332 18.56 1.00 -11.33
N CYS A 333 19.35 -0.06 -11.58
CA CYS A 333 19.39 -0.63 -12.92
C CYS A 333 18.00 -1.10 -13.35
N ASN A 334 17.29 -1.77 -12.46
CA ASN A 334 15.94 -2.23 -12.80
C ASN A 334 15.04 -1.05 -13.13
N ARG A 335 15.26 0.09 -12.49
CA ARG A 335 14.50 1.29 -12.83
C ARG A 335 14.86 1.79 -14.22
N ALA A 336 16.16 1.79 -14.55
CA ALA A 336 16.61 2.34 -15.83
C ALA A 336 16.32 1.43 -17.01
N GLY A 337 16.19 0.12 -16.77
CA GLY A 337 16.07 -0.83 -17.86
C GLY A 337 17.38 -1.35 -18.39
N LYS A 338 18.46 -1.27 -17.62
CA LYS A 338 19.76 -1.76 -18.04
C LYS A 338 20.14 -3.00 -17.24
N PRO A 339 20.82 -3.97 -17.88
CA PRO A 339 21.21 -5.18 -17.17
C PRO A 339 22.18 -4.90 -16.04
N VAL A 340 22.09 -5.71 -15.00
CA VAL A 340 23.00 -5.64 -13.85
C VAL A 340 23.46 -7.06 -13.55
N ILE A 341 24.75 -7.20 -13.22
CA ILE A 341 25.37 -8.50 -13.03
C ILE A 341 25.99 -8.55 -11.64
N CYS A 342 25.67 -9.60 -10.89
CA CYS A 342 26.32 -9.87 -9.62
C CYS A 342 27.46 -10.84 -9.87
N ALA A 343 28.66 -10.47 -9.42
CA ALA A 343 29.88 -11.15 -9.84
C ALA A 343 30.81 -11.35 -8.65
N THR A 344 31.88 -12.11 -8.90
CA THR A 344 33.01 -12.31 -7.99
C THR A 344 32.62 -13.08 -6.72
N GLN A 345 33.26 -14.22 -6.52
CA GLN A 345 33.24 -14.96 -5.26
C GLN A 345 31.85 -15.47 -4.89
N MET A 346 31.02 -15.76 -5.90
CA MET A 346 29.69 -16.28 -5.60
C MET A 346 29.76 -17.73 -5.12
N LEU A 347 30.55 -18.56 -5.79
CA LEU A 347 30.65 -19.99 -5.47
C LEU A 347 32.09 -20.43 -5.20
N GLU A 348 32.89 -19.53 -4.60
CA GLU A 348 34.34 -19.77 -4.45
C GLU A 348 34.69 -21.15 -3.95
N SER A 349 34.00 -21.63 -2.90
CA SER A 349 34.40 -22.89 -2.27
C SER A 349 34.34 -24.06 -3.24
N MET A 350 33.47 -23.98 -4.26
CA MET A 350 33.36 -25.07 -5.23
C MET A 350 34.60 -25.22 -6.11
N ILE A 351 35.53 -24.27 -6.07
CA ILE A 351 36.79 -24.43 -6.80
C ILE A 351 37.53 -25.67 -6.32
N LYS A 352 37.62 -25.86 -5.01
CA LYS A 352 38.34 -26.99 -4.44
C LYS A 352 37.43 -28.18 -4.13
N LYS A 353 36.18 -27.92 -3.77
CA LYS A 353 35.26 -28.94 -3.26
C LYS A 353 34.06 -29.10 -4.18
N PRO A 354 33.51 -30.31 -4.30
CA PRO A 354 32.41 -30.52 -5.26
C PRO A 354 31.10 -29.86 -4.88
N ARG A 355 30.87 -29.58 -3.59
CA ARG A 355 29.59 -29.02 -3.19
C ARG A 355 29.79 -27.62 -2.61
N PRO A 356 28.86 -26.71 -2.84
CA PRO A 356 29.00 -25.35 -2.31
C PRO A 356 28.57 -25.27 -0.85
N THR A 357 28.83 -24.12 -0.25
CA THR A 357 28.40 -23.85 1.11
C THR A 357 27.00 -23.24 1.10
N ARG A 358 26.37 -23.24 2.28
CA ARG A 358 25.04 -22.64 2.39
C ARG A 358 25.10 -21.14 2.13
N ALA A 359 26.19 -20.49 2.54
CA ALA A 359 26.31 -19.05 2.36
C ALA A 359 26.37 -18.68 0.89
N GLU A 360 27.02 -19.51 0.07
CA GLU A 360 27.14 -19.21 -1.35
C GLU A 360 25.82 -19.37 -2.09
N ILE A 361 25.08 -20.45 -1.77
CA ILE A 361 23.75 -20.62 -2.34
C ILE A 361 22.85 -19.46 -1.93
N SER A 362 22.93 -19.05 -0.65
CA SER A 362 22.13 -17.92 -0.20
C SER A 362 22.53 -16.65 -0.93
N ASP A 363 23.83 -16.45 -1.17
CA ASP A 363 24.29 -15.26 -1.86
C ASP A 363 23.76 -15.19 -3.29
N VAL A 364 23.87 -16.30 -4.03
CA VAL A 364 23.38 -16.29 -5.40
C VAL A 364 21.85 -16.13 -5.43
N ALA A 365 21.15 -16.80 -4.51
CA ALA A 365 19.69 -16.68 -4.47
C ALA A 365 19.27 -15.25 -4.16
N ASN A 366 19.95 -14.60 -3.22
CA ASN A 366 19.62 -13.22 -2.89
C ASN A 366 20.01 -12.29 -4.03
N ALA A 367 21.07 -12.61 -4.77
CA ALA A 367 21.46 -11.80 -5.90
C ALA A 367 20.37 -11.81 -6.97
N ILE A 368 19.84 -12.99 -7.30
CA ILE A 368 18.81 -13.03 -8.33
C ILE A 368 17.49 -12.46 -7.80
N ILE A 369 17.18 -12.69 -6.52
CA ILE A 369 15.95 -12.13 -5.97
C ILE A 369 16.00 -10.60 -5.92
N ASP A 370 17.21 -10.03 -5.78
CA ASP A 370 17.34 -8.57 -5.79
C ASP A 370 16.89 -7.98 -7.12
N GLY A 371 17.00 -8.75 -8.20
CA GLY A 371 16.58 -8.27 -9.51
C GLY A 371 17.72 -8.31 -10.50
N ALA A 372 18.79 -9.02 -10.14
CA ALA A 372 19.96 -9.10 -10.99
C ALA A 372 19.65 -9.87 -12.26
N ASP A 373 20.00 -9.28 -13.41
CA ASP A 373 19.75 -9.94 -14.69
C ASP A 373 20.64 -11.16 -14.88
N CYS A 374 21.91 -11.06 -14.52
CA CYS A 374 22.84 -12.15 -14.74
C CYS A 374 23.71 -12.38 -13.51
N VAL A 375 24.22 -13.60 -13.40
CA VAL A 375 25.14 -14.03 -12.36
C VAL A 375 26.44 -14.47 -13.02
N MET A 376 27.53 -14.44 -12.26
CA MET A 376 28.86 -14.66 -12.83
C MET A 376 29.67 -15.63 -11.98
N LEU A 377 30.50 -16.40 -12.67
CA LEU A 377 31.50 -17.29 -12.08
C LEU A 377 32.88 -16.84 -12.54
N SER A 378 33.82 -16.73 -11.59
CA SER A 378 35.17 -16.27 -11.89
C SER A 378 36.12 -17.47 -11.78
N GLY A 379 36.76 -17.68 -10.63
CA GLY A 379 37.65 -18.82 -10.47
C GLY A 379 36.94 -20.15 -10.52
N GLU A 380 35.62 -20.18 -10.32
CA GLU A 380 34.89 -21.44 -10.32
C GLU A 380 35.00 -22.16 -11.65
N THR A 381 34.83 -21.44 -12.75
CA THR A 381 34.90 -22.02 -14.09
C THR A 381 36.30 -21.93 -14.70
N ALA A 382 37.01 -20.82 -14.43
CA ALA A 382 38.33 -20.64 -15.03
C ALA A 382 39.35 -21.58 -14.40
N LYS A 383 39.59 -21.43 -13.10
CA LYS A 383 40.58 -22.22 -12.40
C LYS A 383 40.01 -23.43 -11.67
N GLY A 384 38.72 -23.41 -11.32
CA GLY A 384 38.19 -24.41 -10.42
C GLY A 384 38.23 -25.81 -10.99
N GLU A 385 38.21 -26.78 -10.07
CA GLU A 385 38.25 -28.18 -10.43
C GLU A 385 36.88 -28.74 -10.79
N TYR A 386 35.81 -28.13 -10.30
CA TYR A 386 34.44 -28.62 -10.48
C TYR A 386 33.57 -27.60 -11.21
N PRO A 387 33.90 -27.26 -12.46
CA PRO A 387 33.09 -26.24 -13.16
C PRO A 387 31.65 -26.67 -13.44
N LEU A 388 31.45 -27.90 -13.91
CA LEU A 388 30.11 -28.35 -14.25
C LEU A 388 29.18 -28.29 -13.05
N GLU A 389 29.65 -28.73 -11.88
CA GLU A 389 28.82 -28.66 -10.69
C GLU A 389 28.47 -27.22 -10.35
N CYS A 390 29.41 -26.30 -10.56
CA CYS A 390 29.14 -24.88 -10.30
C CYS A 390 28.01 -24.38 -11.18
N VAL A 391 28.12 -24.61 -12.49
CA VAL A 391 27.10 -24.11 -13.41
C VAL A 391 25.75 -24.77 -13.12
N LEU A 392 25.76 -26.06 -12.81
CA LEU A 392 24.52 -26.79 -12.55
C LEU A 392 23.82 -26.24 -11.32
N THR A 393 24.54 -26.17 -10.19
CA THR A 393 23.92 -25.67 -8.97
C THR A 393 23.50 -24.22 -9.12
N MET A 394 24.24 -23.42 -9.90
CA MET A 394 23.85 -22.04 -10.13
C MET A 394 22.52 -21.98 -10.88
N ALA A 395 22.38 -22.76 -11.95
CA ALA A 395 21.13 -22.77 -12.70
C ALA A 395 19.96 -23.20 -11.84
N LYS A 396 20.14 -24.26 -11.04
CA LYS A 396 19.04 -24.75 -10.21
C LYS A 396 18.62 -23.73 -9.16
N THR A 397 19.59 -23.18 -8.41
CA THR A 397 19.24 -22.19 -7.40
C THR A 397 18.64 -20.94 -8.02
N CYS A 398 19.09 -20.57 -9.23
CA CYS A 398 18.47 -19.47 -9.94
C CYS A 398 17.01 -19.77 -10.25
N LYS A 399 16.71 -21.00 -10.69
CA LYS A 399 15.32 -21.36 -10.93
C LYS A 399 14.49 -21.18 -9.67
N GLU A 400 15.00 -21.65 -8.54
CA GLU A 400 14.22 -21.59 -7.31
C GLU A 400 13.97 -20.15 -6.88
N ALA A 401 15.03 -19.35 -6.76
CA ALA A 401 14.86 -17.97 -6.34
C ALA A 401 14.06 -17.16 -7.35
N GLU A 402 14.15 -17.53 -8.63
CA GLU A 402 13.35 -16.92 -9.67
C GLU A 402 11.87 -17.16 -9.44
N ALA A 403 11.50 -18.39 -9.06
CA ALA A 403 10.12 -18.67 -8.74
C ALA A 403 9.67 -17.94 -7.48
N ALA A 404 10.59 -17.73 -6.54
CA ALA A 404 10.23 -17.11 -5.26
C ALA A 404 9.75 -15.68 -5.38
N LEU A 405 9.94 -15.02 -6.52
CA LEU A 405 9.67 -13.58 -6.63
C LEU A 405 8.20 -13.25 -6.39
N TRP A 406 7.96 -12.01 -5.96
CA TRP A 406 6.61 -11.47 -5.73
C TRP A 406 6.25 -10.62 -6.94
N HIS A 407 5.67 -11.26 -7.95
CA HIS A 407 5.51 -10.61 -9.25
C HIS A 407 4.55 -9.43 -9.21
N ARG A 408 3.43 -9.52 -8.49
CA ARG A 408 2.43 -8.46 -8.59
C ARG A 408 2.95 -7.15 -8.01
N ASN A 409 3.53 -7.20 -6.80
CA ASN A 409 4.01 -5.97 -6.17
C ASN A 409 5.21 -5.40 -6.91
N LEU A 410 6.14 -6.27 -7.31
CA LEU A 410 7.31 -5.81 -8.06
C LEU A 410 6.90 -5.17 -9.37
N PHE A 411 5.96 -5.80 -10.09
CA PHE A 411 5.46 -5.23 -11.33
C PHE A 411 4.83 -3.86 -11.09
N ASN A 412 3.99 -3.75 -10.04
CA ASN A 412 3.36 -2.47 -9.74
C ASN A 412 4.40 -1.40 -9.45
N ASP A 413 5.45 -1.76 -8.71
CA ASP A 413 6.50 -0.80 -8.40
C ASP A 413 7.24 -0.36 -9.66
N LEU A 414 7.59 -1.30 -10.53
CA LEU A 414 8.28 -0.94 -11.77
C LEU A 414 7.39 -0.11 -12.70
N VAL A 415 6.07 -0.25 -12.61
CA VAL A 415 5.19 0.53 -13.48
C VAL A 415 5.25 2.02 -13.15
N ASN A 416 5.17 2.38 -11.88
CA ASN A 416 5.12 3.77 -11.44
C ASN A 416 6.50 4.39 -11.15
N THR A 417 7.59 3.62 -11.22
CA THR A 417 8.88 4.13 -10.77
C THR A 417 9.41 5.30 -11.63
N THR A 418 9.07 5.34 -12.91
CA THR A 418 9.61 6.38 -13.79
C THR A 418 8.65 6.82 -14.91
N PRO A 419 7.82 5.94 -15.47
CA PRO A 419 7.06 6.34 -16.67
C PRO A 419 6.15 7.54 -16.43
N THR A 420 6.01 8.34 -17.47
CA THR A 420 5.37 9.65 -17.50
C THR A 420 4.19 9.52 -18.49
N PRO A 421 3.99 10.40 -19.48
CA PRO A 421 3.13 9.99 -20.61
C PRO A 421 3.67 8.79 -21.37
N LEU A 422 4.92 8.40 -21.13
CA LEU A 422 5.61 7.28 -21.76
C LEU A 422 5.83 7.49 -23.26
N ASP A 423 6.91 6.91 -23.79
CA ASP A 423 7.22 7.04 -25.21
C ASP A 423 6.07 6.59 -26.09
N THR A 424 5.60 5.35 -25.90
CA THR A 424 4.57 4.59 -26.62
C THR A 424 5.15 3.20 -26.89
N ALA A 425 6.46 3.13 -27.05
CA ALA A 425 7.12 1.83 -27.23
C ALA A 425 7.07 1.02 -25.94
N SER A 426 7.38 1.68 -24.82
CA SER A 426 7.34 1.02 -23.51
C SER A 426 5.91 0.66 -23.12
N SER A 427 4.92 1.42 -23.61
CA SER A 427 3.53 1.09 -23.32
C SER A 427 3.16 -0.29 -23.84
N ILE A 428 3.61 -0.63 -25.05
CA ILE A 428 3.35 -1.95 -25.60
C ILE A 428 3.96 -3.03 -24.72
N ALA A 429 5.20 -2.81 -24.27
CA ALA A 429 5.88 -3.80 -23.45
C ALA A 429 5.17 -3.99 -22.12
N ILE A 430 4.82 -2.90 -21.45
CA ILE A 430 4.18 -3.01 -20.15
C ILE A 430 2.80 -3.65 -20.27
N ALA A 431 2.05 -3.30 -21.32
CA ALA A 431 0.74 -3.92 -21.50
C ALA A 431 0.86 -5.41 -21.79
N ALA A 432 1.86 -5.79 -22.60
CA ALA A 432 2.06 -7.21 -22.88
C ALA A 432 2.48 -7.96 -21.63
N SER A 433 3.33 -7.35 -20.78
CA SER A 433 3.72 -7.99 -19.53
C SER A 433 2.53 -8.17 -18.61
N GLU A 434 1.67 -7.15 -18.52
CA GLU A 434 0.47 -7.27 -17.69
C GLU A 434 -0.46 -8.35 -18.21
N ALA A 435 -0.62 -8.42 -19.54
CA ALA A 435 -1.47 -9.45 -20.12
C ALA A 435 -0.92 -10.85 -19.87
N ALA A 436 0.40 -11.01 -20.02
CA ALA A 436 1.01 -12.31 -19.76
C ALA A 436 0.85 -12.71 -18.29
N ALA A 437 0.97 -11.74 -17.38
CA ALA A 437 0.81 -12.04 -15.97
C ALA A 437 -0.64 -12.44 -15.65
N LYS A 438 -1.61 -11.70 -16.19
CA LYS A 438 -3.01 -11.95 -15.84
C LYS A 438 -3.51 -13.25 -16.44
N SER A 439 -3.18 -13.54 -17.70
CA SER A 439 -3.65 -14.75 -18.35
C SER A 439 -2.82 -15.98 -17.97
N ARG A 440 -1.79 -15.81 -17.15
CA ARG A 440 -0.87 -16.89 -16.77
C ARG A 440 -0.33 -17.57 -18.03
N ALA A 441 0.21 -16.76 -18.93
CA ALA A 441 0.71 -17.24 -20.21
C ALA A 441 1.95 -18.11 -20.01
N ALA A 442 2.09 -19.10 -20.89
CA ALA A 442 3.26 -19.98 -20.82
C ALA A 442 4.53 -19.27 -21.28
N ALA A 443 4.41 -18.33 -22.22
CA ALA A 443 5.56 -17.58 -22.72
C ALA A 443 5.04 -16.38 -23.50
N VAL A 444 5.95 -15.47 -23.83
CA VAL A 444 5.66 -14.34 -24.71
C VAL A 444 6.64 -14.39 -25.89
N ILE A 445 6.10 -14.34 -27.10
CA ILE A 445 6.91 -14.36 -28.32
C ILE A 445 7.05 -12.93 -28.81
N VAL A 446 8.30 -12.50 -28.97
CA VAL A 446 8.63 -11.13 -29.37
C VAL A 446 9.43 -11.18 -30.65
N ILE A 447 8.99 -10.44 -31.66
CA ILE A 447 9.74 -10.29 -32.91
C ILE A 447 10.37 -8.91 -32.91
N THR A 448 11.69 -8.87 -33.02
CA THR A 448 12.44 -7.63 -32.87
C THR A 448 13.67 -7.68 -33.76
N THR A 449 14.05 -6.51 -34.30
CA THR A 449 15.28 -6.39 -35.07
C THR A 449 16.44 -5.93 -34.19
N SER A 450 16.25 -4.83 -33.45
CA SER A 450 17.30 -4.33 -32.58
C SER A 450 17.34 -5.07 -31.24
N GLY A 451 16.20 -5.55 -30.76
CA GLY A 451 16.12 -6.22 -29.47
C GLY A 451 15.45 -5.37 -28.40
N ARG A 452 15.13 -4.11 -28.69
CA ARG A 452 14.67 -3.19 -27.65
C ARG A 452 13.36 -3.65 -27.03
N SER A 453 12.40 -4.10 -27.85
CA SER A 453 11.10 -4.50 -27.31
C SER A 453 11.24 -5.61 -26.28
N ALA A 454 12.07 -6.60 -26.56
CA ALA A 454 12.35 -7.64 -25.59
C ALA A 454 13.05 -7.07 -24.36
N HIS A 455 13.89 -6.05 -24.55
CA HIS A 455 14.54 -5.43 -23.40
C HIS A 455 13.54 -4.75 -22.47
N LEU A 456 12.57 -4.02 -23.04
CA LEU A 456 11.55 -3.39 -22.20
C LEU A 456 10.69 -4.44 -21.50
N ILE A 457 10.32 -5.50 -22.22
CA ILE A 457 9.50 -6.53 -21.58
C ILE A 457 10.27 -7.20 -20.45
N SER A 458 11.56 -7.46 -20.64
CA SER A 458 12.38 -7.98 -19.56
C SER A 458 12.49 -6.98 -18.42
N LYS A 459 12.51 -5.69 -18.74
CA LYS A 459 12.52 -4.67 -17.71
C LYS A 459 11.32 -4.84 -16.80
N TYR A 460 10.17 -5.15 -17.37
CA TYR A 460 8.97 -5.24 -16.54
C TYR A 460 8.82 -6.57 -15.81
N ARG A 461 9.74 -7.51 -15.99
CA ARG A 461 9.85 -8.73 -15.18
C ARG A 461 8.63 -9.64 -15.23
N PRO A 462 8.33 -10.26 -16.38
CA PRO A 462 7.33 -11.31 -16.41
C PRO A 462 7.91 -12.64 -15.94
N ARG A 463 7.03 -13.51 -15.42
CA ARG A 463 7.49 -14.83 -14.98
C ARG A 463 7.79 -15.74 -16.17
N CYS A 464 6.96 -15.68 -17.21
CA CYS A 464 7.12 -16.57 -18.35
C CYS A 464 8.33 -16.16 -19.21
N PRO A 465 8.90 -17.11 -19.94
CA PRO A 465 10.03 -16.76 -20.82
C PRO A 465 9.63 -15.82 -21.94
N ILE A 466 10.62 -15.09 -22.44
CA ILE A 466 10.43 -14.12 -23.50
C ILE A 466 11.18 -14.64 -24.74
N ILE A 467 10.46 -15.27 -25.65
CA ILE A 467 11.06 -15.89 -26.83
C ILE A 467 11.21 -14.79 -27.89
N ALA A 468 12.43 -14.30 -28.06
CA ALA A 468 12.68 -13.19 -28.99
C ALA A 468 13.25 -13.73 -30.29
N VAL A 469 12.50 -13.56 -31.39
CA VAL A 469 12.88 -14.09 -32.70
C VAL A 469 13.54 -12.98 -33.52
N THR A 470 14.74 -13.25 -34.02
CA THR A 470 15.50 -12.23 -34.72
C THR A 470 16.33 -12.86 -35.84
N ARG A 471 16.49 -12.12 -36.94
CA ARG A 471 17.38 -12.53 -38.01
C ARG A 471 18.85 -12.29 -37.65
N PHE A 472 19.13 -11.29 -36.82
CA PHE A 472 20.48 -10.86 -36.54
C PHE A 472 21.09 -11.72 -35.43
N ALA A 473 22.23 -12.34 -35.74
CA ALA A 473 22.88 -13.24 -34.78
C ALA A 473 23.41 -12.48 -33.58
N GLN A 474 24.05 -11.32 -33.81
CA GLN A 474 24.72 -10.62 -32.72
C GLN A 474 23.71 -10.09 -31.71
N THR A 475 22.56 -9.59 -32.19
CA THR A 475 21.53 -9.13 -31.27
C THR A 475 20.99 -10.28 -30.43
N ALA A 476 20.72 -11.43 -31.07
CA ALA A 476 20.26 -12.59 -30.31
C ALA A 476 21.28 -13.03 -29.27
N ARG A 477 22.57 -13.03 -29.63
CA ARG A 477 23.59 -13.42 -28.66
C ARG A 477 23.64 -12.45 -27.48
N GLN A 478 23.72 -11.14 -27.77
CA GLN A 478 23.80 -10.18 -26.67
C GLN A 478 22.49 -10.03 -25.91
N CYS A 479 21.39 -10.59 -26.42
CA CYS A 479 20.14 -10.59 -25.67
C CYS A 479 20.24 -11.33 -24.34
N HIS A 480 21.21 -12.26 -24.21
CA HIS A 480 21.35 -13.03 -22.97
C HIS A 480 21.68 -12.16 -21.77
N LEU A 481 22.12 -10.92 -21.99
CA LEU A 481 22.41 -10.03 -20.87
C LEU A 481 21.16 -9.64 -20.10
N TYR A 482 19.98 -9.84 -20.67
CA TYR A 482 18.72 -9.43 -20.06
C TYR A 482 17.98 -10.65 -19.51
N ARG A 483 17.35 -10.48 -18.35
CA ARG A 483 16.63 -11.58 -17.72
C ARG A 483 15.41 -11.98 -18.53
N GLY A 484 15.25 -13.28 -18.74
CA GLY A 484 14.03 -13.82 -19.32
C GLY A 484 14.01 -13.91 -20.83
N ILE A 485 15.00 -13.36 -21.52
CA ILE A 485 15.02 -13.39 -22.97
C ILE A 485 15.67 -14.69 -23.41
N LEU A 486 14.89 -15.56 -24.05
CA LEU A 486 15.42 -16.69 -24.80
C LEU A 486 15.52 -16.25 -26.24
N PRO A 487 16.72 -16.04 -26.77
CA PRO A 487 16.85 -15.64 -28.16
C PRO A 487 16.68 -16.83 -29.09
N VAL A 488 16.00 -16.57 -30.21
CA VAL A 488 15.81 -17.54 -31.27
C VAL A 488 16.24 -16.82 -32.53
N ILE A 489 17.18 -17.40 -33.27
CA ILE A 489 17.72 -16.77 -34.45
C ILE A 489 17.04 -17.39 -35.67
N TYR A 490 16.46 -16.55 -36.51
CA TYR A 490 15.72 -16.98 -37.69
C TYR A 490 16.51 -16.59 -38.93
N GLU A 491 17.19 -17.57 -39.53
CA GLU A 491 17.97 -17.34 -40.74
C GLU A 491 17.17 -17.62 -42.00
N GLN A 492 16.11 -18.43 -41.90
CA GLN A 492 15.29 -18.79 -43.05
C GLN A 492 14.84 -17.55 -43.80
N GLN A 493 14.90 -17.62 -45.13
CA GLN A 493 14.60 -16.49 -46.01
C GLN A 493 13.33 -15.75 -45.60
N ALA A 494 13.14 -14.54 -46.14
CA ALA A 494 11.94 -13.76 -45.90
C ALA A 494 10.99 -13.91 -47.08
N LEU A 495 9.71 -13.82 -46.78
CA LEU A 495 8.67 -13.84 -47.79
C LEU A 495 8.51 -12.43 -48.36
N GLU A 496 7.98 -12.36 -49.59
CA GLU A 496 7.86 -11.07 -50.26
C GLU A 496 6.99 -10.14 -49.44
N ASP A 497 5.85 -10.64 -48.96
CA ASP A 497 4.98 -9.86 -48.08
C ASP A 497 5.45 -10.04 -46.64
N TRP A 498 5.50 -8.93 -45.92
CA TRP A 498 5.90 -8.96 -44.52
C TRP A 498 4.84 -9.63 -43.65
N LEU A 499 3.57 -9.55 -44.08
CA LEU A 499 2.44 -10.01 -43.28
C LEU A 499 2.54 -11.51 -42.95
N LYS A 500 2.80 -12.33 -43.96
CA LYS A 500 2.87 -13.77 -43.70
C LYS A 500 4.21 -14.17 -43.12
N ASP A 501 5.27 -13.41 -43.43
CA ASP A 501 6.58 -13.75 -42.92
C ASP A 501 6.65 -13.60 -41.40
N VAL A 502 6.04 -12.54 -40.86
CA VAL A 502 6.06 -12.39 -39.41
C VAL A 502 5.30 -13.52 -38.74
N ASP A 503 4.19 -13.96 -39.35
CA ASP A 503 3.43 -15.08 -38.79
C ASP A 503 4.24 -16.37 -38.84
N ALA A 504 5.00 -16.58 -39.93
CA ALA A 504 5.86 -17.75 -40.00
C ALA A 504 6.92 -17.72 -38.90
N ARG A 505 7.47 -16.54 -38.63
CA ARG A 505 8.47 -16.42 -37.57
C ARG A 505 7.85 -16.70 -36.20
N VAL A 506 6.63 -16.22 -35.96
CA VAL A 506 5.97 -16.48 -34.68
C VAL A 506 5.65 -17.97 -34.52
N GLN A 507 5.22 -18.62 -35.60
CA GLN A 507 4.95 -20.06 -35.52
C GLN A 507 6.24 -20.85 -35.30
N TYR A 508 7.36 -20.36 -35.84
CA TYR A 508 8.66 -20.97 -35.54
C TYR A 508 8.99 -20.81 -34.07
N GLY A 509 8.67 -19.66 -33.49
CA GLY A 509 8.81 -19.50 -32.05
C GLY A 509 7.95 -20.48 -31.27
N MET A 510 6.73 -20.72 -31.76
CA MET A 510 5.84 -21.71 -31.15
C MET A 510 6.49 -23.10 -31.14
N ASP A 511 7.05 -23.50 -32.29
CA ASP A 511 7.71 -24.79 -32.37
C ASP A 511 8.89 -24.87 -31.41
N PHE A 512 9.66 -23.78 -31.31
CA PHE A 512 10.75 -23.73 -30.33
C PHE A 512 10.21 -23.93 -28.91
N GLY A 513 9.12 -23.25 -28.58
CA GLY A 513 8.56 -23.37 -27.25
C GLY A 513 8.14 -24.79 -26.92
N LYS A 514 7.52 -25.48 -27.88
CA LYS A 514 7.12 -26.87 -27.61
C LYS A 514 8.34 -27.79 -27.52
N GLU A 515 9.34 -27.58 -28.38
CA GLU A 515 10.52 -28.44 -28.35
C GLU A 515 11.26 -28.31 -27.03
N ARG A 516 11.48 -27.08 -26.57
CA ARG A 516 12.18 -26.90 -25.29
C ARG A 516 11.33 -27.35 -24.11
N GLY A 517 10.01 -27.38 -24.26
CA GLY A 517 9.12 -27.75 -23.19
C GLY A 517 8.50 -26.59 -22.45
N PHE A 518 8.55 -25.39 -23.01
CA PHE A 518 7.95 -24.23 -22.36
C PHE A 518 6.43 -24.36 -22.30
N LEU A 519 5.82 -24.83 -23.39
CA LEU A 519 4.38 -24.82 -23.52
C LEU A 519 3.92 -26.10 -24.23
N LYS A 520 2.62 -26.33 -24.17
CA LYS A 520 1.96 -27.47 -24.77
C LYS A 520 0.66 -26.98 -25.39
N PRO A 521 -0.05 -27.79 -26.19
CA PRO A 521 -1.30 -27.32 -26.78
C PRO A 521 -2.30 -26.89 -25.72
N GLY A 522 -3.00 -25.79 -26.00
CA GLY A 522 -3.99 -25.23 -25.10
C GLY A 522 -3.50 -24.11 -24.22
N ASN A 523 -2.17 -23.85 -24.17
CA ASN A 523 -1.69 -22.74 -23.34
C ASN A 523 -1.73 -21.42 -24.10
N PRO A 524 -1.99 -20.32 -23.41
CA PRO A 524 -1.96 -19.00 -24.05
C PRO A 524 -0.59 -18.36 -24.00
N VAL A 525 -0.30 -17.56 -25.04
CA VAL A 525 0.94 -16.81 -25.16
C VAL A 525 0.63 -15.42 -25.71
N VAL A 526 1.57 -14.50 -25.49
CA VAL A 526 1.46 -13.13 -25.97
C VAL A 526 2.38 -12.97 -27.17
N VAL A 527 1.87 -12.33 -28.22
CA VAL A 527 2.60 -12.06 -29.45
C VAL A 527 2.63 -10.56 -29.67
N VAL A 528 3.82 -10.01 -29.88
CA VAL A 528 3.99 -8.59 -30.13
C VAL A 528 4.68 -8.40 -31.48
N THR A 529 4.05 -7.64 -32.37
CA THR A 529 4.61 -7.39 -33.69
C THR A 529 4.56 -5.87 -33.92
N GLY A 530 4.47 -5.48 -35.18
CA GLY A 530 4.37 -4.07 -35.53
C GLY A 530 3.86 -3.86 -36.93
N TRP A 531 4.06 -2.65 -37.45
CA TRP A 531 3.80 -2.33 -38.84
C TRP A 531 5.08 -1.84 -39.50
N LYS A 532 5.23 -2.16 -40.79
CA LYS A 532 6.38 -1.76 -41.60
C LYS A 532 7.67 -2.44 -41.17
N GLN A 533 8.54 -2.74 -42.14
CA GLN A 533 9.82 -3.39 -41.86
C GLN A 533 10.88 -2.30 -41.72
N GLY A 534 11.00 -1.77 -40.50
CA GLY A 534 11.95 -0.70 -40.25
C GLY A 534 12.62 -0.75 -38.90
N SER A 535 12.43 0.29 -38.09
CA SER A 535 13.06 0.41 -36.80
C SER A 535 12.08 -0.03 -35.70
N GLY A 536 12.28 0.47 -34.48
CA GLY A 536 11.42 0.14 -33.36
C GLY A 536 9.98 0.54 -33.56
N PHE A 537 9.16 -0.39 -34.06
CA PHE A 537 7.74 -0.14 -34.31
C PHE A 537 6.85 -1.19 -33.66
N THR A 538 7.34 -1.91 -32.64
CA THR A 538 6.55 -2.93 -31.98
C THR A 538 5.37 -2.31 -31.25
N ASN A 539 4.21 -2.26 -31.92
CA ASN A 539 3.02 -1.64 -31.37
C ASN A 539 1.73 -2.45 -31.62
N THR A 540 1.86 -3.77 -31.63
CA THR A 540 0.73 -4.68 -31.65
C THR A 540 0.90 -5.69 -30.51
N ILE A 541 -0.21 -6.06 -29.87
CA ILE A 541 -0.23 -7.07 -28.81
C ILE A 541 -1.39 -8.03 -29.06
N ARG A 542 -1.12 -9.33 -28.91
CA ARG A 542 -2.14 -10.34 -29.16
C ARG A 542 -2.01 -11.46 -28.14
N ILE A 543 -3.14 -12.00 -27.70
CA ILE A 543 -3.17 -13.21 -26.88
C ILE A 543 -3.68 -14.35 -27.75
N VAL A 544 -2.88 -15.40 -27.89
CA VAL A 544 -3.23 -16.52 -28.75
C VAL A 544 -2.99 -17.81 -27.98
N ASN A 545 -3.93 -18.75 -28.11
CA ASN A 545 -3.78 -20.06 -27.47
C ASN A 545 -3.09 -21.05 -28.40
N SER B 39 -9.77 -4.80 6.03
CA SER B 39 -9.81 -4.76 4.57
C SER B 39 -8.43 -4.43 3.99
N VAL B 40 -8.13 -5.00 2.83
CA VAL B 40 -6.86 -4.74 2.17
C VAL B 40 -6.89 -3.44 1.38
N SER B 41 -7.96 -3.21 0.61
CA SER B 41 -8.04 -2.09 -0.31
C SER B 41 -9.28 -1.26 -0.04
N HIS B 42 -9.30 -0.06 -0.63
CA HIS B 42 -10.43 0.85 -0.45
C HIS B 42 -11.70 0.32 -1.09
N LEU B 43 -11.59 -0.23 -2.30
CA LEU B 43 -12.77 -0.80 -2.96
C LEU B 43 -13.32 -1.97 -2.15
N GLU B 44 -12.44 -2.88 -1.72
CA GLU B 44 -12.88 -3.99 -0.89
C GLU B 44 -13.43 -3.51 0.44
N HIS B 45 -12.91 -2.38 0.96
CA HIS B 45 -13.48 -1.81 2.18
C HIS B 45 -14.92 -1.36 1.94
N MET B 46 -15.15 -0.60 0.87
CA MET B 46 -16.51 -0.15 0.57
C MET B 46 -17.45 -1.34 0.37
N CYS B 47 -16.96 -2.41 -0.24
CA CYS B 47 -17.79 -3.62 -0.39
C CYS B 47 -18.15 -4.21 0.97
N SER B 48 -17.27 -4.04 1.97
CA SER B 48 -17.42 -4.69 3.27
C SER B 48 -18.37 -3.97 4.22
N LEU B 49 -18.95 -2.83 3.81
CA LEU B 49 -19.88 -2.14 4.68
C LEU B 49 -21.12 -2.99 4.90
N ASP B 50 -21.51 -3.15 6.15
CA ASP B 50 -22.61 -4.04 6.54
C ASP B 50 -23.61 -3.27 7.37
N ILE B 51 -24.88 -3.27 6.94
CA ILE B 51 -25.93 -2.62 7.71
C ILE B 51 -26.18 -3.37 9.01
N ASP B 52 -25.87 -4.67 9.04
CA ASP B 52 -26.05 -5.46 10.26
C ASP B 52 -25.02 -5.09 11.32
N SER B 53 -23.85 -4.60 10.89
CA SER B 53 -22.78 -4.26 11.81
C SER B 53 -23.20 -3.10 12.71
N GLN B 54 -23.23 -3.35 14.01
CA GLN B 54 -23.71 -2.35 14.96
C GLN B 54 -22.67 -1.25 15.12
N THR B 55 -23.15 -0.02 15.27
CA THR B 55 -22.26 1.12 15.47
C THR B 55 -21.94 1.30 16.95
N ALA B 56 -20.94 2.11 17.22
CA ALA B 56 -20.61 2.45 18.61
C ALA B 56 -21.61 3.46 19.15
N PHE B 57 -21.75 3.47 20.47
CA PHE B 57 -22.71 4.37 21.10
C PHE B 57 -22.28 5.81 20.94
N VAL B 58 -20.98 6.06 20.91
CA VAL B 58 -20.44 7.41 20.88
C VAL B 58 -20.65 8.04 19.51
N ARG B 59 -20.89 9.35 19.51
CA ARG B 59 -20.94 10.14 18.28
C ARG B 59 -19.84 11.20 18.40
N LEU B 60 -18.82 11.09 17.55
CA LEU B 60 -17.60 11.89 17.71
C LEU B 60 -17.69 13.27 17.06
N SER B 61 -18.35 13.39 15.91
CA SER B 61 -18.34 14.64 15.16
C SER B 61 -19.30 15.65 15.77
N GLY B 62 -18.85 16.90 15.85
CA GLY B 62 -19.67 17.95 16.43
C GLY B 62 -20.72 18.46 15.46
N ILE B 63 -21.83 18.93 16.02
CA ILE B 63 -22.93 19.50 15.27
C ILE B 63 -23.06 20.97 15.63
N ILE B 64 -23.05 21.84 14.62
CA ILE B 64 -23.15 23.28 14.81
C ILE B 64 -24.52 23.73 14.35
N CYS B 65 -25.19 24.53 15.17
CA CYS B 65 -26.54 25.01 14.89
C CYS B 65 -26.58 26.52 14.93
N THR B 66 -27.13 27.13 13.89
CA THR B 66 -27.33 28.57 13.87
C THR B 66 -28.61 28.90 14.62
N ILE B 67 -28.55 29.93 15.46
CA ILE B 67 -29.67 30.31 16.32
C ILE B 67 -30.46 31.41 15.64
N GLY B 68 -31.78 31.28 15.65
CA GLY B 68 -32.65 32.27 15.06
C GLY B 68 -34.01 32.27 15.73
N PRO B 69 -35.00 32.87 15.07
CA PRO B 69 -36.34 32.98 15.70
C PRO B 69 -36.92 31.64 16.12
N ALA B 70 -36.68 30.58 15.35
CA ALA B 70 -37.21 29.27 15.70
C ALA B 70 -36.50 28.66 16.89
N SER B 71 -35.21 28.95 17.07
CA SER B 71 -34.41 28.33 18.10
C SER B 71 -34.02 29.26 19.24
N VAL B 72 -34.36 30.55 19.15
CA VAL B 72 -33.88 31.52 20.14
C VAL B 72 -34.50 31.30 21.51
N ALA B 73 -35.67 30.68 21.59
CA ALA B 73 -36.34 30.51 22.86
C ALA B 73 -35.49 29.64 23.79
N PRO B 74 -35.49 29.92 25.10
CA PRO B 74 -34.65 29.12 26.01
C PRO B 74 -35.06 27.66 26.11
N GLU B 75 -36.37 27.38 26.16
CA GLU B 75 -36.82 25.99 26.28
C GLU B 75 -36.46 25.20 25.02
N MET B 76 -36.74 25.77 23.85
CA MET B 76 -36.34 25.13 22.60
C MET B 76 -34.83 24.95 22.52
N LEU B 77 -34.09 25.91 23.09
CA LEU B 77 -32.63 25.82 23.07
C LEU B 77 -32.13 24.68 23.95
N GLU B 78 -32.75 24.51 25.12
CA GLU B 78 -32.41 23.37 25.97
C GLU B 78 -32.74 22.06 25.28
N LYS B 79 -33.87 22.01 24.58
CA LYS B 79 -34.23 20.80 23.84
C LYS B 79 -33.21 20.51 22.75
N MET B 80 -32.74 21.53 22.05
CA MET B 80 -31.68 21.35 21.05
C MET B 80 -30.40 20.83 21.69
N MET B 81 -30.03 21.39 22.84
CA MET B 81 -28.83 20.93 23.53
C MET B 81 -28.95 19.48 23.93
N ALA B 82 -30.12 19.08 24.43
CA ALA B 82 -30.36 17.68 24.76
C ALA B 82 -30.31 16.80 23.52
N THR B 83 -30.75 17.32 22.37
CA THR B 83 -30.71 16.53 21.14
C THR B 83 -29.29 16.22 20.71
N GLY B 84 -28.33 17.10 21.02
CA GLY B 84 -26.95 16.84 20.69
C GLY B 84 -26.17 18.03 20.16
N MET B 85 -26.74 19.23 20.25
CA MET B 85 -26.04 20.42 19.78
C MET B 85 -24.79 20.67 20.62
N ASN B 86 -23.64 20.74 19.95
CA ASN B 86 -22.35 20.90 20.60
C ASN B 86 -21.89 22.35 20.67
N ILE B 87 -22.19 23.16 19.66
CA ILE B 87 -21.81 24.56 19.65
C ILE B 87 -22.89 25.37 18.94
N ALA B 88 -23.24 26.51 19.52
CA ALA B 88 -24.22 27.41 18.93
C ALA B 88 -23.53 28.50 18.14
N ARG B 89 -24.09 28.82 16.97
CA ARG B 89 -23.50 29.78 16.04
C ARG B 89 -24.41 31.00 15.94
N LEU B 90 -23.83 32.19 16.09
CA LEU B 90 -24.56 33.44 15.99
C LEU B 90 -24.12 34.17 14.72
N ASN B 91 -25.08 34.49 13.85
CA ASN B 91 -24.80 35.18 12.60
C ASN B 91 -24.96 36.67 12.82
N PHE B 92 -23.83 37.40 12.84
CA PHE B 92 -23.86 38.83 13.10
C PHE B 92 -24.20 39.65 11.85
N SER B 93 -24.39 39.02 10.69
CA SER B 93 -24.80 39.77 9.50
C SER B 93 -26.16 40.41 9.67
N HIS B 94 -26.94 40.01 10.68
CA HIS B 94 -28.23 40.61 11.00
C HIS B 94 -28.38 40.63 12.51
N GLY B 95 -29.21 41.53 13.00
CA GLY B 95 -29.46 41.62 14.43
C GLY B 95 -28.52 42.59 15.12
N SER B 96 -28.97 43.10 16.26
CA SER B 96 -28.24 44.09 17.02
C SER B 96 -27.36 43.46 18.08
N HIS B 97 -26.55 44.30 18.73
CA HIS B 97 -25.74 43.83 19.84
C HIS B 97 -26.61 43.38 20.99
N GLU B 98 -27.70 44.12 21.23
CA GLU B 98 -28.65 43.74 22.28
C GLU B 98 -29.33 42.41 21.94
N TYR B 99 -29.68 42.23 20.66
CA TYR B 99 -30.28 40.97 20.23
C TYR B 99 -29.36 39.79 20.53
N HIS B 100 -28.10 39.88 20.11
CA HIS B 100 -27.19 38.77 20.34
C HIS B 100 -26.89 38.59 21.82
N ALA B 101 -26.85 39.68 22.60
CA ALA B 101 -26.66 39.53 24.04
C ALA B 101 -27.83 38.81 24.68
N ASN B 102 -29.06 39.12 24.25
CA ASN B 102 -30.24 38.41 24.75
C ASN B 102 -30.22 36.95 24.33
N THR B 103 -29.75 36.67 23.11
CA THR B 103 -29.62 35.29 22.66
C THR B 103 -28.62 34.55 23.53
N ILE B 104 -27.50 35.20 23.87
CA ILE B 104 -26.50 34.59 24.75
C ILE B 104 -27.10 34.34 26.13
N LYS B 105 -27.89 35.29 26.64
CA LYS B 105 -28.56 35.09 27.92
C LYS B 105 -29.46 33.87 27.89
N ASN B 106 -30.22 33.70 26.79
CA ASN B 106 -31.09 32.54 26.66
C ASN B 106 -30.27 31.26 26.61
N ILE B 107 -29.14 31.29 25.89
CA ILE B 107 -28.30 30.11 25.79
C ILE B 107 -27.73 29.74 27.16
N ARG B 108 -27.37 30.75 27.95
CA ARG B 108 -26.81 30.49 29.28
C ARG B 108 -27.88 29.94 30.23
N GLU B 109 -29.07 30.53 30.25
CA GLU B 109 -30.10 29.96 31.12
C GLU B 109 -30.46 28.54 30.69
N ALA B 110 -30.43 28.27 29.38
CA ALA B 110 -30.70 26.92 28.89
C ALA B 110 -29.62 25.95 29.31
N VAL B 111 -28.36 26.36 29.24
CA VAL B 111 -27.30 25.46 29.68
C VAL B 111 -27.39 25.28 31.20
N ASP B 112 -27.88 26.30 31.91
CA ASP B 112 -28.01 26.18 33.36
C ASP B 112 -29.07 25.15 33.75
N ASN B 113 -30.26 25.21 33.13
CA ASN B 113 -31.25 24.20 33.51
C ASN B 113 -30.89 22.82 32.96
N TYR B 114 -30.22 22.75 31.81
CA TYR B 114 -29.75 21.44 31.35
C TYR B 114 -28.70 20.87 32.29
N SER B 115 -27.95 21.73 32.98
CA SER B 115 -26.87 21.28 33.87
C SER B 115 -27.35 20.40 35.02
N LYS B 116 -28.66 20.30 35.27
CA LYS B 116 -29.16 19.37 36.28
C LYS B 116 -29.55 18.04 35.66
N LYS B 117 -29.08 17.77 34.45
CA LYS B 117 -29.13 16.45 33.82
C LYS B 117 -27.77 15.83 34.09
N GLN B 118 -27.72 14.87 35.01
CA GLN B 118 -26.56 14.12 35.52
C GLN B 118 -25.70 14.96 36.49
N GLY B 119 -26.04 16.23 36.74
CA GLY B 119 -25.45 16.97 37.83
C GLY B 119 -24.20 17.76 37.50
N LYS B 120 -23.54 17.47 36.38
CA LYS B 120 -22.33 18.21 36.07
C LYS B 120 -22.61 19.29 35.04
N PRO B 121 -21.82 20.37 35.03
CA PRO B 121 -22.07 21.46 34.09
C PRO B 121 -21.75 21.06 32.66
N PHE B 122 -22.78 21.04 31.83
CA PHE B 122 -22.64 20.67 30.43
C PHE B 122 -22.05 21.85 29.66
N PRO B 123 -20.87 21.70 29.05
CA PRO B 123 -20.34 22.83 28.28
C PRO B 123 -20.93 22.89 26.88
N LEU B 124 -21.17 24.12 26.43
CA LEU B 124 -21.69 24.40 25.10
C LEU B 124 -20.97 25.65 24.64
N ALA B 125 -20.48 25.63 23.41
CA ALA B 125 -19.70 26.75 22.91
C ALA B 125 -20.60 27.71 22.14
N ILE B 126 -20.28 29.00 22.24
CA ILE B 126 -21.00 30.04 21.52
C ILE B 126 -20.03 30.63 20.50
N ALA B 127 -20.51 30.80 19.28
CA ALA B 127 -19.65 31.22 18.18
C ALA B 127 -20.20 32.49 17.55
N LEU B 128 -19.28 33.39 17.18
CA LEU B 128 -19.61 34.66 16.59
C LEU B 128 -19.17 34.62 15.13
N ASP B 129 -20.13 34.77 14.22
CA ASP B 129 -19.86 34.74 12.79
C ASP B 129 -20.02 36.18 12.30
N THR B 130 -18.95 36.73 11.75
CA THR B 130 -18.96 38.14 11.39
C THR B 130 -19.70 38.36 10.08
N LYS B 131 -20.25 39.57 9.94
CA LYS B 131 -20.91 39.93 8.69
C LYS B 131 -19.91 39.90 7.53
N GLY B 132 -18.72 40.43 7.76
CA GLY B 132 -17.66 40.37 6.79
C GLY B 132 -17.86 41.38 5.68
N PRO B 133 -16.85 41.53 4.84
CA PRO B 133 -16.96 42.50 3.73
C PRO B 133 -17.78 41.96 2.58
N GLU B 134 -19.07 42.27 2.54
CA GLU B 134 -19.95 41.84 1.47
C GLU B 134 -20.43 43.03 0.65
N ILE B 135 -20.84 42.75 -0.58
CA ILE B 135 -21.32 43.76 -1.51
C ILE B 135 -22.78 43.50 -1.80
N ARG B 136 -23.59 44.58 -1.80
CA ARG B 136 -25.03 44.48 -1.98
C ARG B 136 -25.49 45.56 -2.96
N THR B 137 -26.65 45.32 -3.56
CA THR B 137 -27.25 46.25 -4.51
C THR B 137 -28.03 47.32 -3.74
N GLY B 138 -28.55 48.31 -4.46
CA GLY B 138 -29.34 49.37 -3.87
C GLY B 138 -30.81 49.04 -3.88
N LEU B 139 -31.63 50.07 -3.70
CA LEU B 139 -33.07 49.89 -3.59
C LEU B 139 -33.75 50.10 -4.93
N ILE B 140 -34.81 49.32 -5.17
CA ILE B 140 -35.68 49.49 -6.33
C ILE B 140 -36.73 50.55 -6.01
N GLU B 141 -37.21 51.24 -7.05
CA GLU B 141 -38.41 52.05 -6.87
C GLU B 141 -39.58 51.16 -6.46
N GLY B 142 -40.23 51.52 -5.36
CA GLY B 142 -41.32 50.72 -4.82
C GLY B 142 -42.46 50.45 -5.78
N SER B 143 -42.47 51.10 -6.94
CA SER B 143 -43.53 50.89 -7.92
C SER B 143 -43.45 49.49 -8.50
N GLY B 144 -44.60 49.02 -9.00
CA GLY B 144 -44.65 47.72 -9.66
C GLY B 144 -44.35 46.57 -8.72
N THR B 145 -43.75 45.52 -9.27
CA THR B 145 -43.39 44.34 -8.50
C THR B 145 -42.11 44.61 -7.71
N GLY B 146 -41.98 43.91 -6.59
CA GLY B 146 -40.79 43.97 -5.76
C GLY B 146 -39.50 43.84 -6.54
N GLU B 147 -39.38 42.73 -7.28
CA GLU B 147 -38.17 42.40 -8.02
C GLU B 147 -38.39 42.57 -9.52
N VAL B 148 -37.66 43.51 -10.12
CA VAL B 148 -37.67 43.65 -11.57
C VAL B 148 -36.92 42.45 -12.18
N GLU B 149 -37.19 42.16 -13.44
CA GLU B 149 -36.53 41.06 -14.13
C GLU B 149 -35.52 41.58 -15.16
N LEU B 150 -34.30 41.05 -15.10
CA LEU B 150 -33.24 41.37 -16.04
C LEU B 150 -33.03 40.18 -16.95
N LYS B 151 -33.10 40.41 -18.25
CA LYS B 151 -33.04 39.36 -19.25
C LYS B 151 -31.75 39.45 -20.06
N LYS B 152 -31.30 38.30 -20.56
CA LYS B 152 -30.02 38.22 -21.25
C LYS B 152 -30.03 39.04 -22.55
N GLY B 153 -28.90 39.67 -22.83
CA GLY B 153 -28.74 40.45 -24.04
C GLY B 153 -28.99 41.94 -23.87
N GLU B 154 -29.55 42.36 -22.74
CA GLU B 154 -29.82 43.76 -22.50
C GLU B 154 -28.64 44.42 -21.78
N GLN B 155 -28.66 45.76 -21.78
CA GLN B 155 -27.60 46.56 -21.16
C GLN B 155 -28.10 47.18 -19.87
N ILE B 156 -27.17 47.37 -18.93
CA ILE B 156 -27.49 47.97 -17.65
C ILE B 156 -26.25 48.74 -17.17
N GLN B 157 -26.49 49.88 -16.51
CA GLN B 157 -25.41 50.79 -16.13
C GLN B 157 -25.28 50.82 -14.61
N LEU B 158 -24.16 50.31 -14.12
CA LEU B 158 -23.72 50.50 -12.75
C LEU B 158 -23.07 51.87 -12.63
N THR B 159 -23.50 52.68 -11.66
CA THR B 159 -23.01 54.05 -11.57
C THR B 159 -22.22 54.37 -10.30
N THR B 160 -22.25 53.51 -9.28
CA THR B 160 -21.54 53.74 -8.02
C THR B 160 -22.03 55.00 -7.30
N ASP B 161 -22.36 56.03 -8.06
CA ASP B 161 -22.91 57.28 -7.54
C ASP B 161 -24.01 57.02 -6.52
N LYS B 162 -23.81 57.49 -5.29
CA LYS B 162 -24.72 57.16 -4.20
C LYS B 162 -26.10 57.79 -4.35
N ASP B 163 -26.24 58.80 -5.20
CA ASP B 163 -27.53 59.48 -5.34
C ASP B 163 -28.51 58.68 -6.19
N HIS B 164 -28.17 57.46 -6.60
CA HIS B 164 -29.13 56.59 -7.27
C HIS B 164 -29.47 55.42 -6.35
N LEU B 165 -30.05 55.70 -5.18
CA LEU B 165 -30.36 54.66 -4.22
C LEU B 165 -31.79 54.17 -4.30
N GLU B 166 -32.75 55.05 -4.60
CA GLU B 166 -34.16 54.68 -4.70
C GLU B 166 -34.61 54.39 -6.13
N LYS B 167 -34.00 55.03 -7.13
CA LYS B 167 -34.48 54.98 -8.50
C LYS B 167 -33.90 53.83 -9.31
N GLY B 168 -33.35 52.81 -8.67
CA GLY B 168 -32.81 51.68 -9.41
C GLY B 168 -33.87 50.96 -10.21
N SER B 169 -33.48 50.45 -11.37
CA SER B 169 -34.42 49.77 -12.24
C SER B 169 -33.64 48.81 -13.16
N LYS B 170 -34.21 48.52 -14.33
CA LYS B 170 -33.51 47.69 -15.31
C LYS B 170 -32.49 48.47 -16.12
N ASP B 171 -32.62 49.80 -16.18
CA ASP B 171 -31.67 50.62 -16.91
C ASP B 171 -30.44 50.97 -16.06
N LYS B 172 -30.59 51.07 -14.74
CA LYS B 172 -29.53 51.50 -13.86
C LYS B 172 -29.44 50.57 -12.65
N ILE B 173 -28.22 50.34 -12.17
CA ILE B 173 -27.96 49.49 -11.02
C ILE B 173 -27.05 50.24 -10.05
N PHE B 174 -27.01 49.77 -8.80
CA PHE B 174 -26.26 50.42 -7.73
C PHE B 174 -25.48 49.38 -6.94
N VAL B 175 -24.29 49.78 -6.49
CA VAL B 175 -23.43 48.91 -5.68
C VAL B 175 -23.56 49.32 -4.22
N ASP B 176 -23.14 48.44 -3.31
CA ASP B 176 -22.93 48.81 -1.91
C ASP B 176 -21.67 49.69 -1.78
N TYR B 177 -20.61 49.12 -1.20
CA TYR B 177 -19.43 49.89 -0.81
C TYR B 177 -18.24 49.53 -1.69
N VAL B 178 -17.19 50.36 -1.57
CA VAL B 178 -15.89 50.19 -2.19
C VAL B 178 -15.97 50.41 -3.70
N ASN B 179 -14.95 51.06 -4.25
CA ASN B 179 -14.92 51.43 -5.66
C ASN B 179 -14.31 50.27 -6.41
N ILE B 180 -15.17 49.34 -6.83
CA ILE B 180 -14.72 48.10 -7.45
C ILE B 180 -14.15 48.29 -8.85
N VAL B 181 -14.35 49.47 -9.45
CA VAL B 181 -13.89 49.69 -10.82
C VAL B 181 -12.36 49.62 -10.89
N LYS B 182 -11.67 49.91 -9.79
CA LYS B 182 -10.24 49.73 -9.74
C LYS B 182 -9.83 48.26 -9.62
N VAL B 183 -10.79 47.34 -9.57
CA VAL B 183 -10.51 45.94 -9.32
C VAL B 183 -11.06 45.09 -10.45
N VAL B 184 -12.12 45.56 -11.10
CA VAL B 184 -12.84 44.80 -12.12
C VAL B 184 -12.34 45.23 -13.49
N LYS B 185 -12.21 44.25 -14.39
CA LYS B 185 -11.87 44.44 -15.79
C LYS B 185 -13.10 44.10 -16.64
N LYS B 186 -12.95 44.22 -17.96
CA LYS B 186 -14.12 44.10 -18.83
C LYS B 186 -14.60 42.66 -18.94
N GLY B 187 -13.70 41.74 -19.30
CA GLY B 187 -14.11 40.35 -19.48
C GLY B 187 -14.66 39.69 -18.22
N ASP B 188 -14.48 40.31 -17.07
CA ASP B 188 -14.87 39.71 -15.81
C ASP B 188 -16.39 39.60 -15.70
N ARG B 189 -16.82 38.65 -14.87
CA ARG B 189 -18.23 38.40 -14.62
C ARG B 189 -18.60 38.87 -13.21
N VAL B 190 -19.87 39.19 -13.04
CA VAL B 190 -20.42 39.70 -11.79
C VAL B 190 -21.69 38.94 -11.48
N PHE B 191 -21.89 38.58 -10.21
CA PHE B 191 -23.13 37.94 -9.82
C PHE B 191 -23.91 38.82 -8.86
N VAL B 192 -25.23 38.66 -8.91
CA VAL B 192 -26.16 39.35 -8.02
C VAL B 192 -27.20 38.34 -7.53
N ASP B 193 -27.51 38.44 -6.23
CA ASP B 193 -28.52 37.64 -5.55
C ASP B 193 -28.20 36.16 -5.61
N ASP B 194 -27.30 35.70 -4.73
CA ASP B 194 -27.03 34.28 -4.53
C ASP B 194 -26.67 33.57 -5.83
N GLY B 195 -26.03 34.29 -6.76
CA GLY B 195 -25.65 33.70 -8.02
C GLY B 195 -26.76 33.59 -9.04
N LEU B 196 -27.95 34.11 -8.74
CA LEU B 196 -29.07 33.95 -9.66
C LEU B 196 -28.88 34.79 -10.92
N ILE B 197 -28.29 35.98 -10.80
CA ILE B 197 -28.12 36.87 -11.94
C ILE B 197 -26.64 37.03 -12.24
N SER B 198 -26.29 37.02 -13.52
CA SER B 198 -24.90 37.13 -13.97
C SER B 198 -24.78 38.24 -15.01
N LEU B 199 -23.71 39.02 -14.90
CA LEU B 199 -23.44 40.14 -15.77
C LEU B 199 -21.99 40.05 -16.25
N VAL B 200 -21.72 40.68 -17.41
CA VAL B 200 -20.36 40.80 -17.92
C VAL B 200 -20.08 42.26 -18.25
N VAL B 201 -18.95 42.77 -17.75
CA VAL B 201 -18.61 44.17 -17.93
C VAL B 201 -18.29 44.44 -19.38
N ASP B 202 -19.05 45.34 -20.01
CA ASP B 202 -18.77 45.70 -21.39
C ASP B 202 -17.78 46.85 -21.48
N SER B 203 -18.07 47.96 -20.82
CA SER B 203 -17.22 49.15 -20.87
C SER B 203 -17.04 49.71 -19.46
N ILE B 204 -15.88 50.31 -19.23
CA ILE B 204 -15.51 50.88 -17.93
C ILE B 204 -15.30 52.38 -18.11
N SER B 205 -15.87 53.16 -17.19
CA SER B 205 -15.66 54.60 -17.15
C SER B 205 -15.07 54.98 -15.79
N GLY B 206 -15.08 56.28 -15.50
CA GLY B 206 -14.55 56.77 -14.25
C GLY B 206 -15.33 56.28 -13.05
N ASP B 207 -16.50 56.91 -12.82
CA ASP B 207 -17.38 56.54 -11.71
C ASP B 207 -18.31 55.38 -12.05
N THR B 208 -18.54 55.11 -13.33
CA THR B 208 -19.59 54.19 -13.73
C THR B 208 -19.02 52.95 -14.40
N LEU B 209 -19.91 52.23 -15.10
CA LEU B 209 -19.68 50.87 -15.59
C LEU B 209 -20.87 50.46 -16.45
N THR B 210 -20.65 50.19 -17.73
CA THR B 210 -21.71 49.75 -18.62
C THR B 210 -21.55 48.25 -18.87
N CYS B 211 -22.63 47.50 -18.68
CA CYS B 211 -22.54 46.05 -18.71
C CYS B 211 -23.67 45.46 -19.54
N THR B 212 -23.46 44.23 -20.00
CA THR B 212 -24.46 43.47 -20.76
C THR B 212 -24.82 42.21 -19.98
N VAL B 213 -26.09 41.82 -20.07
CA VAL B 213 -26.59 40.69 -19.28
C VAL B 213 -26.29 39.39 -20.02
N GLU B 214 -25.34 38.61 -19.51
CA GLU B 214 -25.08 37.29 -20.06
C GLU B 214 -26.12 36.28 -19.60
N ASN B 215 -26.35 36.22 -18.29
CA ASN B 215 -27.35 35.34 -17.70
C ASN B 215 -28.26 36.20 -16.83
N GLY B 216 -29.57 36.11 -17.04
CA GLY B 216 -30.51 37.03 -16.45
C GLY B 216 -31.52 36.35 -15.55
N GLY B 217 -31.94 37.07 -14.51
CA GLY B 217 -32.88 36.57 -13.54
C GLY B 217 -33.83 37.62 -13.01
N LEU B 218 -34.08 37.58 -11.70
CA LEU B 218 -35.02 38.49 -11.05
C LEU B 218 -34.26 39.30 -10.00
N LEU B 219 -33.91 40.53 -10.35
CA LEU B 219 -33.18 41.44 -9.48
C LEU B 219 -34.12 42.17 -8.54
N GLY B 220 -33.85 42.07 -7.24
CA GLY B 220 -34.54 42.84 -6.23
C GLY B 220 -33.70 43.97 -5.70
N SER B 221 -34.04 44.41 -4.48
CA SER B 221 -33.34 45.51 -3.84
C SER B 221 -32.51 44.97 -2.69
N ARG B 222 -31.29 45.51 -2.56
CA ARG B 222 -30.33 45.11 -1.52
C ARG B 222 -30.10 43.60 -1.55
N LYS B 223 -29.50 43.15 -2.65
CA LYS B 223 -29.17 41.75 -2.86
C LYS B 223 -27.65 41.63 -2.92
N GLY B 224 -27.15 40.44 -2.63
CA GLY B 224 -25.70 40.28 -2.56
C GLY B 224 -25.08 40.30 -3.94
N VAL B 225 -23.85 40.81 -4.00
CA VAL B 225 -23.07 40.92 -5.23
C VAL B 225 -21.75 40.22 -5.01
N ASN B 226 -21.47 39.20 -5.83
CA ASN B 226 -20.22 38.46 -5.72
C ASN B 226 -19.45 38.60 -7.02
N LEU B 227 -18.16 38.90 -6.91
CA LEU B 227 -17.28 39.04 -8.06
C LEU B 227 -16.40 37.79 -8.12
N PRO B 228 -16.64 36.89 -9.08
CA PRO B 228 -15.93 35.60 -9.05
C PRO B 228 -14.46 35.69 -9.40
N GLY B 229 -14.10 36.49 -10.39
CA GLY B 229 -12.72 36.54 -10.86
C GLY B 229 -11.77 37.45 -10.10
N VAL B 230 -12.25 38.60 -9.66
CA VAL B 230 -11.37 39.67 -9.19
C VAL B 230 -10.82 39.38 -7.80
N PRO B 231 -9.58 39.80 -7.52
CA PRO B 231 -9.06 39.79 -6.14
C PRO B 231 -9.62 40.98 -5.39
N VAL B 232 -10.40 40.72 -4.35
CA VAL B 232 -11.18 41.76 -3.69
C VAL B 232 -10.28 42.60 -2.79
N ASP B 233 -10.51 43.92 -2.83
CA ASP B 233 -9.76 44.91 -2.09
C ASP B 233 -10.40 45.30 -0.76
N LEU B 234 -11.55 44.72 -0.43
CA LEU B 234 -12.29 45.11 0.77
C LEU B 234 -11.43 44.91 2.01
N PRO B 235 -11.62 45.75 3.04
CA PRO B 235 -10.84 45.60 4.27
C PRO B 235 -11.19 44.31 4.99
N ALA B 236 -10.15 43.64 5.51
CA ALA B 236 -10.38 42.38 6.19
C ALA B 236 -11.26 42.56 7.42
N VAL B 237 -11.01 43.60 8.20
CA VAL B 237 -11.82 43.94 9.37
C VAL B 237 -12.40 45.32 9.13
N SER B 238 -13.72 45.40 9.01
CA SER B 238 -14.38 46.68 8.85
C SER B 238 -14.74 47.25 10.22
N GLU B 239 -15.39 48.41 10.23
CA GLU B 239 -15.75 49.06 11.49
C GLU B 239 -16.78 48.25 12.25
N LYS B 240 -17.86 47.83 11.58
CA LYS B 240 -18.86 47.01 12.22
C LYS B 240 -18.26 45.70 12.71
N ASP B 241 -17.39 45.10 11.91
CA ASP B 241 -16.73 43.86 12.33
C ASP B 241 -15.87 44.10 13.57
N LYS B 242 -15.22 45.26 13.65
CA LYS B 242 -14.44 45.60 14.83
C LYS B 242 -15.33 45.68 16.06
N SER B 243 -16.43 46.43 15.96
CA SER B 243 -17.36 46.54 17.09
C SER B 243 -17.93 45.19 17.48
N ASP B 244 -18.21 44.34 16.49
CA ASP B 244 -18.78 43.02 16.76
C ASP B 244 -17.78 42.11 17.46
N LEU B 245 -16.51 42.17 17.05
CA LEU B 245 -15.49 41.36 17.72
C LEU B 245 -15.28 41.84 19.15
N GLN B 246 -15.31 43.16 19.37
CA GLN B 246 -15.20 43.69 20.72
C GLN B 246 -16.40 43.28 21.58
N PHE B 247 -17.60 43.28 20.99
CA PHE B 247 -18.79 42.81 21.70
C PHE B 247 -18.64 41.34 22.07
N GLY B 248 -18.11 40.52 21.15
CA GLY B 248 -17.90 39.12 21.46
C GLY B 248 -16.89 38.92 22.58
N VAL B 249 -15.84 39.74 22.58
CA VAL B 249 -14.86 39.68 23.67
C VAL B 249 -15.53 40.03 24.99
N GLU B 250 -16.37 41.06 25.00
CA GLU B 250 -17.05 41.44 26.24
C GLU B 250 -18.01 40.34 26.71
N GLN B 251 -18.73 39.72 25.78
CA GLN B 251 -19.69 38.68 26.14
C GLN B 251 -19.02 37.40 26.59
N GLY B 252 -17.76 37.19 26.26
CA GLY B 252 -17.08 35.95 26.61
C GLY B 252 -17.40 34.83 25.65
N VAL B 253 -17.36 35.11 24.35
CA VAL B 253 -17.66 34.10 23.35
C VAL B 253 -16.50 33.12 23.24
N ASP B 254 -16.80 31.91 22.80
CA ASP B 254 -15.80 30.85 22.71
C ASP B 254 -15.04 30.87 21.39
N VAL B 255 -15.72 31.16 20.28
CA VAL B 255 -15.15 31.04 18.95
C VAL B 255 -15.67 32.17 18.07
N ILE B 256 -14.86 32.60 17.10
CA ILE B 256 -15.28 33.52 16.06
C ILE B 256 -15.10 32.84 14.71
N PHE B 257 -16.15 32.93 13.87
CA PHE B 257 -16.06 32.53 12.46
C PHE B 257 -15.89 33.81 11.65
N ALA B 258 -14.71 33.99 11.07
CA ALA B 258 -14.39 35.21 10.34
C ALA B 258 -14.71 35.00 8.86
N SER B 259 -15.60 35.84 8.32
CA SER B 259 -16.04 35.70 6.94
C SER B 259 -15.07 36.38 5.99
N PHE B 260 -14.97 35.82 4.77
CA PHE B 260 -14.19 36.40 3.67
C PHE B 260 -12.72 36.63 4.03
N ILE B 261 -12.09 35.60 4.60
CA ILE B 261 -10.66 35.64 4.87
C ILE B 261 -9.95 35.43 3.53
N ARG B 262 -9.35 36.49 2.99
CA ARG B 262 -8.78 36.39 1.65
C ARG B 262 -7.25 36.25 1.55
N ASN B 263 -6.49 37.16 2.14
CA ASN B 263 -5.03 37.14 1.94
C ASN B 263 -4.27 36.84 3.21
N ALA B 264 -4.90 36.16 4.17
CA ALA B 264 -4.28 35.63 5.39
C ALA B 264 -3.63 36.65 6.31
N ALA B 265 -3.29 37.85 5.81
CA ALA B 265 -2.73 38.85 6.71
C ALA B 265 -3.75 39.31 7.76
N ALA B 266 -5.05 39.15 7.47
CA ALA B 266 -6.16 39.53 8.35
C ALA B 266 -6.06 38.99 9.78
N LEU B 267 -5.63 37.74 9.94
CA LEU B 267 -5.70 37.09 11.25
C LEU B 267 -4.82 37.79 12.27
N LYS B 268 -3.73 38.43 11.83
CA LYS B 268 -2.98 39.28 12.73
C LYS B 268 -3.84 40.41 13.27
N GLU B 269 -4.60 41.06 12.38
CA GLU B 269 -5.52 42.12 12.78
C GLU B 269 -6.57 41.60 13.76
N ILE B 270 -7.09 40.41 13.49
CA ILE B 270 -8.15 39.86 14.34
C ILE B 270 -7.60 39.53 15.73
N ARG B 271 -6.39 38.95 15.80
CA ARG B 271 -5.80 38.67 17.10
C ARG B 271 -5.51 39.96 17.85
N THR B 272 -4.97 40.97 17.16
CA THR B 272 -4.66 42.23 17.82
C THR B 272 -5.93 42.94 18.29
N ILE B 273 -7.05 42.77 17.58
CA ILE B 273 -8.29 43.41 18.02
C ILE B 273 -8.94 42.63 19.17
N LEU B 274 -8.80 41.30 19.20
CA LEU B 274 -9.30 40.53 20.34
C LEU B 274 -8.49 40.84 21.59
N GLY B 275 -7.20 41.15 21.44
CA GLY B 275 -6.47 41.66 22.57
C GLY B 275 -6.28 40.69 23.73
N GLU B 276 -5.95 41.29 24.88
CA GLU B 276 -5.66 40.50 26.08
C GLU B 276 -6.85 39.66 26.52
N LYS B 277 -8.06 40.21 26.44
CA LYS B 277 -9.23 39.47 26.92
C LYS B 277 -9.57 38.32 25.97
N GLY B 278 -9.60 38.56 24.66
CA GLY B 278 -9.93 37.49 23.74
C GLY B 278 -8.79 36.59 23.32
N LYS B 279 -7.58 36.77 23.89
CA LYS B 279 -6.43 35.99 23.45
C LYS B 279 -6.72 34.48 23.43
N ASN B 280 -7.52 34.00 24.38
CA ASN B 280 -7.84 32.58 24.45
C ASN B 280 -8.87 32.15 23.41
N ILE B 281 -9.68 33.08 22.92
CA ILE B 281 -10.73 32.73 21.96
C ILE B 281 -10.11 32.29 20.64
N LYS B 282 -10.62 31.19 20.08
CA LYS B 282 -10.12 30.65 18.83
C LYS B 282 -10.86 31.26 17.64
N ILE B 283 -10.11 31.54 16.58
CA ILE B 283 -10.65 32.14 15.36
C ILE B 283 -10.68 31.08 14.27
N ILE B 284 -11.83 30.91 13.64
CA ILE B 284 -12.02 29.97 12.54
C ILE B 284 -12.21 30.79 11.27
N SER B 285 -11.33 30.56 10.29
CA SER B 285 -11.40 31.30 9.04
C SER B 285 -12.40 30.64 8.10
N LYS B 286 -13.19 31.47 7.41
CA LYS B 286 -14.17 31.00 6.44
C LYS B 286 -13.61 31.23 5.03
N ILE B 287 -13.54 30.17 4.25
CA ILE B 287 -13.03 30.22 2.89
C ILE B 287 -14.23 30.34 1.96
N GLU B 288 -14.50 31.56 1.50
CA GLU B 288 -15.69 31.82 0.69
C GLU B 288 -15.40 32.24 -0.75
N ASN B 289 -14.17 32.61 -1.08
CA ASN B 289 -13.86 33.12 -2.40
C ASN B 289 -12.59 32.48 -2.94
N GLN B 290 -12.21 32.87 -4.15
CA GLN B 290 -11.06 32.27 -4.82
C GLN B 290 -9.76 32.64 -4.13
N GLN B 291 -9.69 33.83 -3.53
CA GLN B 291 -8.43 34.26 -2.92
C GLN B 291 -8.09 33.42 -1.70
N GLY B 292 -9.07 33.14 -0.85
CA GLY B 292 -8.82 32.30 0.30
C GLY B 292 -8.41 30.88 -0.08
N MET B 293 -9.01 30.37 -1.16
CA MET B 293 -8.61 29.06 -1.66
C MET B 293 -7.19 29.10 -2.23
N GLN B 294 -6.82 30.23 -2.85
CA GLN B 294 -5.53 30.32 -3.52
C GLN B 294 -4.38 30.24 -2.53
N ASN B 295 -4.46 31.00 -1.44
CA ASN B 295 -3.42 30.93 -0.40
C ASN B 295 -3.96 30.21 0.83
N LEU B 296 -4.52 29.02 0.63
CA LEU B 296 -5.13 28.29 1.73
C LEU B 296 -4.09 27.87 2.77
N ASP B 297 -2.87 27.52 2.33
CA ASP B 297 -1.86 27.02 3.27
C ASP B 297 -1.48 28.08 4.29
N ALA B 298 -1.28 29.33 3.84
CA ALA B 298 -0.95 30.39 4.78
C ALA B 298 -2.08 30.64 5.77
N ILE B 299 -3.33 30.60 5.29
CA ILE B 299 -4.47 30.82 6.17
C ILE B 299 -4.56 29.71 7.22
N ILE B 300 -4.48 28.46 6.77
CA ILE B 300 -4.62 27.33 7.69
C ILE B 300 -3.48 27.31 8.70
N ALA B 301 -2.27 27.71 8.28
CA ALA B 301 -1.17 27.81 9.22
C ALA B 301 -1.44 28.90 10.26
N ALA B 302 -1.94 30.06 9.82
CA ALA B 302 -2.22 31.16 10.73
C ALA B 302 -3.51 30.96 11.52
N SER B 303 -4.44 30.15 11.03
CA SER B 303 -5.75 30.01 11.66
C SER B 303 -5.73 28.94 12.75
N ASP B 304 -6.73 29.01 13.62
CA ASP B 304 -7.02 27.92 14.54
C ASP B 304 -7.88 26.84 13.90
N GLY B 305 -8.61 27.18 12.84
CA GLY B 305 -9.44 26.22 12.11
C GLY B 305 -10.05 26.90 10.90
N ILE B 306 -10.70 26.10 10.07
CA ILE B 306 -11.25 26.57 8.80
C ILE B 306 -12.68 26.07 8.65
N MET B 307 -13.54 26.91 8.11
CA MET B 307 -14.88 26.53 7.70
C MET B 307 -14.98 26.67 6.18
N VAL B 308 -15.49 25.63 5.52
CA VAL B 308 -15.75 25.69 4.09
C VAL B 308 -17.20 26.16 3.93
N ALA B 309 -17.37 27.47 3.72
CA ALA B 309 -18.70 28.07 3.58
C ALA B 309 -19.13 27.92 2.12
N ARG B 310 -19.79 26.80 1.84
CA ARG B 310 -20.15 26.47 0.46
C ARG B 310 -21.20 27.42 -0.11
N GLY B 311 -21.91 28.17 0.72
CA GLY B 311 -22.89 29.11 0.23
C GLY B 311 -22.29 30.18 -0.66
N ASP B 312 -21.39 31.00 -0.11
CA ASP B 312 -20.73 32.02 -0.90
C ASP B 312 -19.72 31.41 -1.88
N LEU B 313 -19.10 30.30 -1.50
CA LEU B 313 -18.11 29.66 -2.36
C LEU B 313 -18.73 29.19 -3.67
N GLY B 314 -19.91 28.55 -3.58
CA GLY B 314 -20.58 28.09 -4.80
C GLY B 314 -20.95 29.22 -5.74
N ILE B 315 -21.14 30.43 -5.20
CA ILE B 315 -21.39 31.58 -6.04
C ILE B 315 -20.09 32.08 -6.66
N GLU B 316 -19.03 32.15 -5.85
CA GLU B 316 -17.74 32.65 -6.32
C GLU B 316 -17.16 31.74 -7.40
N ILE B 317 -16.63 30.59 -7.00
CA ILE B 317 -16.11 29.62 -7.97
C ILE B 317 -17.33 28.92 -8.57
N PRO B 318 -17.19 28.24 -9.72
CA PRO B 318 -18.34 27.50 -10.26
C PRO B 318 -18.85 26.49 -9.24
N ALA B 319 -20.19 26.42 -9.13
CA ALA B 319 -20.81 25.57 -8.13
C ALA B 319 -20.40 24.11 -8.30
N GLU B 320 -20.30 23.67 -9.56
CA GLU B 320 -19.94 22.28 -9.84
C GLU B 320 -18.60 21.89 -9.23
N LYS B 321 -17.73 22.86 -8.97
CA LYS B 321 -16.40 22.62 -8.43
C LYS B 321 -16.37 22.55 -6.90
N VAL B 322 -17.45 22.93 -6.21
CA VAL B 322 -17.36 23.17 -4.76
C VAL B 322 -16.83 21.95 -4.03
N PHE B 323 -17.29 20.75 -4.40
CA PHE B 323 -16.87 19.55 -3.69
C PHE B 323 -15.35 19.41 -3.72
N LEU B 324 -14.75 19.62 -4.89
CA LEU B 324 -13.29 19.64 -4.98
C LEU B 324 -12.70 20.45 -3.84
N ALA B 325 -13.11 21.72 -3.77
CA ALA B 325 -12.60 22.62 -2.74
C ALA B 325 -12.73 21.98 -1.36
N GLN B 326 -13.95 21.55 -1.01
CA GLN B 326 -14.14 21.02 0.34
C GLN B 326 -13.25 19.81 0.56
N LYS B 327 -13.20 18.90 -0.43
CA LYS B 327 -12.41 17.69 -0.25
C LYS B 327 -10.92 18.03 -0.18
N SER B 328 -10.50 19.11 -0.83
CA SER B 328 -9.15 19.60 -0.59
C SER B 328 -9.04 20.18 0.81
N MET B 329 -9.91 21.14 1.10
CA MET B 329 -9.77 21.95 2.30
C MET B 329 -9.77 21.07 3.55
N ILE B 330 -10.85 20.31 3.73
CA ILE B 330 -10.95 19.37 4.85
C ILE B 330 -9.67 18.55 4.95
N ALA B 331 -9.25 17.97 3.81
CA ALA B 331 -8.08 17.11 3.81
C ALA B 331 -6.87 17.83 4.39
N ARG B 332 -6.57 19.03 3.88
CA ARG B 332 -5.42 19.75 4.38
C ARG B 332 -5.56 20.05 5.86
N CYS B 333 -6.77 20.39 6.30
CA CYS B 333 -6.99 20.61 7.72
C CYS B 333 -6.65 19.36 8.50
N ASN B 334 -7.10 18.19 8.01
CA ASN B 334 -6.77 16.95 8.68
C ASN B 334 -5.27 16.73 8.73
N ARG B 335 -4.55 17.20 7.71
CA ARG B 335 -3.10 17.14 7.76
C ARG B 335 -2.55 18.06 8.84
N ALA B 336 -3.08 19.27 8.93
CA ALA B 336 -2.53 20.26 9.86
C ALA B 336 -2.88 19.96 11.31
N GLY B 337 -3.96 19.24 11.56
CA GLY B 337 -4.44 19.08 12.92
C GLY B 337 -5.35 20.20 13.37
N LYS B 338 -5.96 20.92 12.42
CA LYS B 338 -6.83 22.06 12.66
C LYS B 338 -8.28 21.67 12.40
N PRO B 339 -9.22 22.18 13.20
CA PRO B 339 -10.63 21.84 12.95
C PRO B 339 -11.10 22.37 11.61
N VAL B 340 -12.01 21.62 10.99
CA VAL B 340 -12.62 22.02 9.73
C VAL B 340 -14.12 21.80 9.81
N ILE B 341 -14.89 22.73 9.23
CA ILE B 341 -16.34 22.73 9.31
C ILE B 341 -16.91 22.74 7.90
N CYS B 342 -17.80 21.78 7.62
CA CYS B 342 -18.58 21.78 6.39
C CYS B 342 -19.94 22.40 6.67
N ALA B 343 -20.32 23.38 5.86
CA ALA B 343 -21.43 24.26 6.20
C ALA B 343 -22.31 24.53 4.99
N THR B 344 -23.43 25.20 5.27
CA THR B 344 -24.37 25.77 4.30
C THR B 344 -25.12 24.71 3.49
N GLN B 345 -26.45 24.74 3.60
CA GLN B 345 -27.36 24.00 2.72
C GLN B 345 -27.19 22.49 2.83
N MET B 346 -26.77 22.00 3.99
CA MET B 346 -26.63 20.56 4.16
C MET B 346 -28.00 19.88 4.27
N LEU B 347 -28.91 20.46 5.06
CA LEU B 347 -30.24 19.89 5.28
C LEU B 347 -31.36 20.86 4.92
N GLU B 348 -31.15 21.69 3.89
CA GLU B 348 -32.09 22.76 3.56
C GLU B 348 -33.55 22.34 3.54
N SER B 349 -33.85 21.19 2.92
CA SER B 349 -35.26 20.79 2.76
C SER B 349 -35.95 20.63 4.10
N MET B 350 -35.21 20.24 5.14
CA MET B 350 -35.81 20.06 6.45
C MET B 350 -36.30 21.36 7.06
N ILE B 351 -35.94 22.51 6.48
CA ILE B 351 -36.54 23.77 6.87
C ILE B 351 -38.05 23.70 6.68
N LYS B 352 -38.48 23.17 5.54
CA LYS B 352 -39.91 23.12 5.23
C LYS B 352 -40.55 21.78 5.63
N LYS B 353 -39.83 20.68 5.52
CA LYS B 353 -40.41 19.35 5.69
C LYS B 353 -39.72 18.61 6.83
N PRO B 354 -40.43 17.70 7.51
CA PRO B 354 -39.84 17.04 8.69
C PRO B 354 -38.73 16.06 8.37
N ARG B 355 -38.68 15.49 7.16
CA ARG B 355 -37.66 14.52 6.83
C ARG B 355 -36.80 15.00 5.65
N PRO B 356 -35.51 14.70 5.66
CA PRO B 356 -34.62 15.15 4.58
C PRO B 356 -34.69 14.25 3.37
N THR B 357 -34.02 14.69 2.30
CA THR B 357 -33.90 13.93 1.08
C THR B 357 -32.69 12.99 1.15
N ARG B 358 -32.63 12.05 0.22
CA ARG B 358 -31.49 11.15 0.17
C ARG B 358 -30.21 11.91 -0.15
N ALA B 359 -30.32 12.95 -0.97
CA ALA B 359 -29.15 13.73 -1.35
C ALA B 359 -28.55 14.45 -0.15
N GLU B 360 -29.39 14.96 0.76
CA GLU B 360 -28.90 15.70 1.91
C GLU B 360 -28.23 14.78 2.93
N ILE B 361 -28.83 13.62 3.19
CA ILE B 361 -28.19 12.62 4.05
C ILE B 361 -26.86 12.19 3.45
N SER B 362 -26.82 12.00 2.13
CA SER B 362 -25.56 11.64 1.47
C SER B 362 -24.54 12.77 1.59
N ASP B 363 -24.99 14.02 1.49
CA ASP B 363 -24.08 15.15 1.61
C ASP B 363 -23.45 15.20 2.99
N VAL B 364 -24.26 15.09 4.04
CA VAL B 364 -23.70 15.14 5.39
C VAL B 364 -22.80 13.94 5.65
N ALA B 365 -23.21 12.75 5.20
CA ALA B 365 -22.38 11.56 5.41
C ALA B 365 -21.05 11.67 4.69
N ASN B 366 -21.06 12.17 3.45
CA ASN B 366 -19.82 12.34 2.70
C ASN B 366 -18.97 13.46 3.29
N ALA B 367 -19.60 14.48 3.86
CA ALA B 367 -18.84 15.54 4.51
C ALA B 367 -18.06 15.00 5.70
N ILE B 368 -18.71 14.18 6.52
CA ILE B 368 -18.00 13.64 7.68
C ILE B 368 -16.99 12.58 7.24
N ILE B 369 -17.30 11.79 6.21
CA ILE B 369 -16.34 10.80 5.74
C ILE B 369 -15.11 11.47 5.14
N ASP B 370 -15.28 12.68 4.59
CA ASP B 370 -14.13 13.43 4.06
C ASP B 370 -13.12 13.74 5.16
N GLY B 371 -13.58 13.86 6.41
CA GLY B 371 -12.69 14.12 7.53
C GLY B 371 -13.04 15.38 8.26
N ALA B 372 -14.23 15.92 8.00
CA ALA B 372 -14.66 17.16 8.63
C ALA B 372 -14.86 16.96 10.12
N ASP B 373 -14.27 17.85 10.92
CA ASP B 373 -14.40 17.75 12.37
C ASP B 373 -15.82 18.08 12.83
N CYS B 374 -16.42 19.11 12.25
CA CYS B 374 -17.77 19.53 12.63
C CYS B 374 -18.60 19.81 11.38
N VAL B 375 -19.91 19.67 11.53
CA VAL B 375 -20.89 20.00 10.51
C VAL B 375 -21.82 21.06 11.08
N MET B 376 -22.42 21.85 10.19
CA MET B 376 -23.16 23.03 10.59
C MET B 376 -24.50 23.12 9.89
N LEU B 377 -25.47 23.68 10.60
CA LEU B 377 -26.80 23.97 10.08
C LEU B 377 -27.02 25.47 10.14
N SER B 378 -27.53 26.05 9.05
CA SER B 378 -27.71 27.48 8.98
C SER B 378 -29.21 27.76 9.10
N GLY B 379 -29.95 27.88 8.00
CA GLY B 379 -31.38 28.15 8.08
C GLY B 379 -32.17 27.02 8.69
N GLU B 380 -31.61 25.81 8.75
CA GLU B 380 -32.34 24.66 9.30
C GLU B 380 -32.75 24.92 10.74
N THR B 381 -31.83 25.41 11.56
CA THR B 381 -32.12 25.68 12.96
C THR B 381 -32.58 27.10 13.21
N ALA B 382 -32.07 28.08 12.46
CA ALA B 382 -32.44 29.47 12.71
C ALA B 382 -33.88 29.74 12.29
N LYS B 383 -34.18 29.61 11.00
CA LYS B 383 -35.51 29.90 10.48
C LYS B 383 -36.38 28.67 10.32
N GLY B 384 -35.77 27.47 10.20
CA GLY B 384 -36.53 26.29 9.83
C GLY B 384 -37.59 25.92 10.84
N GLU B 385 -38.57 25.15 10.36
CA GLU B 385 -39.70 24.75 11.20
C GLU B 385 -39.38 23.54 12.07
N TYR B 386 -38.44 22.69 11.65
CA TYR B 386 -38.16 21.42 12.34
C TYR B 386 -36.70 21.35 12.79
N PRO B 387 -36.25 22.24 13.68
CA PRO B 387 -34.84 22.21 14.10
C PRO B 387 -34.46 20.95 14.85
N LEU B 388 -35.29 20.51 15.80
CA LEU B 388 -34.96 19.33 16.60
C LEU B 388 -34.80 18.09 15.72
N GLU B 389 -35.69 17.91 14.75
CA GLU B 389 -35.55 16.78 13.83
C GLU B 389 -34.26 16.88 13.03
N CYS B 390 -33.86 18.11 12.67
CA CYS B 390 -32.61 18.31 11.96
C CYS B 390 -31.44 17.83 12.80
N VAL B 391 -31.38 18.25 14.06
CA VAL B 391 -30.27 17.84 14.92
C VAL B 391 -30.28 16.33 15.14
N LEU B 392 -31.48 15.74 15.28
CA LEU B 392 -31.58 14.30 15.49
C LEU B 392 -31.02 13.53 14.30
N THR B 393 -31.52 13.85 13.10
CA THR B 393 -31.05 13.14 11.91
C THR B 393 -29.58 13.41 11.68
N MET B 394 -29.09 14.61 12.03
CA MET B 394 -27.67 14.89 11.89
C MET B 394 -26.84 13.99 12.77
N ALA B 395 -27.24 13.85 14.04
CA ALA B 395 -26.50 12.97 14.94
C ALA B 395 -26.51 11.53 14.43
N LYS B 396 -27.66 11.05 13.97
CA LYS B 396 -27.75 9.67 13.51
C LYS B 396 -26.85 9.41 12.30
N THR B 397 -26.96 10.26 11.28
CA THR B 397 -26.13 10.06 10.09
C THR B 397 -24.65 10.25 10.39
N CYS B 398 -24.32 11.15 11.32
CA CYS B 398 -22.93 11.29 11.73
C CYS B 398 -22.41 10.01 12.36
N LYS B 399 -23.22 9.39 13.23
CA LYS B 399 -22.81 8.11 13.83
C LYS B 399 -22.55 7.07 12.74
N GLU B 400 -23.45 6.98 11.76
CA GLU B 400 -23.30 5.94 10.74
C GLU B 400 -22.05 6.15 9.89
N ALA B 401 -21.90 7.36 9.32
CA ALA B 401 -20.73 7.63 8.48
C ALA B 401 -19.44 7.58 9.29
N GLU B 402 -19.53 7.91 10.58
CA GLU B 402 -18.40 7.79 11.49
C GLU B 402 -17.97 6.34 11.63
N ALA B 403 -18.95 5.43 11.77
CA ALA B 403 -18.64 4.00 11.87
C ALA B 403 -18.06 3.46 10.56
N ALA B 404 -18.49 4.00 9.42
CA ALA B 404 -18.04 3.47 8.13
C ALA B 404 -16.55 3.63 7.88
N LEU B 405 -15.84 4.45 8.66
CA LEU B 405 -14.47 4.82 8.35
C LEU B 405 -13.52 3.62 8.39
N TRP B 406 -12.41 3.76 7.64
CA TRP B 406 -11.33 2.77 7.56
C TRP B 406 -10.18 3.25 8.43
N HIS B 407 -10.20 2.85 9.71
CA HIS B 407 -9.29 3.45 10.69
C HIS B 407 -7.82 3.16 10.38
N ARG B 408 -7.50 1.94 9.95
CA ARG B 408 -6.10 1.55 9.81
C ARG B 408 -5.40 2.37 8.73
N ASN B 409 -6.00 2.47 7.55
CA ASN B 409 -5.36 3.19 6.45
C ASN B 409 -5.28 4.69 6.74
N LEU B 410 -6.37 5.26 7.27
CA LEU B 410 -6.34 6.69 7.60
C LEU B 410 -5.29 6.98 8.66
N PHE B 411 -5.18 6.13 9.68
CA PHE B 411 -4.15 6.31 10.70
C PHE B 411 -2.76 6.24 10.08
N ASN B 412 -2.51 5.26 9.22
CA ASN B 412 -1.22 5.15 8.56
C ASN B 412 -0.91 6.40 7.74
N ASP B 413 -1.92 6.92 7.05
CA ASP B 413 -1.76 8.12 6.23
C ASP B 413 -1.38 9.33 7.09
N LEU B 414 -2.12 9.55 8.18
CA LEU B 414 -1.83 10.66 9.07
C LEU B 414 -0.49 10.49 9.77
N VAL B 415 -0.07 9.24 10.01
CA VAL B 415 1.24 8.99 10.59
C VAL B 415 2.33 9.35 9.59
N ASN B 416 2.13 9.03 8.32
CA ASN B 416 3.16 9.29 7.33
C ASN B 416 3.16 10.75 6.89
N THR B 417 2.12 11.51 7.24
CA THR B 417 2.12 12.93 6.93
C THR B 417 3.10 13.69 7.82
N THR B 418 3.36 13.20 9.03
CA THR B 418 4.19 13.88 10.01
C THR B 418 5.67 13.58 9.79
N PRO B 419 6.53 14.62 9.65
CA PRO B 419 7.93 14.39 9.23
C PRO B 419 8.93 13.97 10.30
N THR B 420 9.68 14.96 10.82
CA THR B 420 10.87 14.87 11.65
C THR B 420 10.65 14.12 12.98
N PRO B 421 11.70 13.96 13.81
CA PRO B 421 11.46 13.53 15.20
C PRO B 421 10.58 14.51 15.96
N LEU B 422 9.27 14.34 15.79
CA LEU B 422 8.27 15.22 16.39
C LEU B 422 8.50 15.40 17.88
N ASP B 423 8.03 16.54 18.40
CA ASP B 423 8.10 16.82 19.83
C ASP B 423 7.44 15.71 20.61
N THR B 424 7.81 15.58 21.89
CA THR B 424 7.33 14.47 22.69
C THR B 424 5.81 14.43 22.79
N ALA B 425 5.15 15.59 22.69
CA ALA B 425 3.69 15.63 22.79
C ALA B 425 3.03 14.95 21.62
N SER B 426 3.47 15.25 20.39
CA SER B 426 2.87 14.59 19.24
C SER B 426 3.19 13.10 19.20
N SER B 427 4.38 12.72 19.66
CA SER B 427 4.70 11.29 19.74
C SER B 427 3.78 10.59 20.73
N ILE B 428 3.53 11.21 21.88
CA ILE B 428 2.61 10.62 22.85
C ILE B 428 1.20 10.51 22.27
N ALA B 429 0.75 11.55 21.57
CA ALA B 429 -0.60 11.51 21.01
C ALA B 429 -0.73 10.38 19.98
N ILE B 430 0.24 10.27 19.08
CA ILE B 430 0.17 9.25 18.04
C ILE B 430 0.29 7.85 18.65
N ALA B 431 1.17 7.68 19.64
CA ALA B 431 1.31 6.38 20.28
C ALA B 431 0.05 6.00 21.06
N ALA B 432 -0.58 6.98 21.73
CA ALA B 432 -1.82 6.72 22.44
C ALA B 432 -2.94 6.35 21.48
N SER B 433 -3.01 7.02 20.33
CA SER B 433 -4.02 6.66 19.34
C SER B 433 -3.79 5.24 18.83
N GLU B 434 -2.53 4.87 18.58
CA GLU B 434 -2.22 3.53 18.13
C GLU B 434 -2.58 2.50 19.20
N ALA B 435 -2.30 2.80 20.46
CA ALA B 435 -2.64 1.88 21.54
C ALA B 435 -4.15 1.70 21.67
N ALA B 436 -4.90 2.80 21.58
CA ALA B 436 -6.35 2.70 21.66
C ALA B 436 -6.91 1.89 20.50
N ALA B 437 -6.35 2.06 19.30
CA ALA B 437 -6.80 1.28 18.16
C ALA B 437 -6.47 -0.21 18.34
N LYS B 438 -5.26 -0.52 18.82
CA LYS B 438 -4.83 -1.91 18.92
C LYS B 438 -5.60 -2.65 20.02
N SER B 439 -5.76 -2.02 21.18
CA SER B 439 -6.45 -2.66 22.28
C SER B 439 -7.97 -2.58 22.18
N ARG B 440 -8.50 -1.91 21.15
CA ARG B 440 -9.93 -1.65 21.04
C ARG B 440 -10.44 -1.04 22.34
N ALA B 441 -9.79 0.05 22.74
CA ALA B 441 -10.11 0.69 24.01
C ALA B 441 -11.51 1.29 23.96
N ALA B 442 -12.18 1.27 25.12
CA ALA B 442 -13.51 1.85 25.19
C ALA B 442 -13.47 3.36 25.08
N ALA B 443 -12.40 3.98 25.58
CA ALA B 443 -12.25 5.43 25.52
C ALA B 443 -10.80 5.80 25.83
N VAL B 444 -10.49 7.07 25.61
CA VAL B 444 -9.23 7.66 26.03
C VAL B 444 -9.54 8.86 26.92
N ILE B 445 -8.97 8.84 28.12
CA ILE B 445 -9.10 9.91 29.10
C ILE B 445 -7.86 10.77 29.00
N VAL B 446 -8.07 12.06 28.82
CA VAL B 446 -6.98 13.02 28.63
C VAL B 446 -7.06 14.04 29.75
N ILE B 447 -5.94 14.26 30.42
CA ILE B 447 -5.86 15.31 31.43
C ILE B 447 -5.14 16.48 30.81
N THR B 448 -5.82 17.61 30.71
CA THR B 448 -5.31 18.74 29.95
C THR B 448 -5.77 20.05 30.56
N THR B 449 -4.89 21.04 30.53
CA THR B 449 -5.22 22.41 30.94
C THR B 449 -5.56 23.29 29.73
N SER B 450 -4.67 23.31 28.74
CA SER B 450 -4.87 24.15 27.56
C SER B 450 -5.80 23.50 26.54
N GLY B 451 -5.82 22.19 26.46
CA GLY B 451 -6.62 21.47 25.49
C GLY B 451 -5.83 20.91 24.33
N ARG B 452 -4.54 21.26 24.20
CA ARG B 452 -3.78 20.91 23.02
C ARG B 452 -3.62 19.39 22.88
N SER B 453 -3.33 18.70 23.99
CA SER B 453 -3.10 17.26 23.91
C SER B 453 -4.31 16.53 23.33
N ALA B 454 -5.52 16.91 23.75
CA ALA B 454 -6.72 16.32 23.17
C ALA B 454 -6.84 16.65 21.69
N HIS B 455 -6.40 17.85 21.28
CA HIS B 455 -6.42 18.19 19.86
C HIS B 455 -5.48 17.32 19.05
N LEU B 456 -4.27 17.09 19.57
CA LEU B 456 -3.33 16.20 18.89
C LEU B 456 -3.89 14.79 18.79
N ILE B 457 -4.56 14.32 19.84
CA ILE B 457 -5.17 12.99 19.77
C ILE B 457 -6.31 12.97 18.75
N SER B 458 -7.10 14.05 18.70
CA SER B 458 -8.20 14.14 17.73
C SER B 458 -7.73 14.12 16.30
N LYS B 459 -6.54 14.68 16.02
CA LYS B 459 -6.02 14.66 14.65
C LYS B 459 -5.98 13.24 14.09
N TYR B 460 -5.58 12.27 14.91
CA TYR B 460 -5.34 10.91 14.45
C TYR B 460 -6.60 10.05 14.36
N ARG B 461 -7.76 10.59 14.71
CA ARG B 461 -9.05 9.93 14.47
C ARG B 461 -9.18 8.57 15.14
N PRO B 462 -9.22 8.51 16.48
CA PRO B 462 -9.56 7.23 17.12
C PRO B 462 -11.06 7.00 17.11
N ARG B 463 -11.43 5.72 17.15
CA ARG B 463 -12.85 5.36 17.17
C ARG B 463 -13.48 5.69 18.52
N CYS B 464 -12.75 5.45 19.59
CA CYS B 464 -13.27 5.65 20.93
C CYS B 464 -13.37 7.14 21.26
N PRO B 465 -14.24 7.49 22.20
CA PRO B 465 -14.36 8.90 22.62
C PRO B 465 -13.10 9.35 23.32
N ILE B 466 -12.88 10.66 23.29
CA ILE B 466 -11.73 11.30 23.93
C ILE B 466 -12.29 12.12 25.09
N ILE B 467 -12.25 11.56 26.29
CA ILE B 467 -12.82 12.21 27.46
C ILE B 467 -11.74 13.14 28.01
N ALA B 468 -11.86 14.43 27.72
CA ALA B 468 -10.84 15.41 28.11
C ALA B 468 -11.29 16.12 29.38
N VAL B 469 -10.55 15.91 30.47
CA VAL B 469 -10.88 16.45 31.78
C VAL B 469 -10.08 17.73 31.99
N THR B 470 -10.77 18.82 32.29
CA THR B 470 -10.10 20.12 32.41
C THR B 470 -10.73 20.94 33.52
N ARG B 471 -9.88 21.70 34.21
CA ARG B 471 -10.35 22.67 35.19
C ARG B 471 -10.92 23.91 34.52
N PHE B 472 -10.43 24.27 33.35
CA PHE B 472 -10.82 25.51 32.69
C PHE B 472 -12.11 25.28 31.92
N ALA B 473 -13.12 26.10 32.20
CA ALA B 473 -14.41 25.93 31.54
C ALA B 473 -14.30 26.22 30.04
N GLN B 474 -13.60 27.29 29.68
CA GLN B 474 -13.59 27.75 28.29
C GLN B 474 -12.90 26.76 27.37
N THR B 475 -11.82 26.13 27.85
CA THR B 475 -11.15 25.12 27.02
C THR B 475 -12.07 23.93 26.76
N ALA B 476 -12.77 23.46 27.80
CA ALA B 476 -13.74 22.39 27.61
C ALA B 476 -14.84 22.81 26.63
N ARG B 477 -15.30 24.06 26.73
CA ARG B 477 -16.32 24.56 25.81
C ARG B 477 -15.84 24.50 24.37
N GLN B 478 -14.66 25.07 24.10
CA GLN B 478 -14.11 25.09 22.74
C GLN B 478 -13.58 23.74 22.28
N CYS B 479 -13.49 22.74 23.17
CA CYS B 479 -13.08 21.41 22.75
C CYS B 479 -14.01 20.80 21.71
N HIS B 480 -15.27 21.24 21.65
CA HIS B 480 -16.22 20.69 20.70
C HIS B 480 -15.82 20.94 19.25
N LEU B 481 -14.91 21.87 19.00
CA LEU B 481 -14.45 22.13 17.64
C LEU B 481 -13.69 20.95 17.04
N TYR B 482 -13.22 20.03 17.86
CA TYR B 482 -12.42 18.91 17.40
C TYR B 482 -13.26 17.63 17.44
N ARG B 483 -13.11 16.80 16.41
CA ARG B 483 -13.89 15.57 16.34
C ARG B 483 -13.45 14.61 17.43
N GLY B 484 -14.42 14.02 18.13
CA GLY B 484 -14.18 12.95 19.08
C GLY B 484 -13.92 13.38 20.50
N ILE B 485 -13.79 14.68 20.77
CA ILE B 485 -13.51 15.15 22.12
C ILE B 485 -14.84 15.36 22.86
N LEU B 486 -15.02 14.59 23.93
CA LEU B 486 -16.07 14.85 24.90
C LEU B 486 -15.45 15.64 26.04
N PRO B 487 -15.78 16.92 26.20
CA PRO B 487 -15.20 17.70 27.29
C PRO B 487 -15.86 17.41 28.62
N VAL B 488 -15.05 17.39 29.68
CA VAL B 488 -15.48 17.16 31.04
C VAL B 488 -14.87 18.24 31.92
N ILE B 489 -15.70 18.95 32.68
CA ILE B 489 -15.24 20.04 33.55
C ILE B 489 -15.17 19.50 34.97
N TYR B 490 -14.03 19.71 35.62
CA TYR B 490 -13.75 19.19 36.96
C TYR B 490 -13.78 20.37 37.93
N GLU B 491 -14.81 20.43 38.79
CA GLU B 491 -14.99 21.57 39.70
C GLU B 491 -14.28 21.44 41.03
N GLN B 492 -14.11 20.24 41.56
CA GLN B 492 -13.45 20.06 42.84
C GLN B 492 -12.02 20.60 42.80
N GLN B 493 -11.08 19.70 42.47
CA GLN B 493 -9.65 19.96 42.35
C GLN B 493 -9.12 20.61 43.63
N ALA B 494 -7.96 21.28 43.54
CA ALA B 494 -7.31 21.94 44.69
C ALA B 494 -6.92 20.91 45.75
N LEU B 495 -6.48 19.74 45.28
CA LEU B 495 -6.02 18.68 46.15
C LEU B 495 -4.55 18.90 46.52
N GLU B 496 -4.20 18.46 47.73
CA GLU B 496 -2.84 18.68 48.24
C GLU B 496 -1.81 17.87 47.47
N ASP B 497 -2.05 16.57 47.30
CA ASP B 497 -1.15 15.69 46.57
C ASP B 497 -1.49 15.75 45.08
N TRP B 498 -0.48 16.08 44.26
CA TRP B 498 -0.72 16.22 42.83
C TRP B 498 -0.98 14.88 42.16
N LEU B 499 -0.29 13.83 42.60
CA LEU B 499 -0.54 12.49 42.04
C LEU B 499 -1.95 12.04 42.37
N LYS B 500 -2.36 12.19 43.63
CA LYS B 500 -3.73 11.86 44.00
C LYS B 500 -4.74 12.71 43.23
N ASP B 501 -4.40 13.97 42.95
CA ASP B 501 -5.30 14.83 42.20
C ASP B 501 -5.48 14.36 40.77
N VAL B 502 -4.38 13.99 40.10
CA VAL B 502 -4.49 13.49 38.73
C VAL B 502 -5.26 12.17 38.70
N ASP B 503 -5.05 11.31 39.71
CA ASP B 503 -5.79 10.06 39.76
C ASP B 503 -7.28 10.31 40.00
N ALA B 504 -7.61 11.29 40.85
CA ALA B 504 -9.00 11.64 41.07
C ALA B 504 -9.65 12.18 39.80
N ARG B 505 -8.93 13.00 39.04
CA ARG B 505 -9.49 13.52 37.80
C ARG B 505 -9.69 12.41 36.77
N VAL B 506 -8.75 11.47 36.69
CA VAL B 506 -8.92 10.35 35.77
C VAL B 506 -10.11 9.48 36.19
N GLN B 507 -10.27 9.26 37.50
CA GLN B 507 -11.42 8.50 37.98
C GLN B 507 -12.73 9.24 37.71
N TYR B 508 -12.71 10.57 37.76
CA TYR B 508 -13.89 11.35 37.41
C TYR B 508 -14.22 11.20 35.93
N GLY B 509 -13.19 11.14 35.08
CA GLY B 509 -13.43 10.81 33.68
C GLY B 509 -14.02 9.43 33.51
N MET B 510 -13.54 8.46 34.30
CA MET B 510 -14.14 7.13 34.30
C MET B 510 -15.62 7.19 34.67
N ASP B 511 -15.93 7.96 35.72
CA ASP B 511 -17.31 8.10 36.15
C ASP B 511 -18.17 8.72 35.06
N PHE B 512 -17.65 9.73 34.37
CA PHE B 512 -18.39 10.32 33.26
C PHE B 512 -18.64 9.28 32.18
N GLY B 513 -17.62 8.49 31.84
CA GLY B 513 -17.80 7.46 30.84
C GLY B 513 -18.84 6.42 31.23
N LYS B 514 -18.85 6.01 32.50
CA LYS B 514 -19.81 5.02 32.94
C LYS B 514 -21.24 5.59 32.97
N GLU B 515 -21.39 6.84 33.43
CA GLU B 515 -22.72 7.44 33.46
C GLU B 515 -23.28 7.61 32.05
N ARG B 516 -22.47 8.14 31.14
CA ARG B 516 -22.93 8.31 29.76
C ARG B 516 -23.09 6.98 29.04
N GLY B 517 -22.38 5.94 29.48
CA GLY B 517 -22.43 4.66 28.83
C GLY B 517 -21.32 4.36 27.85
N PHE B 518 -20.22 5.13 27.88
CA PHE B 518 -19.09 4.85 26.99
C PHE B 518 -18.47 3.50 27.28
N LEU B 519 -18.31 3.17 28.57
CA LEU B 519 -17.55 2.00 28.98
C LEU B 519 -18.22 1.34 30.17
N LYS B 520 -17.79 0.10 30.45
CA LYS B 520 -18.31 -0.70 31.55
C LYS B 520 -17.15 -1.43 32.22
N PRO B 521 -17.34 -2.05 33.37
CA PRO B 521 -16.24 -2.79 34.00
C PRO B 521 -15.71 -3.88 33.07
N GLY B 522 -14.38 -4.02 33.05
CA GLY B 522 -13.72 -4.99 32.22
C GLY B 522 -13.22 -4.44 30.90
N ASN B 523 -13.63 -3.22 30.54
CA ASN B 523 -13.10 -2.68 29.29
C ASN B 523 -11.77 -1.98 29.54
N PRO B 524 -10.84 -2.06 28.59
CA PRO B 524 -9.61 -1.28 28.70
C PRO B 524 -9.78 0.09 28.07
N VAL B 525 -9.10 1.07 28.67
CA VAL B 525 -9.11 2.44 28.16
C VAL B 525 -7.70 2.98 28.26
N VAL B 526 -7.43 4.03 27.49
CA VAL B 526 -6.12 4.66 27.48
C VAL B 526 -6.22 5.95 28.29
N VAL B 527 -5.25 6.17 29.17
CA VAL B 527 -5.20 7.36 30.02
C VAL B 527 -3.90 8.08 29.73
N VAL B 528 -3.99 9.36 29.41
CA VAL B 528 -2.84 10.22 29.16
C VAL B 528 -2.88 11.37 30.15
N THR B 529 -1.81 11.52 30.91
CA THR B 529 -1.68 12.54 31.94
C THR B 529 -0.35 13.24 31.72
N GLY B 530 0.32 13.66 32.79
CA GLY B 530 1.61 14.29 32.63
C GLY B 530 2.68 13.77 33.57
N TRP B 531 3.80 14.48 33.68
CA TRP B 531 4.88 14.09 34.58
C TRP B 531 5.10 15.08 35.71
N LYS B 532 4.82 16.36 35.46
CA LYS B 532 4.97 17.39 36.47
C LYS B 532 3.82 18.38 36.33
N GLN B 533 3.41 18.95 37.46
CA GLN B 533 2.35 19.94 37.46
C GLN B 533 2.74 21.10 36.55
N GLY B 534 2.15 21.16 35.36
CA GLY B 534 2.50 22.18 34.38
C GLY B 534 1.33 22.56 33.52
N SER B 535 1.60 22.81 32.25
CA SER B 535 0.57 23.25 31.31
C SER B 535 1.01 22.99 29.88
N GLY B 536 1.10 21.72 29.50
CA GLY B 536 1.57 21.36 28.18
C GLY B 536 2.78 20.46 28.22
N PHE B 537 2.67 19.38 28.98
CA PHE B 537 3.78 18.45 29.19
C PHE B 537 3.42 17.03 28.79
N THR B 538 2.29 16.51 29.29
CA THR B 538 1.81 15.17 28.99
C THR B 538 2.90 14.09 29.21
N ASN B 539 3.25 13.37 28.14
CA ASN B 539 4.23 12.29 28.02
C ASN B 539 3.98 11.07 28.92
N THR B 540 2.74 10.78 29.28
CA THR B 540 2.45 9.53 29.98
C THR B 540 1.27 8.83 29.31
N ILE B 541 1.37 7.52 29.14
CA ILE B 541 0.28 6.71 28.58
C ILE B 541 0.14 5.44 29.40
N ARG B 542 -1.10 5.10 29.77
CA ARG B 542 -1.36 3.87 30.50
C ARG B 542 -2.65 3.25 29.99
N ILE B 543 -2.72 1.93 29.98
CA ILE B 543 -3.94 1.20 29.68
C ILE B 543 -4.49 0.68 31.00
N VAL B 544 -5.73 1.07 31.31
CA VAL B 544 -6.35 0.73 32.58
C VAL B 544 -7.75 0.18 32.33
N ASN B 545 -8.12 -0.85 33.08
CA ASN B 545 -9.45 -1.43 33.02
C ASN B 545 -10.38 -0.76 34.02
N VAL B 546 -11.67 -0.83 33.75
CA VAL B 546 -12.69 -0.17 34.55
C VAL B 546 -13.16 -1.10 35.66
N GLU B 547 -13.61 -0.53 36.77
CA GLU B 547 -14.05 -1.30 37.92
C GLU B 547 -15.55 -1.16 38.15
N ASN C 36 9.28 13.15 -1.65
CA ASN C 36 10.46 13.41 -0.82
C ASN C 36 10.49 12.72 0.56
N PRO C 37 9.97 11.48 0.69
CA PRO C 37 9.94 10.85 2.01
C PRO C 37 11.08 9.86 2.20
N GLU C 38 10.83 8.85 3.03
CA GLU C 38 11.75 7.71 3.16
C GLU C 38 11.20 6.51 2.39
N SER C 39 11.03 6.72 1.07
CA SER C 39 10.68 5.67 0.12
C SER C 39 9.21 5.25 0.16
N VAL C 40 8.55 5.41 -0.99
CA VAL C 40 7.15 4.98 -1.12
C VAL C 40 7.07 3.47 -1.29
N SER C 41 7.96 2.89 -2.09
CA SER C 41 7.92 1.48 -2.45
C SER C 41 9.22 0.79 -2.04
N HIS C 42 9.20 -0.55 -2.08
CA HIS C 42 10.37 -1.33 -1.70
C HIS C 42 11.54 -1.09 -2.65
N LEU C 43 11.26 -1.01 -3.95
CA LEU C 43 12.29 -0.70 -4.93
C LEU C 43 12.90 0.67 -4.66
N GLU C 44 12.05 1.67 -4.41
CA GLU C 44 12.56 2.99 -4.08
C GLU C 44 13.35 2.98 -2.79
N HIS C 45 12.99 2.09 -1.85
CA HIS C 45 13.77 1.94 -0.62
C HIS C 45 15.17 1.43 -0.93
N MET C 46 15.26 0.34 -1.70
CA MET C 46 16.58 -0.20 -2.05
C MET C 46 17.41 0.81 -2.83
N CYS C 47 16.77 1.61 -3.67
CA CYS C 47 17.50 2.65 -4.39
C CYS C 47 18.08 3.68 -3.43
N SER C 48 17.42 3.94 -2.31
CA SER C 48 17.79 5.01 -1.40
C SER C 48 18.91 4.62 -0.43
N LEU C 49 19.39 3.38 -0.46
CA LEU C 49 20.48 2.97 0.43
C LEU C 49 21.75 3.73 0.07
N ASP C 50 22.40 4.30 1.07
CA ASP C 50 23.58 5.13 0.88
C ASP C 50 24.70 4.60 1.77
N ILE C 51 25.83 4.28 1.16
CA ILE C 51 26.98 3.80 1.94
C ILE C 51 27.57 4.91 2.79
N ASP C 52 27.42 6.17 2.37
CA ASP C 52 27.97 7.27 3.16
C ASP C 52 27.18 7.51 4.44
N SER C 53 25.89 7.18 4.46
CA SER C 53 25.07 7.40 5.64
C SER C 53 25.55 6.49 6.76
N GLN C 54 26.04 7.10 7.85
CA GLN C 54 26.63 6.34 8.93
C GLN C 54 25.56 5.69 9.80
N THR C 55 25.86 4.49 10.28
CA THR C 55 24.95 3.74 11.14
C THR C 55 25.16 4.12 12.61
N ALA C 56 24.21 3.70 13.44
CA ALA C 56 24.32 3.89 14.88
C ALA C 56 25.31 2.90 15.48
N PHE C 57 25.84 3.27 16.64
CA PHE C 57 26.85 2.43 17.30
C PHE C 57 26.24 1.12 17.79
N VAL C 58 24.97 1.13 18.20
CA VAL C 58 24.37 -0.05 18.81
C VAL C 58 24.18 -1.13 17.76
N ARG C 59 24.39 -2.37 18.16
CA ARG C 59 24.16 -3.55 17.33
C ARG C 59 23.12 -4.42 18.04
N LEU C 60 21.96 -4.56 17.41
CA LEU C 60 20.78 -5.14 18.07
C LEU C 60 20.76 -6.66 18.01
N SER C 61 21.17 -7.27 16.89
CA SER C 61 21.03 -8.70 16.72
C SER C 61 22.14 -9.45 17.46
N GLY C 62 21.77 -10.56 18.10
CA GLY C 62 22.74 -11.32 18.86
C GLY C 62 23.62 -12.19 17.98
N ILE C 63 24.84 -12.44 18.47
CA ILE C 63 25.82 -13.27 17.78
C ILE C 63 26.06 -14.52 18.62
N ILE C 64 25.90 -15.68 17.99
CA ILE C 64 26.07 -16.96 18.66
C ILE C 64 27.35 -17.60 18.17
N CYS C 65 28.16 -18.08 19.11
CA CYS C 65 29.45 -18.66 18.79
C CYS C 65 29.56 -20.06 19.37
N THR C 66 29.96 -21.02 18.52
CA THR C 66 30.21 -22.38 18.99
C THR C 66 31.61 -22.47 19.60
N ILE C 67 31.70 -23.14 20.74
CA ILE C 67 32.95 -23.24 21.49
C ILE C 67 33.65 -24.55 21.15
N GLY C 68 34.96 -24.48 20.93
CA GLY C 68 35.76 -25.64 20.62
C GLY C 68 37.19 -25.43 21.04
N PRO C 69 38.09 -26.28 20.52
CA PRO C 69 39.51 -26.19 20.96
C PRO C 69 40.12 -24.82 20.75
N ALA C 70 39.75 -24.11 19.68
CA ALA C 70 40.32 -22.79 19.43
C ALA C 70 39.82 -21.75 20.43
N SER C 71 38.57 -21.89 20.88
CA SER C 71 37.93 -20.90 21.73
C SER C 71 37.72 -21.36 23.17
N VAL C 72 38.07 -22.60 23.51
CA VAL C 72 37.73 -23.15 24.82
C VAL C 72 38.53 -22.45 25.92
N ALA C 73 39.69 -21.89 25.59
CA ALA C 73 40.53 -21.27 26.60
C ALA C 73 39.82 -20.07 27.22
N PRO C 74 40.02 -19.81 28.51
CA PRO C 74 39.32 -18.69 29.15
C PRO C 74 39.73 -17.33 28.60
N GLU C 75 41.01 -17.11 28.32
CA GLU C 75 41.45 -15.81 27.82
C GLU C 75 40.88 -15.53 26.44
N MET C 76 40.95 -16.51 25.53
CA MET C 76 40.33 -16.35 24.22
C MET C 76 38.83 -16.15 24.35
N LEU C 77 38.21 -16.78 25.35
CA LEU C 77 36.79 -16.61 25.58
C LEU C 77 36.47 -15.18 26.02
N GLU C 78 37.31 -14.61 26.88
CA GLU C 78 37.14 -13.21 27.28
C GLU C 78 37.31 -12.28 26.08
N LYS C 79 38.29 -12.57 25.23
CA LYS C 79 38.48 -11.74 24.03
C LYS C 79 37.27 -11.81 23.11
N MET C 80 36.71 -13.01 22.93
CA MET C 80 35.50 -13.16 22.13
C MET C 80 34.33 -12.41 22.76
N MET C 81 34.19 -12.50 24.08
CA MET C 81 33.12 -11.81 24.77
C MET C 81 33.23 -10.31 24.59
N ALA C 82 34.44 -9.77 24.72
CA ALA C 82 34.64 -8.34 24.48
C ALA C 82 34.37 -7.98 23.03
N THR C 83 34.69 -8.87 22.09
CA THR C 83 34.44 -8.59 20.69
C THR C 83 32.95 -8.49 20.39
N GLY C 84 32.11 -9.19 21.15
CA GLY C 84 30.68 -9.08 20.97
C GLY C 84 29.90 -10.38 21.06
N MET C 85 30.55 -11.46 21.49
CA MET C 85 29.84 -12.73 21.65
C MET C 85 28.79 -12.60 22.75
N ASN C 86 27.53 -12.87 22.39
CA ASN C 86 26.40 -12.73 23.30
C ASN C 86 26.00 -14.05 23.95
N ILE C 87 26.10 -15.16 23.24
CA ILE C 87 25.76 -16.47 23.78
C ILE C 87 26.68 -17.51 23.18
N ALA C 88 27.19 -18.41 24.02
CA ALA C 88 28.06 -19.50 23.61
C ALA C 88 27.25 -20.78 23.43
N ARG C 89 27.59 -21.54 22.39
CA ARG C 89 26.87 -22.75 22.03
C ARG C 89 27.78 -23.94 22.23
N LEU C 90 27.27 -24.97 22.92
CA LEU C 90 28.00 -26.20 23.17
C LEU C 90 27.38 -27.32 22.35
N ASN C 91 28.18 -27.96 21.52
CA ASN C 91 27.70 -29.04 20.66
C ASN C 91 27.96 -30.37 21.37
N PHE C 92 26.89 -30.99 21.86
CA PHE C 92 27.00 -32.24 22.60
C PHE C 92 27.10 -33.46 21.71
N SER C 93 27.04 -33.29 20.37
CA SER C 93 27.22 -34.42 19.47
C SER C 93 28.61 -35.03 19.57
N HIS C 94 29.56 -34.34 20.21
CA HIS C 94 30.90 -34.86 20.43
C HIS C 94 31.38 -34.40 21.81
N GLY C 95 32.30 -35.16 22.37
CA GLY C 95 32.87 -34.83 23.66
C GLY C 95 32.09 -35.44 24.82
N SER C 96 32.79 -35.60 25.93
CA SER C 96 32.20 -36.21 27.12
C SER C 96 31.62 -35.14 28.05
N HIS C 97 30.92 -35.61 29.09
CA HIS C 97 30.34 -34.70 30.07
C HIS C 97 31.43 -33.95 30.84
N GLU C 98 32.55 -34.60 31.13
CA GLU C 98 33.63 -33.95 31.86
C GLU C 98 34.24 -32.81 31.04
N TYR C 99 34.41 -33.02 29.73
CA TYR C 99 34.94 -31.98 28.86
C TYR C 99 34.04 -30.75 28.87
N HIS C 100 32.74 -30.96 28.68
CA HIS C 100 31.80 -29.83 28.65
C HIS C 100 31.70 -29.17 30.02
N ALA C 101 31.85 -29.94 31.10
CA ALA C 101 31.88 -29.34 32.43
C ALA C 101 33.09 -28.43 32.60
N ASN C 102 34.25 -28.85 32.08
CA ASN C 102 35.43 -27.98 32.12
C ASN C 102 35.21 -26.73 31.28
N THR C 103 34.56 -26.88 30.12
CA THR C 103 34.24 -25.73 29.29
C THR C 103 33.31 -24.76 30.01
N ILE C 104 32.31 -25.29 30.72
CA ILE C 104 31.41 -24.45 31.50
C ILE C 104 32.15 -23.74 32.62
N LYS C 105 33.05 -24.44 33.29
CA LYS C 105 33.85 -23.81 34.34
C LYS C 105 34.67 -22.65 33.78
N ASN C 106 35.30 -22.86 32.62
CA ASN C 106 36.10 -21.81 32.01
C ASN C 106 35.23 -20.63 31.58
N ILE C 107 34.05 -20.90 31.02
CA ILE C 107 33.19 -19.80 30.57
C ILE C 107 32.65 -19.01 31.76
N ARG C 108 32.35 -19.68 32.88
CA ARG C 108 31.88 -18.95 34.06
C ARG C 108 32.98 -18.07 34.63
N GLU C 109 34.18 -18.64 34.75
CA GLU C 109 35.32 -17.85 35.24
C GLU C 109 35.61 -16.68 34.32
N ALA C 110 35.50 -16.89 33.00
CA ALA C 110 35.78 -15.82 32.04
C ALA C 110 34.73 -14.71 32.11
N VAL C 111 33.45 -15.08 32.22
CA VAL C 111 32.41 -14.05 32.24
C VAL C 111 32.49 -13.26 33.54
N ASP C 112 32.87 -13.91 34.65
CA ASP C 112 33.09 -13.16 35.88
C ASP C 112 34.33 -12.28 35.79
N ASN C 113 35.37 -12.74 35.09
CA ASN C 113 36.58 -11.93 34.91
C ASN C 113 36.33 -10.71 34.04
N TYR C 114 35.41 -10.83 33.06
CA TYR C 114 35.07 -9.69 32.22
C TYR C 114 34.37 -8.58 32.99
N SER C 115 33.70 -8.91 34.10
CA SER C 115 32.89 -7.95 34.85
C SER C 115 33.66 -6.75 35.40
N LYS C 116 34.68 -6.29 34.68
CA LYS C 116 35.42 -5.08 35.02
C LYS C 116 34.93 -3.86 34.24
N LYS C 117 33.69 -3.88 33.76
CA LYS C 117 33.08 -2.69 33.16
C LYS C 117 32.36 -1.92 34.26
N GLN C 118 33.08 -0.95 34.84
CA GLN C 118 32.59 -0.09 35.92
C GLN C 118 32.28 -0.87 37.19
N GLY C 119 32.43 -2.20 37.15
CA GLY C 119 31.92 -3.05 38.21
C GLY C 119 30.53 -3.56 37.95
N LYS C 120 30.12 -3.65 36.69
CA LYS C 120 28.80 -4.11 36.28
C LYS C 120 28.91 -5.54 35.77
N PRO C 121 28.37 -6.53 36.47
CA PRO C 121 28.55 -7.93 36.03
C PRO C 121 27.84 -8.18 34.70
N PHE C 122 28.65 -8.52 33.70
CA PHE C 122 28.17 -8.70 32.33
C PHE C 122 27.51 -10.07 32.21
N PRO C 123 26.23 -10.14 31.83
CA PRO C 123 25.59 -11.45 31.65
C PRO C 123 25.90 -12.04 30.29
N LEU C 124 26.07 -13.36 30.27
CA LEU C 124 26.36 -14.13 29.05
C LEU C 124 25.57 -15.43 29.10
N ALA C 125 24.95 -15.79 27.99
CA ALA C 125 24.11 -16.97 27.96
C ALA C 125 24.90 -18.17 27.44
N ILE C 126 24.58 -19.34 27.99
CA ILE C 126 25.19 -20.60 27.58
C ILE C 126 24.11 -21.50 26.99
N ALA C 127 24.41 -22.12 25.85
CA ALA C 127 23.43 -22.90 25.11
C ALA C 127 23.92 -24.33 24.91
N LEU C 128 23.00 -25.28 25.00
CA LEU C 128 23.29 -26.70 24.84
C LEU C 128 22.61 -27.17 23.56
N ASP C 129 23.38 -27.73 22.65
CA ASP C 129 22.87 -28.25 21.38
C ASP C 129 22.95 -29.77 21.45
N THR C 130 21.80 -30.43 21.32
CA THR C 130 21.73 -31.86 21.56
C THR C 130 22.26 -32.65 20.36
N LYS C 131 22.76 -33.85 20.66
CA LYS C 131 23.20 -34.77 19.61
C LYS C 131 22.03 -35.22 18.75
N GLY C 132 20.91 -35.55 19.39
CA GLY C 132 19.70 -35.90 18.68
C GLY C 132 19.73 -37.32 18.14
N PRO C 133 18.60 -37.79 17.61
CA PRO C 133 18.55 -39.15 17.07
C PRO C 133 19.16 -39.21 15.67
N GLU C 134 20.43 -39.59 15.58
CA GLU C 134 21.09 -39.70 14.29
C GLU C 134 21.46 -41.15 13.98
N ILE C 135 21.65 -41.42 12.70
CA ILE C 135 22.03 -42.74 12.19
C ILE C 135 23.43 -42.62 11.62
N ARG C 136 24.32 -43.55 12.00
CA ARG C 136 25.70 -43.46 11.58
C ARG C 136 26.27 -44.81 11.16
N THR C 137 27.26 -44.75 10.28
CA THR C 137 28.05 -45.88 9.83
C THR C 137 29.25 -46.04 10.78
N GLY C 138 30.05 -47.08 10.58
CA GLY C 138 31.24 -47.31 11.37
C GLY C 138 32.49 -46.72 10.76
N LEU C 139 33.63 -47.21 11.23
CA LEU C 139 34.94 -46.71 10.82
C LEU C 139 35.52 -47.54 9.67
N ILE C 140 36.29 -46.87 8.83
CA ILE C 140 37.05 -47.53 7.78
C ILE C 140 38.34 -48.08 8.37
N GLU C 141 38.79 -49.21 7.81
CA GLU C 141 40.08 -49.76 8.19
C GLU C 141 41.17 -48.72 8.02
N GLY C 142 42.10 -48.68 8.99
CA GLY C 142 43.31 -47.90 8.80
C GLY C 142 44.19 -48.42 7.69
N SER C 143 43.85 -49.58 7.12
CA SER C 143 44.62 -50.15 6.02
C SER C 143 44.51 -49.26 4.79
N GLY C 144 45.67 -48.88 4.24
CA GLY C 144 45.69 -48.03 3.08
C GLY C 144 45.42 -46.57 3.40
N THR C 145 44.94 -45.86 2.39
CA THR C 145 44.52 -44.48 2.60
C THR C 145 43.35 -44.42 3.57
N GLY C 146 43.19 -43.27 4.21
CA GLY C 146 42.14 -43.04 5.20
C GLY C 146 40.76 -43.56 4.83
N GLU C 147 40.22 -43.10 3.70
CA GLU C 147 38.86 -43.41 3.29
C GLU C 147 38.84 -44.29 2.04
N VAL C 148 37.94 -45.27 2.02
CA VAL C 148 37.73 -46.09 0.82
C VAL C 148 36.88 -45.31 -0.17
N GLU C 149 36.93 -45.71 -1.45
CA GLU C 149 36.11 -45.08 -2.47
C GLU C 149 34.97 -46.03 -2.89
N LEU C 150 33.78 -45.46 -3.01
CA LEU C 150 32.60 -46.19 -3.46
C LEU C 150 32.13 -45.60 -4.79
N LYS C 151 32.02 -46.46 -5.80
CA LYS C 151 31.71 -46.06 -7.16
C LYS C 151 30.28 -46.47 -7.53
N LYS C 152 29.77 -45.85 -8.59
CA LYS C 152 28.39 -46.10 -9.00
C LYS C 152 28.26 -47.45 -9.69
N GLY C 153 27.16 -48.14 -9.40
CA GLY C 153 26.87 -49.43 -9.99
C GLY C 153 27.33 -50.62 -9.17
N GLU C 154 28.12 -50.38 -8.12
CA GLU C 154 28.70 -51.47 -7.33
C GLU C 154 27.71 -51.97 -6.29
N GLN C 155 28.15 -52.93 -5.49
CA GLN C 155 27.32 -53.57 -4.48
C GLN C 155 27.77 -53.15 -3.08
N ILE C 156 26.81 -53.08 -2.18
CA ILE C 156 27.09 -52.80 -0.78
C ILE C 156 25.97 -53.40 0.05
N GLN C 157 26.33 -54.19 1.06
CA GLN C 157 25.39 -54.97 1.85
C GLN C 157 25.09 -54.25 3.15
N LEU C 158 23.82 -53.92 3.39
CA LEU C 158 23.40 -53.41 4.69
C LEU C 158 23.13 -54.60 5.59
N THR C 159 24.03 -54.84 6.54
CA THR C 159 23.93 -56.03 7.39
C THR C 159 23.94 -55.67 8.88
N THR C 160 24.10 -56.69 9.73
CA THR C 160 24.30 -56.49 11.16
C THR C 160 25.77 -56.48 11.55
N ASP C 161 26.64 -55.97 10.69
CA ASP C 161 28.08 -55.93 10.93
C ASP C 161 28.40 -55.19 12.21
N LYS C 162 28.82 -55.92 13.23
CA LYS C 162 29.13 -55.30 14.52
C LYS C 162 30.59 -54.88 14.63
N ASP C 163 31.50 -55.59 13.96
CA ASP C 163 32.92 -55.23 13.97
C ASP C 163 33.26 -54.38 12.75
N HIS C 164 32.56 -53.25 12.62
CA HIS C 164 32.82 -52.26 11.60
C HIS C 164 33.50 -51.02 12.17
N LEU C 165 33.88 -51.06 13.45
CA LEU C 165 34.59 -49.96 14.08
C LEU C 165 36.08 -49.96 13.74
N GLU C 166 36.60 -51.07 13.19
CA GLU C 166 37.98 -51.10 12.71
C GLU C 166 38.16 -51.91 11.44
N LYS C 167 37.24 -52.81 11.08
CA LYS C 167 37.36 -53.59 9.87
C LYS C 167 36.38 -53.13 8.78
N GLY C 168 35.84 -51.92 8.92
CA GLY C 168 34.93 -51.42 7.92
C GLY C 168 35.62 -51.20 6.58
N SER C 169 34.88 -51.42 5.51
CA SER C 169 35.44 -51.29 4.17
C SER C 169 34.31 -51.00 3.18
N LYS C 170 34.54 -51.35 1.92
CA LYS C 170 33.60 -51.09 0.84
C LYS C 170 32.50 -52.12 0.72
N ASP C 171 32.60 -53.23 1.45
CA ASP C 171 31.69 -54.35 1.27
C ASP C 171 30.43 -54.27 2.12
N LYS C 172 30.57 -53.97 3.41
CA LYS C 172 29.46 -54.08 4.34
C LYS C 172 29.24 -52.76 5.08
N ILE C 173 27.98 -52.45 5.37
CA ILE C 173 27.58 -51.27 6.13
C ILE C 173 26.52 -51.66 7.14
N PHE C 174 26.65 -51.12 8.35
CA PHE C 174 25.69 -51.36 9.43
C PHE C 174 25.06 -50.05 9.85
N VAL C 175 23.77 -50.08 10.20
CA VAL C 175 23.05 -48.92 10.65
C VAL C 175 22.37 -49.24 11.98
N ASP C 176 22.16 -48.21 12.79
CA ASP C 176 21.54 -48.37 14.10
C ASP C 176 20.03 -48.18 14.08
N TYR C 177 19.46 -47.74 12.96
CA TYR C 177 18.02 -47.55 12.86
C TYR C 177 17.35 -48.91 12.73
N VAL C 178 16.66 -49.33 13.78
CA VAL C 178 15.95 -50.61 13.75
C VAL C 178 14.83 -50.56 12.72
N ASN C 179 13.94 -49.57 12.84
CA ASN C 179 12.74 -49.48 12.01
C ASN C 179 13.02 -48.72 10.71
N ILE C 180 13.92 -49.27 9.90
CA ILE C 180 14.11 -48.74 8.54
C ILE C 180 13.08 -49.29 7.57
N VAL C 181 12.45 -50.42 7.90
CA VAL C 181 11.63 -51.13 6.93
C VAL C 181 10.29 -50.42 6.72
N LYS C 182 9.57 -50.14 7.81
CA LYS C 182 8.27 -49.49 7.70
C LYS C 182 8.37 -48.10 7.08
N VAL C 183 9.54 -47.48 7.11
CA VAL C 183 9.69 -46.06 6.83
C VAL C 183 10.08 -45.80 5.37
N VAL C 184 11.02 -46.57 4.84
CA VAL C 184 11.54 -46.31 3.50
C VAL C 184 10.62 -46.91 2.44
N LYS C 185 10.49 -46.20 1.31
CA LYS C 185 9.78 -46.68 0.13
C LYS C 185 10.79 -47.09 -0.94
N LYS C 186 10.29 -47.41 -2.14
CA LYS C 186 11.18 -47.92 -3.18
C LYS C 186 12.00 -46.80 -3.83
N GLY C 187 11.33 -45.82 -4.43
CA GLY C 187 12.04 -44.79 -5.17
C GLY C 187 12.83 -43.82 -4.32
N ASP C 188 12.72 -43.92 -2.99
CA ASP C 188 13.40 -42.98 -2.12
C ASP C 188 14.91 -43.13 -2.21
N ARG C 189 15.60 -42.05 -1.87
CA ARG C 189 17.06 -42.00 -1.90
C ARG C 189 17.62 -41.87 -0.49
N VAL C 190 18.86 -42.33 -0.33
CA VAL C 190 19.58 -42.35 0.93
C VAL C 190 20.92 -41.66 0.72
N PHE C 191 21.36 -40.87 1.69
CA PHE C 191 22.65 -40.20 1.56
C PHE C 191 23.63 -40.69 2.61
N VAL C 192 24.91 -40.63 2.27
CA VAL C 192 26.00 -40.94 3.20
C VAL C 192 27.07 -39.87 3.06
N ASP C 193 27.59 -39.43 4.21
CA ASP C 193 28.68 -38.48 4.35
C ASP C 193 28.37 -37.11 3.72
N ASP C 194 27.61 -36.29 4.44
CA ASP C 194 27.42 -34.88 4.10
C ASP C 194 26.95 -34.68 2.67
N GLY C 195 26.18 -35.63 2.16
CA GLY C 195 25.68 -35.54 0.80
C GLY C 195 26.65 -35.96 -0.28
N LEU C 196 27.84 -36.46 0.09
CA LEU C 196 28.81 -36.82 -0.93
C LEU C 196 28.39 -38.07 -1.69
N ILE C 197 27.80 -39.05 -1.01
CA ILE C 197 27.39 -40.30 -1.65
C ILE C 197 25.87 -40.43 -1.57
N SER C 198 25.25 -40.86 -2.68
CA SER C 198 23.81 -41.05 -2.74
C SER C 198 23.50 -42.41 -3.33
N LEU C 199 22.52 -43.08 -2.72
CA LEU C 199 22.05 -44.41 -3.08
C LEU C 199 20.54 -44.34 -3.25
N VAL C 200 19.99 -45.31 -3.98
CA VAL C 200 18.53 -45.46 -4.07
C VAL C 200 18.18 -46.89 -3.67
N VAL C 201 17.20 -47.02 -2.78
CA VAL C 201 16.83 -48.33 -2.27
C VAL C 201 16.15 -49.11 -3.39
N ASP C 202 16.73 -50.25 -3.75
CA ASP C 202 16.17 -51.11 -4.80
C ASP C 202 15.15 -52.10 -4.24
N SER C 203 15.55 -52.87 -3.24
CA SER C 203 14.70 -53.92 -2.67
C SER C 203 14.71 -53.83 -1.15
N ILE C 204 13.70 -54.42 -0.54
CA ILE C 204 13.51 -54.39 0.91
C ILE C 204 13.33 -55.81 1.40
N SER C 205 14.14 -56.20 2.39
CA SER C 205 14.04 -57.50 3.04
C SER C 205 13.77 -57.29 4.53
N GLY C 206 13.94 -58.36 5.30
CA GLY C 206 13.70 -58.30 6.73
C GLY C 206 14.61 -57.33 7.47
N ASP C 207 15.91 -57.56 7.39
CA ASP C 207 16.89 -56.75 8.10
C ASP C 207 17.72 -55.87 7.17
N THR C 208 17.54 -55.98 5.86
CA THR C 208 18.48 -55.45 4.89
C THR C 208 17.77 -54.65 3.79
N LEU C 209 18.37 -53.53 3.40
CA LEU C 209 17.98 -52.78 2.22
C LEU C 209 19.00 -53.01 1.11
N THR C 210 18.51 -53.26 -0.10
CA THR C 210 19.37 -53.40 -1.28
C THR C 210 19.33 -52.10 -2.07
N CYS C 211 20.50 -51.57 -2.39
CA CYS C 211 20.60 -50.25 -3.01
C CYS C 211 21.57 -50.28 -4.18
N THR C 212 21.40 -49.29 -5.07
CA THR C 212 22.29 -49.04 -6.19
C THR C 212 22.89 -47.66 -6.01
N VAL C 213 24.15 -47.50 -6.43
CA VAL C 213 24.88 -46.26 -6.18
C VAL C 213 24.51 -45.25 -7.27
N GLU C 214 23.74 -44.23 -6.89
CA GLU C 214 23.43 -43.16 -7.83
C GLU C 214 24.62 -42.22 -8.00
N ASN C 215 25.13 -41.70 -6.89
CA ASN C 215 26.29 -40.82 -6.91
C ASN C 215 27.32 -41.40 -5.95
N GLY C 216 28.55 -41.59 -6.41
CA GLY C 216 29.56 -42.28 -5.65
C GLY C 216 30.75 -41.39 -5.40
N GLY C 217 31.36 -41.54 -4.24
CA GLY C 217 32.48 -40.69 -3.84
C GLY C 217 33.47 -41.42 -2.99
N LEU C 218 33.91 -40.76 -1.92
CA LEU C 218 34.93 -41.28 -1.02
C LEU C 218 34.25 -41.60 0.30
N LEU C 219 33.87 -42.87 0.48
CA LEU C 219 33.29 -43.34 1.73
C LEU C 219 34.31 -43.22 2.86
N GLY C 220 33.93 -42.51 3.92
CA GLY C 220 34.74 -42.32 5.08
C GLY C 220 34.27 -43.13 6.27
N SER C 221 34.69 -42.70 7.45
CA SER C 221 34.43 -43.39 8.70
C SER C 221 33.47 -42.59 9.59
N ARG C 222 32.58 -43.30 10.28
CA ARG C 222 31.60 -42.71 11.18
C ARG C 222 30.82 -41.59 10.49
N LYS C 223 30.00 -41.95 9.51
CA LYS C 223 29.31 -40.94 8.75
C LYS C 223 27.80 -41.03 8.95
N GLY C 224 27.15 -39.88 8.85
CA GLY C 224 25.74 -39.80 9.10
C GLY C 224 24.92 -40.32 7.94
N VAL C 225 23.74 -40.83 8.23
CA VAL C 225 22.82 -41.31 7.20
C VAL C 225 21.51 -40.53 7.35
N ASN C 226 21.24 -39.67 6.39
CA ASN C 226 19.99 -38.91 6.37
C ASN C 226 19.24 -39.19 5.08
N LEU C 227 17.97 -39.51 5.21
CA LEU C 227 17.07 -39.78 4.09
C LEU C 227 16.11 -38.62 3.94
N PRO C 228 16.08 -37.94 2.79
CA PRO C 228 15.27 -36.72 2.67
C PRO C 228 13.78 -36.96 2.80
N GLY C 229 13.05 -36.88 1.68
CA GLY C 229 11.60 -37.06 1.63
C GLY C 229 10.90 -37.74 2.78
N VAL C 230 11.50 -38.79 3.32
CA VAL C 230 10.83 -39.67 4.26
C VAL C 230 10.84 -39.11 5.68
N PRO C 231 9.73 -39.24 6.43
CA PRO C 231 9.75 -38.89 7.86
C PRO C 231 10.15 -40.02 8.80
N VAL C 232 11.23 -39.84 9.55
CA VAL C 232 11.70 -40.87 10.48
C VAL C 232 10.90 -40.78 11.77
N ASP C 233 10.63 -41.93 12.39
CA ASP C 233 9.82 -42.02 13.60
C ASP C 233 10.64 -41.95 14.88
N LEU C 234 11.96 -41.76 14.78
CA LEU C 234 12.84 -41.83 15.93
C LEU C 234 12.41 -40.84 17.02
N PRO C 235 12.64 -41.18 18.29
CA PRO C 235 12.29 -40.26 19.38
C PRO C 235 13.16 -39.02 19.36
N ALA C 236 12.54 -37.87 19.64
CA ALA C 236 13.29 -36.61 19.65
C ALA C 236 14.39 -36.61 20.69
N VAL C 237 14.14 -37.21 21.85
CA VAL C 237 15.11 -37.27 22.94
C VAL C 237 15.46 -38.74 23.17
N SER C 238 16.73 -39.08 22.91
CA SER C 238 17.22 -40.43 23.15
C SER C 238 17.78 -40.52 24.56
N GLU C 239 18.36 -41.67 24.91
CA GLU C 239 18.88 -41.87 26.25
C GLU C 239 20.06 -40.93 26.52
N LYS C 240 21.00 -40.85 25.57
CA LYS C 240 22.11 -39.91 25.72
C LYS C 240 21.59 -38.48 25.83
N ASP C 241 20.57 -38.14 25.04
CA ASP C 241 19.96 -36.82 25.15
C ASP C 241 19.34 -36.60 26.52
N LYS C 242 18.77 -37.65 27.11
CA LYS C 242 18.22 -37.54 28.46
C LYS C 242 19.33 -37.20 29.46
N SER C 243 20.42 -37.97 29.42
CA SER C 243 21.53 -37.71 30.33
C SER C 243 22.11 -36.31 30.12
N ASP C 244 22.20 -35.88 28.87
CA ASP C 244 22.75 -34.56 28.56
C ASP C 244 21.84 -33.44 29.06
N LEU C 245 20.53 -33.61 28.90
CA LEU C 245 19.60 -32.58 29.36
C LEU C 245 19.60 -32.50 30.89
N GLN C 246 19.65 -33.64 31.57
CA GLN C 246 19.74 -33.59 33.03
C GLN C 246 21.03 -32.95 33.50
N PHE C 247 22.15 -33.26 32.83
CA PHE C 247 23.42 -32.61 33.15
C PHE C 247 23.35 -31.11 32.93
N GLY C 248 22.73 -30.67 31.82
CA GLY C 248 22.59 -29.25 31.58
C GLY C 248 21.72 -28.55 32.61
N VAL C 249 20.64 -29.21 33.04
CA VAL C 249 19.81 -28.65 34.09
C VAL C 249 20.60 -28.51 35.38
N GLU C 250 21.39 -29.53 35.73
CA GLU C 250 22.19 -29.46 36.94
C GLU C 250 23.23 -28.34 36.85
N GLN C 251 23.84 -28.17 35.68
CA GLN C 251 24.84 -27.13 35.49
C GLN C 251 24.22 -25.73 35.48
N GLY C 252 22.93 -25.61 35.23
CA GLY C 252 22.29 -24.32 35.15
C GLY C 252 22.47 -23.65 33.80
N VAL C 253 22.25 -24.40 32.72
CA VAL C 253 22.38 -23.84 31.39
C VAL C 253 21.18 -22.94 31.10
N ASP C 254 21.37 -21.97 30.21
CA ASP C 254 20.31 -21.01 29.93
C ASP C 254 19.34 -21.49 28.84
N VAL C 255 19.84 -22.13 27.79
CA VAL C 255 19.05 -22.48 26.62
C VAL C 255 19.52 -23.83 26.09
N ILE C 256 18.58 -24.58 25.48
CA ILE C 256 18.90 -25.81 24.77
C ILE C 256 18.45 -25.67 23.32
N PHE C 257 19.32 -26.08 22.39
CA PHE C 257 18.98 -26.22 20.98
C PHE C 257 18.68 -27.69 20.70
N ALA C 258 17.42 -28.01 20.46
CA ALA C 258 16.99 -29.39 20.28
C ALA C 258 17.00 -29.75 18.80
N SER C 259 17.77 -30.78 18.45
CA SER C 259 17.94 -31.17 17.06
C SER C 259 16.81 -32.11 16.62
N PHE C 260 16.49 -32.03 15.32
CA PHE C 260 15.51 -32.92 14.68
C PHE C 260 14.16 -32.87 15.38
N ILE C 261 13.70 -31.65 15.66
CA ILE C 261 12.39 -31.43 16.26
C ILE C 261 11.32 -31.62 15.20
N ARG C 262 10.53 -32.68 15.33
CA ARG C 262 9.48 -33.01 14.37
C ARG C 262 8.10 -32.55 14.81
N ASN C 263 7.66 -32.95 16.00
CA ASN C 263 6.31 -32.62 16.47
C ASN C 263 6.39 -31.87 17.80
N ALA C 264 5.23 -31.42 18.28
CA ALA C 264 5.15 -30.75 19.57
C ALA C 264 5.21 -31.71 20.75
N ALA C 265 4.90 -32.99 20.53
CA ALA C 265 5.04 -33.96 21.62
C ALA C 265 6.49 -34.06 22.04
N ALA C 266 7.41 -33.79 21.12
CA ALA C 266 8.82 -33.71 21.46
C ALA C 266 9.02 -32.68 22.57
N LEU C 267 8.44 -31.50 22.40
CA LEU C 267 8.61 -30.43 23.38
C LEU C 267 7.89 -30.73 24.68
N LYS C 268 6.75 -31.43 24.61
CA LYS C 268 6.09 -31.89 25.83
C LYS C 268 7.03 -32.82 26.61
N GLU C 269 7.66 -33.76 25.91
CA GLU C 269 8.60 -34.68 26.52
C GLU C 269 9.80 -33.93 27.11
N ILE C 270 10.30 -32.93 26.39
CA ILE C 270 11.45 -32.18 26.87
C ILE C 270 11.10 -31.42 28.14
N ARG C 271 9.92 -30.81 28.18
CA ARG C 271 9.51 -30.13 29.40
C ARG C 271 9.39 -31.10 30.56
N THR C 272 8.79 -32.28 30.31
CA THR C 272 8.65 -33.26 31.38
C THR C 272 10.00 -33.79 31.86
N ILE C 273 10.99 -33.90 30.96
CA ILE C 273 12.29 -34.39 31.36
C ILE C 273 13.10 -33.31 32.07
N LEU C 274 12.94 -32.05 31.67
CA LEU C 274 13.59 -30.94 32.37
C LEU C 274 12.98 -30.73 33.75
N GLY C 275 11.69 -31.03 33.90
CA GLY C 275 11.08 -31.04 35.21
C GLY C 275 11.01 -29.66 35.86
N GLU C 276 10.75 -29.70 37.16
CA GLU C 276 10.62 -28.47 37.94
C GLU C 276 11.90 -27.65 37.90
N LYS C 277 13.04 -28.32 37.91
CA LYS C 277 14.31 -27.61 37.96
C LYS C 277 14.60 -26.86 36.66
N GLY C 278 14.42 -27.52 35.51
CA GLY C 278 14.64 -26.86 34.23
C GLY C 278 13.46 -26.11 33.65
N LYS C 279 12.32 -26.02 34.36
CA LYS C 279 11.14 -25.40 33.78
C LYS C 279 11.43 -24.01 33.18
N ASN C 280 12.31 -23.24 33.81
CA ASN C 280 12.62 -21.90 33.29
C ASN C 280 13.50 -21.92 32.06
N ILE C 281 14.28 -22.99 31.87
CA ILE C 281 15.19 -23.04 30.73
C ILE C 281 14.39 -23.09 29.44
N LYS C 282 14.78 -22.27 28.47
CA LYS C 282 14.06 -22.18 27.21
C LYS C 282 14.59 -23.19 26.21
N ILE C 283 13.67 -23.80 25.46
CA ILE C 283 13.99 -24.81 24.46
C ILE C 283 13.84 -24.20 23.08
N ILE C 284 14.87 -24.32 22.26
CA ILE C 284 14.86 -23.83 20.90
C ILE C 284 14.87 -25.03 19.97
N SER C 285 13.83 -25.14 19.14
CA SER C 285 13.72 -26.27 18.23
C SER C 285 14.51 -26.01 16.96
N LYS C 286 15.23 -27.03 16.49
CA LYS C 286 16.01 -26.94 15.27
C LYS C 286 15.26 -27.66 14.15
N ILE C 287 15.02 -26.94 13.06
CA ILE C 287 14.30 -27.48 11.92
C ILE C 287 15.36 -28.00 10.95
N GLU C 288 15.59 -29.32 10.98
CA GLU C 288 16.66 -29.92 10.21
C GLU C 288 16.19 -30.85 9.09
N ASN C 289 14.93 -31.28 9.09
CA ASN C 289 14.48 -32.25 8.10
C ASN C 289 13.14 -31.81 7.51
N GLN C 290 12.64 -32.61 6.56
CA GLN C 290 11.40 -32.26 5.88
C GLN C 290 10.19 -32.38 6.81
N GLN C 291 10.25 -33.29 7.78
CA GLN C 291 9.12 -33.46 8.68
C GLN C 291 8.93 -32.24 9.57
N GLY C 292 10.03 -31.69 10.10
CA GLY C 292 9.94 -30.47 10.88
C GLY C 292 9.50 -29.27 10.04
N MET C 293 9.94 -29.22 8.79
CA MET C 293 9.53 -28.14 7.90
C MET C 293 8.04 -28.21 7.57
N GLN C 294 7.50 -29.43 7.44
CA GLN C 294 6.12 -29.59 7.00
C GLN C 294 5.14 -29.04 8.03
N ASN C 295 5.33 -29.38 9.31
CA ASN C 295 4.47 -28.88 10.38
C ASN C 295 5.19 -27.81 11.20
N LEU C 296 5.71 -26.79 10.53
CA LEU C 296 6.49 -25.76 11.21
C LEU C 296 5.65 -24.99 12.21
N ASP C 297 4.38 -24.72 11.88
CA ASP C 297 3.55 -23.88 12.74
C ASP C 297 3.32 -24.49 14.11
N ALA C 298 3.04 -25.80 14.16
CA ALA C 298 2.84 -26.45 15.46
C ALA C 298 4.11 -26.38 16.30
N ILE C 299 5.27 -26.59 15.67
CA ILE C 299 6.54 -26.53 16.38
C ILE C 299 6.78 -25.13 16.93
N ILE C 300 6.61 -24.12 16.08
CA ILE C 300 6.86 -22.74 16.49
C ILE C 300 5.91 -22.32 17.60
N ALA C 301 4.66 -22.78 17.55
CA ALA C 301 3.72 -22.50 18.63
C ALA C 301 4.17 -23.15 19.93
N ALA C 302 4.62 -24.41 19.86
CA ALA C 302 5.05 -25.11 21.05
C ALA C 302 6.44 -24.68 21.54
N SER C 303 7.28 -24.14 20.66
CA SER C 303 8.65 -23.83 21.01
C SER C 303 8.78 -22.44 21.64
N ASP C 304 9.91 -22.25 22.34
CA ASP C 304 10.32 -20.92 22.79
C ASP C 304 11.05 -20.16 21.70
N GLY C 305 11.61 -20.88 20.72
CA GLY C 305 12.28 -20.27 19.59
C GLY C 305 12.72 -21.36 18.63
N ILE C 306 13.21 -20.93 17.48
CA ILE C 306 13.56 -21.85 16.41
C ILE C 306 14.93 -21.48 15.84
N MET C 307 15.74 -22.49 15.55
CA MET C 307 16.98 -22.34 14.80
C MET C 307 16.85 -23.07 13.47
N VAL C 308 17.19 -22.40 12.38
CA VAL C 308 17.21 -23.04 11.07
C VAL C 308 18.61 -23.62 10.88
N ALA C 309 18.76 -24.91 11.19
CA ALA C 309 20.04 -25.59 11.08
C ALA C 309 20.23 -26.01 9.64
N ARG C 310 20.81 -25.11 8.85
CA ARG C 310 20.93 -25.34 7.41
C ARG C 310 21.89 -26.49 7.10
N GLY C 311 22.71 -26.92 8.06
CA GLY C 311 23.61 -28.02 7.82
C GLY C 311 22.86 -29.29 7.45
N ASP C 312 22.01 -29.80 8.35
CA ASP C 312 21.21 -30.97 8.03
C ASP C 312 20.11 -30.64 7.02
N LEU C 313 19.58 -29.41 7.05
CA LEU C 313 18.49 -29.04 6.16
C LEU C 313 18.91 -29.09 4.69
N GLY C 314 20.11 -28.59 4.39
CA GLY C 314 20.59 -28.62 3.02
C GLY C 314 20.76 -30.02 2.48
N ILE C 315 21.02 -30.98 3.36
CA ILE C 315 21.07 -32.38 2.95
C ILE C 315 19.66 -32.94 2.77
N GLU C 316 18.76 -32.61 3.70
CA GLU C 316 17.39 -33.11 3.66
C GLU C 316 16.63 -32.62 2.43
N ILE C 317 16.16 -31.38 2.44
CA ILE C 317 15.47 -30.83 1.28
C ILE C 317 16.53 -30.48 0.24
N PRO C 318 16.17 -30.30 -1.04
CA PRO C 318 17.16 -29.89 -2.03
C PRO C 318 17.86 -28.61 -1.60
N ALA C 319 19.18 -28.59 -1.79
CA ALA C 319 19.98 -27.46 -1.31
C ALA C 319 19.52 -26.14 -1.94
N GLU C 320 19.14 -26.19 -3.22
CA GLU C 320 18.72 -24.96 -3.91
C GLU C 320 17.53 -24.30 -3.21
N LYS C 321 16.74 -25.07 -2.47
CA LYS C 321 15.56 -24.56 -1.78
C LYS C 321 15.83 -24.01 -0.39
N VAL C 322 17.04 -24.22 0.16
CA VAL C 322 17.24 -23.95 1.59
C VAL C 322 16.85 -22.52 1.95
N PHE C 323 17.23 -21.55 1.10
CA PHE C 323 16.94 -20.16 1.42
C PHE C 323 15.44 -19.95 1.60
N LEU C 324 14.62 -20.54 0.72
CA LEU C 324 13.17 -20.50 0.89
C LEU C 324 12.82 -20.81 2.34
N ALA C 325 13.28 -21.98 2.81
CA ALA C 325 12.96 -22.40 4.18
C ALA C 325 13.28 -21.29 5.17
N GLN C 326 14.52 -20.80 5.15
CA GLN C 326 14.88 -19.80 6.14
C GLN C 326 14.02 -18.55 5.97
N LYS C 327 13.83 -18.11 4.73
CA LYS C 327 13.05 -16.89 4.52
C LYS C 327 11.60 -17.11 4.93
N SER C 328 11.10 -18.34 4.82
CA SER C 328 9.80 -18.64 5.42
C SER C 328 9.92 -18.69 6.94
N MET C 329 10.85 -19.51 7.43
CA MET C 329 10.89 -19.83 8.85
C MET C 329 11.05 -18.56 9.68
N ILE C 330 12.12 -17.81 9.41
CA ILE C 330 12.35 -16.54 10.09
C ILE C 330 11.09 -15.69 10.08
N ALA C 331 10.49 -15.54 8.90
CA ALA C 331 9.30 -14.70 8.77
C ALA C 331 8.23 -15.13 9.75
N ARG C 332 7.91 -16.43 9.76
CA ARG C 332 6.86 -16.91 10.66
C ARG C 332 7.22 -16.63 12.11
N CYS C 333 8.50 -16.82 12.46
CA CYS C 333 8.93 -16.52 13.82
C CYS C 333 8.67 -15.06 14.16
N ASN C 334 9.00 -14.15 13.23
CA ASN C 334 8.74 -12.74 13.47
C ASN C 334 7.26 -12.48 13.69
N ARG C 335 6.39 -13.23 13.00
CA ARG C 335 4.96 -13.08 13.25
C ARG C 335 4.59 -13.57 14.66
N ALA C 336 5.17 -14.69 15.09
CA ALA C 336 4.78 -15.28 16.36
C ALA C 336 5.35 -14.52 17.55
N GLY C 337 6.45 -13.79 17.36
CA GLY C 337 7.14 -13.17 18.47
C GLY C 337 8.13 -14.06 19.16
N LYS C 338 8.60 -15.10 18.49
CA LYS C 338 9.56 -16.03 19.04
C LYS C 338 10.90 -15.87 18.33
N PRO C 339 12.01 -16.04 19.04
CA PRO C 339 13.33 -15.86 18.42
C PRO C 339 13.59 -16.89 17.31
N VAL C 340 14.33 -16.46 16.30
CA VAL C 340 14.76 -17.33 15.21
C VAL C 340 16.24 -17.11 14.96
N ILE C 341 16.96 -18.19 14.68
CA ILE C 341 18.40 -18.17 14.52
C ILE C 341 18.77 -18.72 13.15
N CYS C 342 19.57 -17.97 12.40
CA CYS C 342 20.15 -18.43 11.15
C CYS C 342 21.55 -18.95 11.44
N ALA C 343 21.84 -20.18 11.02
CA ALA C 343 23.00 -20.90 11.50
C ALA C 343 23.70 -21.63 10.37
N THR C 344 24.88 -22.19 10.72
CA THR C 344 25.68 -23.10 9.90
C THR C 344 26.29 -22.45 8.67
N GLN C 345 27.62 -22.49 8.57
CA GLN C 345 28.36 -22.15 7.36
C GLN C 345 28.21 -20.68 6.97
N MET C 346 28.02 -19.80 7.95
CA MET C 346 27.89 -18.38 7.63
C MET C 346 29.24 -17.78 7.24
N LEU C 347 30.30 -18.08 7.99
CA LEU C 347 31.64 -17.51 7.76
C LEU C 347 32.70 -18.57 7.53
N GLU C 348 32.32 -19.70 6.91
CA GLU C 348 33.20 -20.86 6.80
C GLU C 348 34.62 -20.49 6.36
N SER C 349 34.74 -19.64 5.33
CA SER C 349 36.05 -19.36 4.75
C SER C 349 37.03 -18.80 5.77
N MET C 350 36.53 -18.11 6.79
CA MET C 350 37.40 -17.52 7.80
C MET C 350 38.10 -18.55 8.68
N ILE C 351 37.70 -19.82 8.62
CA ILE C 351 38.42 -20.87 9.33
C ILE C 351 39.86 -20.96 8.85
N LYS C 352 40.07 -20.91 7.53
CA LYS C 352 41.40 -21.05 6.96
C LYS C 352 42.10 -19.72 6.73
N LYS C 353 41.36 -18.69 6.34
CA LYS C 353 41.93 -17.41 5.92
C LYS C 353 41.42 -16.28 6.79
N PRO C 354 42.20 -15.20 6.96
CA PRO C 354 41.80 -14.14 7.90
C PRO C 354 40.60 -13.34 7.45
N ARG C 355 40.31 -13.26 6.16
CA ARG C 355 39.18 -12.46 5.70
C ARG C 355 38.13 -13.32 5.01
N PRO C 356 36.85 -13.00 5.18
CA PRO C 356 35.79 -13.79 4.55
C PRO C 356 35.56 -13.35 3.10
N THR C 357 34.73 -14.13 2.42
CA THR C 357 34.34 -13.83 1.05
C THR C 357 33.12 -12.91 1.01
N ARG C 358 32.86 -12.36 -0.18
CA ARG C 358 31.69 -11.51 -0.36
C ARG C 358 30.40 -12.30 -0.15
N ALA C 359 30.38 -13.57 -0.54
CA ALA C 359 29.17 -14.38 -0.41
C ALA C 359 28.78 -14.57 1.05
N GLU C 360 29.77 -14.71 1.94
CA GLU C 360 29.47 -14.92 3.35
C GLU C 360 28.92 -13.65 4.01
N ILE C 361 29.51 -12.50 3.69
CA ILE C 361 28.97 -11.23 4.17
C ILE C 361 27.55 -11.03 3.65
N SER C 362 27.31 -11.37 2.38
CA SER C 362 25.97 -11.26 1.83
C SER C 362 25.01 -12.19 2.54
N ASP C 363 25.46 -13.40 2.88
CA ASP C 363 24.59 -14.36 3.55
C ASP C 363 24.18 -13.85 4.93
N VAL C 364 25.15 -13.37 5.73
CA VAL C 364 24.80 -12.89 7.05
C VAL C 364 23.92 -11.63 6.97
N ALA C 365 24.24 -10.73 6.04
CA ALA C 365 23.44 -9.51 5.90
C ALA C 365 22.01 -9.84 5.49
N ASN C 366 21.83 -10.77 4.55
CA ASN C 366 20.49 -11.16 4.14
C ASN C 366 19.79 -11.93 5.24
N ALA C 367 20.53 -12.67 6.06
CA ALA C 367 19.93 -13.39 7.17
C ALA C 367 19.31 -12.41 8.16
N ILE C 368 20.04 -11.35 8.51
CA ILE C 368 19.49 -10.39 9.45
C ILE C 368 18.39 -9.55 8.79
N ILE C 369 18.54 -9.21 7.51
CA ILE C 369 17.51 -8.42 6.84
C ILE C 369 16.21 -9.22 6.71
N ASP C 370 16.31 -10.55 6.62
CA ASP C 370 15.10 -11.38 6.61
C ASP C 370 14.32 -11.23 7.90
N GLY C 371 15.00 -10.91 8.99
CA GLY C 371 14.36 -10.69 10.27
C GLY C 371 14.89 -11.61 11.35
N ALA C 372 16.02 -12.26 11.09
CA ALA C 372 16.59 -13.19 12.03
C ALA C 372 17.06 -12.46 13.28
N ASP C 373 16.64 -12.95 14.45
CA ASP C 373 17.02 -12.32 15.70
C ASP C 373 18.50 -12.50 15.97
N CYS C 374 19.04 -13.70 15.74
CA CYS C 374 20.43 -13.99 16.02
C CYS C 374 21.04 -14.75 14.87
N VAL C 375 22.37 -14.63 14.78
CA VAL C 375 23.19 -15.37 13.82
C VAL C 375 24.18 -16.21 14.60
N MET C 376 24.65 -17.28 13.98
CA MET C 376 25.45 -18.28 14.68
C MET C 376 26.68 -18.65 13.88
N LEU C 377 27.75 -18.98 14.61
CA LEU C 377 28.99 -19.48 14.04
C LEU C 377 29.23 -20.88 14.59
N SER C 378 29.61 -21.81 13.70
CA SER C 378 29.82 -23.19 14.11
C SER C 378 31.33 -23.43 14.12
N GLY C 379 31.92 -23.96 13.05
CA GLY C 379 33.35 -24.17 13.03
C GLY C 379 34.18 -22.92 13.08
N GLU C 380 33.58 -21.76 12.77
CA GLU C 380 34.33 -20.51 12.72
C GLU C 380 34.99 -20.18 14.05
N THR C 381 34.23 -20.28 15.15
CA THR C 381 34.78 -19.98 16.46
C THR C 381 35.29 -21.22 17.18
N ALA C 382 34.61 -22.35 17.02
CA ALA C 382 35.00 -23.57 17.71
C ALA C 382 36.29 -24.15 17.12
N LYS C 383 36.24 -24.51 15.85
CA LYS C 383 37.36 -25.15 15.16
C LYS C 383 38.22 -24.16 14.38
N GLY C 384 37.65 -23.01 13.99
CA GLY C 384 38.35 -22.10 13.11
C GLY C 384 39.60 -21.51 13.71
N GLU C 385 40.47 -21.03 12.84
CA GLU C 385 41.74 -20.44 13.26
C GLU C 385 41.62 -18.99 13.69
N TYR C 386 40.64 -18.26 13.18
CA TYR C 386 40.49 -16.82 13.41
C TYR C 386 39.15 -16.49 14.08
N PRO C 387 38.92 -16.95 15.31
CA PRO C 387 37.60 -16.70 15.94
C PRO C 387 37.30 -15.23 16.17
N LEU C 388 38.29 -14.48 16.69
CA LEU C 388 38.07 -13.06 16.99
C LEU C 388 37.68 -12.28 15.75
N GLU C 389 38.38 -12.53 14.64
CA GLU C 389 38.06 -11.84 13.39
C GLU C 389 36.66 -12.20 12.94
N CYS C 390 36.24 -13.45 13.14
CA CYS C 390 34.89 -13.87 12.77
C CYS C 390 33.86 -13.08 13.55
N VAL C 391 34.01 -13.01 14.88
CA VAL C 391 33.02 -12.31 15.69
C VAL C 391 32.99 -10.82 15.34
N LEU C 392 34.16 -10.22 15.11
CA LEU C 392 34.22 -8.80 14.79
C LEU C 392 33.54 -8.50 13.46
N THR C 393 33.91 -9.23 12.40
CA THR C 393 33.30 -8.97 11.10
C THR C 393 31.81 -9.25 11.14
N MET C 394 31.38 -10.23 11.96
CA MET C 394 29.96 -10.49 12.12
C MET C 394 29.24 -9.29 12.71
N ALA C 395 29.81 -8.71 13.77
CA ALA C 395 29.19 -7.53 14.38
C ALA C 395 29.10 -6.38 13.39
N LYS C 396 30.16 -6.13 12.63
CA LYS C 396 30.15 -5.01 11.69
C LYS C 396 29.09 -5.18 10.61
N THR C 397 29.10 -6.33 9.91
CA THR C 397 28.12 -6.53 8.86
C THR C 397 26.71 -6.57 9.42
N CYS C 398 26.57 -7.08 10.66
CA CYS C 398 25.28 -7.07 11.33
C CYS C 398 24.78 -5.65 11.55
N LYS C 399 25.66 -4.75 12.00
CA LYS C 399 25.26 -3.35 12.16
C LYS C 399 24.79 -2.76 10.85
N GLU C 400 25.54 -3.00 9.76
CA GLU C 400 25.15 -2.38 8.50
C GLU C 400 23.80 -2.89 8.00
N ALA C 401 23.63 -4.21 7.95
CA ALA C 401 22.34 -4.75 7.48
C ALA C 401 21.21 -4.37 8.43
N GLU C 402 21.52 -4.21 9.72
CA GLU C 402 20.55 -3.74 10.69
C GLU C 402 20.07 -2.34 10.36
N ALA C 403 21.00 -1.45 9.99
CA ALA C 403 20.63 -0.10 9.60
C ALA C 403 19.83 -0.08 8.30
N ALA C 404 20.10 -1.02 7.39
CA ALA C 404 19.44 -1.01 6.08
C ALA C 404 17.93 -1.24 6.12
N LEU C 405 17.38 -1.69 7.25
CA LEU C 405 15.99 -2.14 7.29
C LEU C 405 15.02 -1.00 6.98
N TRP C 406 13.83 -1.38 6.49
CA TRP C 406 12.74 -0.46 6.19
C TRP C 406 11.74 -0.52 7.35
N HIS C 407 11.99 0.32 8.37
CA HIS C 407 11.27 0.19 9.64
C HIS C 407 9.78 0.46 9.49
N ARG C 408 9.40 1.46 8.69
CA ARG C 408 8.00 1.87 8.63
C ARG C 408 7.11 0.75 8.09
N ASN C 409 7.47 0.19 6.94
CA ASN C 409 6.64 -0.83 6.32
C ASN C 409 6.63 -2.12 7.16
N LEU C 410 7.81 -2.52 7.65
CA LEU C 410 7.88 -3.71 8.49
C LEU C 410 7.06 -3.56 9.76
N PHE C 411 7.13 -2.38 10.39
CA PHE C 411 6.32 -2.11 11.57
C PHE C 411 4.83 -2.19 11.25
N ASN C 412 4.42 -1.58 10.15
CA ASN C 412 3.01 -1.64 9.78
C ASN C 412 2.56 -3.09 9.55
N ASP C 413 3.40 -3.90 8.91
CA ASP C 413 3.05 -5.30 8.67
C ASP C 413 2.93 -6.06 9.99
N LEU C 414 3.89 -5.87 10.89
CA LEU C 414 3.84 -6.56 12.19
C LEU C 414 2.64 -6.09 13.01
N VAL C 415 2.21 -4.85 12.82
CA VAL C 415 1.00 -4.35 13.47
C VAL C 415 -0.23 -5.03 12.88
N ASN C 416 -0.24 -5.21 11.56
CA ASN C 416 -1.40 -5.72 10.85
C ASN C 416 -1.52 -7.25 10.90
N THR C 417 -0.51 -7.97 11.37
CA THR C 417 -0.63 -9.42 11.39
C THR C 417 -1.65 -9.89 12.43
N THR C 418 -1.74 -9.20 13.57
CA THR C 418 -2.66 -9.60 14.63
C THR C 418 -3.96 -8.79 14.54
N PRO C 419 -4.92 -9.18 13.70
CA PRO C 419 -6.09 -8.31 13.47
C PRO C 419 -6.98 -8.14 14.69
N THR C 420 -7.07 -9.14 15.56
CA THR C 420 -8.01 -9.17 16.67
C THR C 420 -7.74 -8.04 17.67
N PRO C 421 -8.54 -7.89 18.72
CA PRO C 421 -8.12 -7.05 19.83
C PRO C 421 -6.84 -7.61 20.44
N LEU C 422 -5.86 -6.74 20.61
CA LEU C 422 -4.55 -7.18 21.08
C LEU C 422 -4.51 -7.26 22.60
N ASP C 423 -3.67 -8.16 23.10
CA ASP C 423 -3.46 -8.34 24.52
C ASP C 423 -3.02 -7.01 25.16
N THR C 424 -3.49 -6.78 26.39
CA THR C 424 -3.22 -5.49 27.04
C THR C 424 -1.72 -5.24 27.17
N ALA C 425 -0.93 -6.30 27.37
CA ALA C 425 0.53 -6.15 27.43
C ALA C 425 1.11 -5.86 26.04
N SER C 426 0.65 -6.60 25.04
CA SER C 426 1.14 -6.41 23.68
C SER C 426 0.77 -5.03 23.16
N SER C 427 -0.38 -4.50 23.59
CA SER C 427 -0.74 -3.13 23.20
C SER C 427 0.26 -2.13 23.75
N ILE C 428 0.68 -2.30 25.01
CA ILE C 428 1.69 -1.43 25.57
C ILE C 428 2.98 -1.55 24.79
N ALA C 429 3.36 -2.78 24.43
CA ALA C 429 4.61 -2.97 23.70
C ALA C 429 4.57 -2.29 22.32
N ILE C 430 3.48 -2.50 21.59
CA ILE C 430 3.37 -1.93 20.24
C ILE C 430 3.31 -0.40 20.31
N ALA C 431 2.61 0.15 21.30
CA ALA C 431 2.55 1.60 21.45
C ALA C 431 3.91 2.18 21.81
N ALA C 432 4.66 1.48 22.66
CA ALA C 432 6.00 1.95 23.00
C ALA C 432 6.92 1.93 21.78
N SER C 433 6.82 0.89 20.95
CA SER C 433 7.62 0.84 19.75
C SER C 433 7.24 1.97 18.79
N GLU C 434 5.93 2.25 18.65
CA GLU C 434 5.50 3.34 17.80
C GLU C 434 5.99 4.69 18.31
N ALA C 435 5.95 4.89 19.64
CA ALA C 435 6.43 6.15 20.20
C ALA C 435 7.92 6.31 19.98
N ALA C 436 8.70 5.25 20.18
CA ALA C 436 10.14 5.32 19.95
C ALA C 436 10.44 5.60 18.49
N ALA C 437 9.66 5.01 17.58
CA ALA C 437 9.88 5.27 16.16
C ALA C 437 9.56 6.72 15.80
N LYS C 438 8.44 7.24 16.32
CA LYS C 438 8.03 8.59 15.94
C LYS C 438 8.94 9.65 16.53
N SER C 439 9.31 9.53 17.80
CA SER C 439 10.16 10.52 18.44
C SER C 439 11.64 10.31 18.14
N ARG C 440 11.99 9.26 17.40
CA ARG C 440 13.38 8.88 17.17
C ARG C 440 14.14 8.80 18.50
N ALA C 441 13.59 7.98 19.39
CA ALA C 441 14.16 7.84 20.72
C ALA C 441 15.53 7.20 20.64
N ALA C 442 16.40 7.61 21.56
CA ALA C 442 17.75 7.05 21.61
C ALA C 442 17.72 5.60 22.09
N ALA C 443 16.75 5.25 22.93
CA ALA C 443 16.60 3.90 23.45
C ALA C 443 15.22 3.80 24.08
N VAL C 444 14.81 2.57 24.40
CA VAL C 444 13.62 2.31 25.19
C VAL C 444 14.05 1.52 26.42
N ILE C 445 13.66 2.00 27.59
CA ILE C 445 14.04 1.38 28.85
C ILE C 445 12.87 0.50 29.31
N VAL C 446 13.15 -0.77 29.55
CA VAL C 446 12.15 -1.73 29.96
C VAL C 446 12.56 -2.29 31.31
N ILE C 447 11.67 -2.21 32.29
CA ILE C 447 11.87 -2.82 33.59
C ILE C 447 10.99 -4.06 33.65
N THR C 448 11.60 -5.21 33.87
CA THR C 448 10.88 -6.46 33.76
C THR C 448 11.44 -7.47 34.74
N THR C 449 10.55 -8.30 35.28
CA THR C 449 10.92 -9.42 36.14
C THR C 449 11.04 -10.73 35.36
N SER C 450 10.01 -11.07 34.59
CA SER C 450 10.04 -12.31 33.81
C SER C 450 10.80 -12.15 32.49
N GLY C 451 10.77 -10.97 31.89
CA GLY C 451 11.42 -10.71 30.63
C GLY C 451 10.50 -10.63 29.42
N ARG C 452 9.23 -11.00 29.58
CA ARG C 452 8.33 -11.12 28.44
C ARG C 452 8.10 -9.78 27.74
N SER C 453 7.91 -8.71 28.51
CA SER C 453 7.60 -7.41 27.92
C SER C 453 8.68 -6.95 26.94
N ALA C 454 9.95 -7.13 27.31
CA ALA C 454 11.03 -6.80 26.39
C ALA C 454 10.97 -7.67 25.14
N HIS C 455 10.53 -8.91 25.27
CA HIS C 455 10.37 -9.77 24.12
C HIS C 455 9.28 -9.24 23.18
N LEU C 456 8.15 -8.79 23.75
CA LEU C 456 7.09 -8.21 22.92
C LEU C 456 7.60 -6.97 22.19
N ILE C 457 8.40 -6.15 22.87
CA ILE C 457 8.93 -4.97 22.21
C ILE C 457 9.92 -5.37 21.11
N SER C 458 10.73 -6.40 21.36
CA SER C 458 11.67 -6.88 20.35
C SER C 458 10.95 -7.41 19.11
N LYS C 459 9.76 -7.99 19.29
CA LYS C 459 9.02 -8.51 18.15
C LYS C 459 8.81 -7.44 17.07
N TYR C 460 8.51 -6.21 17.48
CA TYR C 460 8.17 -5.16 16.54
C TYR C 460 9.37 -4.46 15.92
N ARG C 461 10.59 -4.86 16.29
CA ARG C 461 11.81 -4.42 15.62
C ARG C 461 12.00 -2.91 15.70
N PRO C 462 12.24 -2.35 16.88
CA PRO C 462 12.60 -0.93 16.96
C PRO C 462 14.07 -0.72 16.63
N ARG C 463 14.39 0.48 16.11
CA ARG C 463 15.76 0.79 15.77
C ARG C 463 16.61 1.03 17.01
N CYS C 464 16.05 1.72 18.00
CA CYS C 464 16.82 2.03 19.19
C CYS C 464 16.98 0.79 20.06
N PRO C 465 18.03 0.74 20.89
CA PRO C 465 18.20 -0.40 21.80
C PRO C 465 17.08 -0.47 22.83
N ILE C 466 16.89 -1.68 23.34
CA ILE C 466 15.86 -1.98 24.33
C ILE C 466 16.58 -2.33 25.62
N ILE C 467 16.69 -1.37 26.54
CA ILE C 467 17.45 -1.58 27.77
C ILE C 467 16.51 -2.26 28.77
N ALA C 468 16.71 -3.56 28.95
CA ALA C 468 15.83 -4.37 29.80
C ALA C 468 16.46 -4.52 31.18
N VAL C 469 15.80 -3.98 32.20
CA VAL C 469 16.32 -3.98 33.57
C VAL C 469 15.68 -5.13 34.32
N THR C 470 16.50 -6.01 34.91
CA THR C 470 15.94 -7.17 35.60
C THR C 470 16.82 -7.55 36.79
N ARG C 471 16.17 -7.97 37.86
CA ARG C 471 16.88 -8.53 39.01
C ARG C 471 17.31 -9.97 38.77
N PHE C 472 16.59 -10.71 37.93
CA PHE C 472 16.84 -12.13 37.72
C PHE C 472 17.95 -12.29 36.69
N ALA C 473 19.02 -13.01 37.06
CA ALA C 473 20.16 -13.15 36.16
C ALA C 473 19.82 -13.95 34.92
N GLN C 474 19.11 -15.07 35.08
CA GLN C 474 18.89 -15.97 33.95
C GLN C 474 18.00 -15.36 32.88
N THR C 475 16.99 -14.58 33.29
CA THR C 475 16.14 -13.92 32.32
C THR C 475 16.93 -12.91 31.49
N ALA C 476 17.77 -12.11 32.16
CA ALA C 476 18.64 -11.18 31.45
C ALA C 476 19.58 -11.92 30.51
N ARG C 477 20.12 -13.05 30.95
CA ARG C 477 21.02 -13.84 30.11
C ARG C 477 20.31 -14.33 28.86
N GLN C 478 19.16 -14.98 29.01
CA GLN C 478 18.43 -15.51 27.86
C GLN C 478 17.75 -14.42 27.04
N CYS C 479 17.71 -13.18 27.53
CA CYS C 479 17.19 -12.07 26.73
C CYS C 479 17.99 -11.84 25.46
N HIS C 480 19.25 -12.29 25.43
CA HIS C 480 20.09 -12.08 24.27
C HIS C 480 19.55 -12.74 23.00
N LEU C 481 18.62 -13.70 23.14
CA LEU C 481 18.04 -14.35 21.97
C LEU C 481 17.17 -13.40 21.15
N TYR C 482 16.78 -12.26 21.70
CA TYR C 482 15.88 -11.33 21.05
C TYR C 482 16.66 -10.14 20.54
N ARG C 483 16.28 -9.65 19.35
CA ARG C 483 16.96 -8.50 18.76
C ARG C 483 16.68 -7.25 19.57
N GLY C 484 17.74 -6.48 19.85
CA GLY C 484 17.61 -5.17 20.43
C GLY C 484 17.61 -5.11 21.94
N ILE C 485 17.58 -6.24 22.64
CA ILE C 485 17.54 -6.25 24.09
C ILE C 485 18.97 -6.21 24.63
N LEU C 486 19.30 -5.11 25.31
CA LEU C 486 20.49 -5.05 26.13
C LEU C 486 20.08 -5.36 27.56
N PRO C 487 20.42 -6.52 28.10
CA PRO C 487 20.04 -6.83 29.48
C PRO C 487 20.96 -6.14 30.48
N VAL C 488 20.35 -5.65 31.55
CA VAL C 488 21.09 -5.06 32.66
C VAL C 488 20.56 -5.72 33.94
N ILE C 489 21.49 -6.22 34.74
CA ILE C 489 21.16 -6.96 35.95
C ILE C 489 21.29 -6.02 37.14
N TYR C 490 20.24 -5.97 37.95
CA TYR C 490 20.13 -5.05 39.08
C TYR C 490 20.26 -5.86 40.36
N GLU C 491 21.38 -5.67 41.05
CA GLU C 491 21.70 -6.46 42.23
C GLU C 491 21.16 -5.84 43.52
N GLN C 492 20.95 -4.52 43.53
CA GLN C 492 20.45 -3.83 44.71
C GLN C 492 19.14 -4.44 45.18
N GLN C 493 18.98 -4.55 46.49
CA GLN C 493 17.85 -5.22 47.07
C GLN C 493 16.55 -4.43 46.80
N ALA C 494 15.43 -5.04 47.17
CA ALA C 494 14.11 -4.47 46.99
C ALA C 494 13.80 -3.41 48.05
N LEU C 495 13.55 -2.18 47.60
CA LEU C 495 13.14 -1.13 48.51
C LEU C 495 11.65 -1.27 48.81
N GLU C 496 11.26 -0.82 50.01
CA GLU C 496 9.87 -0.99 50.45
C GLU C 496 8.90 -0.23 49.57
N ASP C 497 9.24 1.02 49.22
CA ASP C 497 8.37 1.83 48.38
C ASP C 497 8.58 1.43 46.92
N TRP C 498 7.53 0.90 46.30
CA TRP C 498 7.64 0.35 44.96
C TRP C 498 7.91 1.42 43.91
N LEU C 499 7.30 2.60 44.08
CA LEU C 499 7.53 3.69 43.13
C LEU C 499 8.97 4.18 43.19
N LYS C 500 9.51 4.35 44.40
CA LYS C 500 10.91 4.72 44.53
C LYS C 500 11.82 3.69 43.86
N ASP C 501 11.48 2.41 43.99
CA ASP C 501 12.33 1.36 43.44
C ASP C 501 12.28 1.35 41.92
N VAL C 502 11.08 1.48 41.34
CA VAL C 502 11.00 1.50 39.88
C VAL C 502 11.69 2.73 39.32
N ASP C 503 11.57 3.88 40.01
CA ASP C 503 12.26 5.07 39.53
C ASP C 503 13.79 4.90 39.65
N ALA C 504 14.24 4.26 40.72
CA ALA C 504 15.68 4.02 40.86
C ALA C 504 16.19 3.10 39.76
N ARG C 505 15.43 2.06 39.41
CA ARG C 505 15.87 1.18 38.33
C ARG C 505 15.86 1.89 36.98
N VAL C 506 14.88 2.76 36.73
CA VAL C 506 14.88 3.50 35.47
C VAL C 506 16.07 4.45 35.42
N GLN C 507 16.40 5.09 36.55
CA GLN C 507 17.58 5.95 36.59
C GLN C 507 18.86 5.14 36.42
N TYR C 508 18.88 3.90 36.92
CA TYR C 508 20.01 3.00 36.69
C TYR C 508 20.14 2.65 35.21
N GLY C 509 19.02 2.43 34.53
CA GLY C 509 19.05 2.26 33.09
C GLY C 509 19.58 3.48 32.37
N MET C 510 19.20 4.67 32.84
CA MET C 510 19.75 5.90 32.29
C MET C 510 21.27 5.95 32.45
N ASP C 511 21.75 5.62 33.64
CA ASP C 511 23.19 5.62 33.88
C ASP C 511 23.91 4.62 32.99
N PHE C 512 23.32 3.42 32.81
CA PHE C 512 23.89 2.44 31.91
C PHE C 512 23.97 2.97 30.48
N GLY C 513 22.88 3.59 30.03
CA GLY C 513 22.87 4.16 28.68
C GLY C 513 23.92 5.24 28.50
N LYS C 514 24.08 6.11 29.50
CA LYS C 514 25.08 7.16 29.39
C LYS C 514 26.50 6.61 29.43
N GLU C 515 26.76 5.63 30.30
CA GLU C 515 28.10 5.05 30.39
C GLU C 515 28.47 4.32 29.10
N ARG C 516 27.56 3.47 28.60
CA ARG C 516 27.87 2.73 27.38
C ARG C 516 27.90 3.63 26.15
N GLY C 517 27.21 4.75 26.18
CA GLY C 517 27.18 5.65 25.05
C GLY C 517 25.98 5.52 24.13
N PHE C 518 24.92 4.84 24.56
CA PHE C 518 23.73 4.74 23.71
C PHE C 518 23.11 6.11 23.48
N LEU C 519 23.08 6.93 24.52
CA LEU C 519 22.37 8.19 24.52
C LEU C 519 23.21 9.23 25.26
N LYS C 520 22.84 10.50 25.07
CA LYS C 520 23.52 11.63 25.66
C LYS C 520 22.46 12.63 26.14
N PRO C 521 22.83 13.67 26.90
CA PRO C 521 21.83 14.64 27.35
C PRO C 521 21.08 15.26 26.17
N GLY C 522 19.76 15.42 26.35
CA GLY C 522 18.90 15.98 25.33
C GLY C 522 18.19 14.96 24.47
N ASN C 523 18.55 13.69 24.56
CA ASN C 523 17.85 12.72 23.73
C ASN C 523 16.58 12.23 24.43
N PRO C 524 15.54 11.93 23.67
CA PRO C 524 14.34 11.32 24.26
C PRO C 524 14.44 9.81 24.29
N VAL C 525 13.82 9.22 25.31
CA VAL C 525 13.78 7.77 25.46
C VAL C 525 12.38 7.37 25.92
N VAL C 526 12.06 6.10 25.70
CA VAL C 526 10.77 5.55 26.12
C VAL C 526 11.00 4.69 27.35
N VAL C 527 10.15 4.87 28.36
CA VAL C 527 10.22 4.10 29.59
C VAL C 527 8.90 3.36 29.78
N VAL C 528 8.99 2.06 30.00
CA VAL C 528 7.83 1.20 30.21
C VAL C 528 7.97 0.52 31.56
N THR C 529 6.94 0.63 32.40
CA THR C 529 6.97 0.09 33.76
C THR C 529 5.73 -0.79 33.92
N GLY C 530 5.00 -0.63 35.01
CA GLY C 530 3.77 -1.39 35.16
C GLY C 530 2.75 -0.68 36.03
N TRP C 531 1.70 -1.39 36.44
CA TRP C 531 0.69 -0.80 37.30
C TRP C 531 0.58 -1.43 38.67
N LYS C 532 1.22 -2.59 38.88
CA LYS C 532 1.20 -3.28 40.16
C LYS C 532 2.53 -4.00 40.33
N GLN C 533 2.95 -4.16 41.59
CA GLN C 533 4.22 -4.82 41.89
C GLN C 533 4.05 -6.33 41.75
N GLY C 534 4.65 -6.89 40.71
CA GLY C 534 4.51 -8.31 40.47
C GLY C 534 5.20 -8.78 39.21
N SER C 535 4.51 -9.62 38.43
CA SER C 535 5.08 -10.16 37.20
C SER C 535 4.37 -9.59 35.97
N GLY C 536 3.70 -10.44 35.21
CA GLY C 536 3.07 -10.04 33.96
C GLY C 536 2.02 -8.96 34.09
N PHE C 537 2.43 -7.77 34.57
CA PHE C 537 1.52 -6.65 34.77
C PHE C 537 2.05 -5.36 34.14
N THR C 538 2.99 -5.48 33.19
CA THR C 538 3.54 -4.37 32.42
C THR C 538 2.48 -3.32 32.08
N ASN C 539 2.92 -2.10 31.77
CA ASN C 539 2.08 -0.95 31.50
C ASN C 539 2.95 0.30 31.42
N THR C 540 2.32 1.45 31.21
CA THR C 540 2.96 2.75 31.21
C THR C 540 3.94 2.93 30.05
N ILE C 541 3.85 4.08 29.38
CA ILE C 541 4.79 4.48 28.35
C ILE C 541 5.08 5.95 28.60
N ARG C 542 6.35 6.31 28.63
CA ARG C 542 6.71 7.69 28.91
C ARG C 542 7.88 8.10 28.04
N ILE C 543 7.88 9.36 27.64
CA ILE C 543 8.99 9.96 26.92
C ILE C 543 9.77 10.81 27.92
N VAL C 544 11.06 10.52 28.05
CA VAL C 544 11.93 11.16 29.03
C VAL C 544 13.20 11.60 28.33
N ASN C 545 13.72 12.77 28.72
CA ASN C 545 14.96 13.28 28.16
C ASN C 545 16.14 12.71 28.96
N VAL C 546 17.30 13.36 28.90
CA VAL C 546 18.48 12.91 29.62
C VAL C 546 19.08 14.10 30.37
N GLU C 547 19.57 13.84 31.57
CA GLU C 547 20.16 14.89 32.40
C GLU C 547 21.70 14.76 32.44
N SER D 39 0.91 12.54 -4.99
CA SER D 39 -0.16 11.56 -5.09
C SER D 39 0.29 10.19 -4.58
N VAL D 40 0.94 10.18 -3.42
CA VAL D 40 1.39 8.93 -2.82
C VAL D 40 0.25 8.24 -2.09
N SER D 41 -0.54 9.00 -1.33
CA SER D 41 -1.59 8.44 -0.49
C SER D 41 -2.93 9.08 -0.85
N HIS D 42 -4.01 8.47 -0.33
CA HIS D 42 -5.35 8.97 -0.62
C HIS D 42 -5.57 10.36 -0.02
N LEU D 43 -5.07 10.58 1.20
CA LEU D 43 -5.16 11.90 1.81
C LEU D 43 -4.40 12.92 0.98
N GLU D 44 -3.18 12.57 0.55
CA GLU D 44 -2.42 13.48 -0.31
C GLU D 44 -3.12 13.70 -1.64
N HIS D 45 -3.84 12.68 -2.14
CA HIS D 45 -4.63 12.87 -3.36
C HIS D 45 -5.72 13.92 -3.14
N MET D 46 -6.49 13.78 -2.07
CA MET D 46 -7.53 14.77 -1.78
C MET D 46 -6.94 16.15 -1.57
N CYS D 47 -5.77 16.23 -0.92
CA CYS D 47 -5.13 17.52 -0.72
C CYS D 47 -4.69 18.15 -2.02
N SER D 48 -4.30 17.34 -3.01
CA SER D 48 -3.74 17.85 -4.26
C SER D 48 -4.81 18.26 -5.26
N LEU D 49 -6.10 18.10 -4.92
CA LEU D 49 -7.17 18.46 -5.83
C LEU D 49 -7.17 19.97 -6.09
N ASP D 50 -7.24 20.34 -7.36
CA ASP D 50 -7.14 21.73 -7.79
C ASP D 50 -8.35 22.06 -8.66
N ILE D 51 -9.09 23.10 -8.28
CA ILE D 51 -10.21 23.54 -9.10
C ILE D 51 -9.72 24.15 -10.41
N ASP D 52 -8.50 24.70 -10.41
CA ASP D 52 -7.95 25.27 -11.63
C ASP D 52 -7.53 24.19 -12.62
N SER D 53 -7.18 23.00 -12.13
CA SER D 53 -6.75 21.93 -13.01
C SER D 53 -7.91 21.51 -13.91
N GLN D 54 -7.72 21.70 -15.22
CA GLN D 54 -8.80 21.46 -16.17
C GLN D 54 -9.00 19.97 -16.40
N THR D 55 -10.26 19.59 -16.56
CA THR D 55 -10.63 18.21 -16.87
C THR D 55 -10.63 18.00 -18.38
N ALA D 56 -10.69 16.73 -18.79
CA ALA D 56 -10.86 16.45 -20.20
C ALA D 56 -12.31 16.73 -20.59
N PHE D 57 -12.51 17.01 -21.88
CA PHE D 57 -13.86 17.37 -22.32
C PHE D 57 -14.81 16.18 -22.21
N VAL D 58 -14.30 14.96 -22.35
CA VAL D 58 -15.17 13.80 -22.38
C VAL D 58 -15.80 13.60 -21.00
N ARG D 59 -17.06 13.21 -21.00
CA ARG D 59 -17.81 12.88 -19.79
C ARG D 59 -18.27 11.43 -19.91
N LEU D 60 -17.74 10.57 -19.03
CA LEU D 60 -17.88 9.12 -19.18
C LEU D 60 -19.18 8.58 -18.59
N SER D 61 -19.64 9.12 -17.48
CA SER D 61 -20.79 8.55 -16.79
C SER D 61 -22.09 8.95 -17.47
N GLY D 62 -23.01 7.99 -17.58
CA GLY D 62 -24.27 8.25 -18.24
C GLY D 62 -25.27 8.97 -17.35
N ILE D 63 -26.16 9.72 -17.99
CA ILE D 63 -27.20 10.50 -17.32
C ILE D 63 -28.55 9.93 -17.73
N ILE D 64 -29.37 9.59 -16.74
CA ILE D 64 -30.70 9.04 -16.96
C ILE D 64 -31.73 10.08 -16.57
N CYS D 65 -32.73 10.29 -17.44
CA CYS D 65 -33.77 11.28 -17.23
C CYS D 65 -35.14 10.61 -17.28
N THR D 66 -35.97 10.88 -16.28
CA THR D 66 -37.35 10.39 -16.27
C THR D 66 -38.23 11.31 -17.10
N ILE D 67 -39.10 10.72 -17.91
CA ILE D 67 -39.94 11.46 -18.84
C ILE D 67 -41.30 11.69 -18.21
N GLY D 68 -41.81 12.91 -18.33
CA GLY D 68 -43.09 13.28 -17.78
C GLY D 68 -43.71 14.43 -18.55
N PRO D 69 -44.70 15.09 -17.96
CA PRO D 69 -45.38 16.19 -18.67
C PRO D 69 -44.45 17.29 -19.12
N ALA D 70 -43.39 17.58 -18.36
CA ALA D 70 -42.46 18.64 -18.74
C ALA D 70 -41.59 18.25 -19.94
N SER D 71 -41.26 16.97 -20.08
CA SER D 71 -40.31 16.51 -21.09
C SER D 71 -40.94 15.78 -22.25
N VAL D 72 -42.25 15.54 -22.24
CA VAL D 72 -42.87 14.70 -23.26
C VAL D 72 -42.84 15.37 -24.64
N ALA D 73 -42.77 16.69 -24.67
CA ALA D 73 -42.79 17.43 -25.93
C ALA D 73 -41.56 17.08 -26.78
N PRO D 74 -41.71 17.05 -28.11
CA PRO D 74 -40.55 16.70 -28.95
C PRO D 74 -39.42 17.70 -28.86
N GLU D 75 -39.72 19.01 -28.78
CA GLU D 75 -38.67 20.01 -28.72
C GLU D 75 -37.86 19.88 -27.42
N MET D 76 -38.57 19.71 -26.30
CA MET D 76 -37.88 19.50 -25.03
C MET D 76 -37.04 18.23 -25.08
N LEU D 77 -37.53 17.19 -25.75
CA LEU D 77 -36.77 15.95 -25.82
C LEU D 77 -35.51 16.09 -26.65
N GLU D 78 -35.60 16.80 -27.78
CA GLU D 78 -34.39 17.04 -28.58
C GLU D 78 -33.40 17.91 -27.83
N LYS D 79 -33.87 18.94 -27.14
CA LYS D 79 -32.97 19.79 -26.37
C LYS D 79 -32.30 19.02 -25.24
N MET D 80 -33.04 18.15 -24.56
CA MET D 80 -32.45 17.30 -23.53
C MET D 80 -31.42 16.35 -24.12
N MET D 81 -31.73 15.79 -25.29
CA MET D 81 -30.81 14.87 -25.95
C MET D 81 -29.49 15.58 -26.29
N ALA D 82 -29.58 16.77 -26.87
CA ALA D 82 -28.38 17.55 -27.17
C ALA D 82 -27.66 18.00 -25.90
N THR D 83 -28.42 18.30 -24.84
CA THR D 83 -27.83 18.75 -23.59
C THR D 83 -27.00 17.65 -22.92
N GLY D 84 -27.36 16.39 -23.14
CA GLY D 84 -26.59 15.30 -22.58
C GLY D 84 -27.40 14.16 -22.03
N MET D 85 -28.72 14.17 -22.28
CA MET D 85 -29.54 13.06 -21.84
C MET D 85 -29.12 11.80 -22.59
N ASN D 86 -28.74 10.77 -21.84
CA ASN D 86 -28.23 9.54 -22.44
C ASN D 86 -29.29 8.46 -22.58
N ILE D 87 -30.18 8.33 -21.62
CA ILE D 87 -31.25 7.33 -21.71
C ILE D 87 -32.49 7.88 -21.01
N ALA D 88 -33.64 7.68 -21.63
CA ALA D 88 -34.91 8.12 -21.05
C ALA D 88 -35.57 6.97 -20.31
N ARG D 89 -36.16 7.30 -19.16
CA ARG D 89 -36.76 6.32 -18.26
C ARG D 89 -38.26 6.52 -18.19
N LEU D 90 -39.01 5.43 -18.35
CA LEU D 90 -40.47 5.46 -18.27
C LEU D 90 -40.91 4.75 -16.99
N ASN D 91 -41.66 5.47 -16.16
CA ASN D 91 -42.16 4.93 -14.90
C ASN D 91 -43.55 4.38 -15.15
N PHE D 92 -43.68 3.05 -15.13
CA PHE D 92 -44.96 2.41 -15.42
C PHE D 92 -45.91 2.42 -14.24
N SER D 93 -45.50 2.93 -13.09
CA SER D 93 -46.40 3.07 -11.95
C SER D 93 -47.51 4.08 -12.21
N HIS D 94 -47.40 4.91 -13.25
CA HIS D 94 -48.43 5.86 -13.63
C HIS D 94 -48.52 5.92 -15.14
N GLY D 95 -49.68 6.33 -15.63
CA GLY D 95 -49.90 6.49 -17.06
C GLY D 95 -50.39 5.22 -17.72
N SER D 96 -51.09 5.41 -18.84
CA SER D 96 -51.66 4.29 -19.57
C SER D 96 -50.71 3.83 -20.66
N HIS D 97 -51.07 2.72 -21.31
CA HIS D 97 -50.27 2.23 -22.42
C HIS D 97 -50.25 3.23 -23.57
N GLU D 98 -51.36 3.93 -23.80
CA GLU D 98 -51.38 4.95 -24.84
C GLU D 98 -50.42 6.09 -24.53
N TYR D 99 -50.38 6.52 -23.28
CA TYR D 99 -49.48 7.61 -22.90
C TYR D 99 -48.02 7.22 -23.14
N HIS D 100 -47.63 6.03 -22.67
CA HIS D 100 -46.25 5.59 -22.84
C HIS D 100 -45.94 5.31 -24.30
N ALA D 101 -46.92 4.85 -25.07
CA ALA D 101 -46.73 4.67 -26.51
C ALA D 101 -46.51 6.01 -27.20
N ASN D 102 -47.25 7.04 -26.79
CA ASN D 102 -47.05 8.38 -27.33
C ASN D 102 -45.66 8.89 -26.95
N THR D 103 -45.22 8.62 -25.72
CA THR D 103 -43.88 9.01 -25.31
C THR D 103 -42.82 8.33 -26.14
N ILE D 104 -42.99 7.03 -26.41
CA ILE D 104 -42.02 6.30 -27.23
C ILE D 104 -42.03 6.82 -28.66
N LYS D 105 -43.21 7.10 -29.22
CA LYS D 105 -43.28 7.66 -30.56
C LYS D 105 -42.58 9.01 -30.62
N ASN D 106 -42.78 9.86 -29.59
CA ASN D 106 -42.12 11.15 -29.55
C ASN D 106 -40.60 11.00 -29.41
N ILE D 107 -40.14 10.04 -28.61
CA ILE D 107 -38.71 9.84 -28.46
C ILE D 107 -38.08 9.34 -29.76
N ARG D 108 -38.78 8.49 -30.50
CA ARG D 108 -38.25 8.02 -31.78
C ARG D 108 -38.20 9.16 -32.79
N GLU D 109 -39.28 9.94 -32.86
CA GLU D 109 -39.28 11.10 -33.73
C GLU D 109 -38.18 12.08 -33.34
N ALA D 110 -37.93 12.23 -32.04
CA ALA D 110 -36.90 13.14 -31.57
C ALA D 110 -35.50 12.65 -31.93
N VAL D 111 -35.24 11.35 -31.81
CA VAL D 111 -33.91 10.84 -32.13
C VAL D 111 -33.66 10.91 -33.63
N ASP D 112 -34.70 10.67 -34.44
CA ASP D 112 -34.52 10.83 -35.89
C ASP D 112 -34.38 12.30 -36.28
N ASN D 113 -35.15 13.19 -35.65
CA ASN D 113 -35.12 14.61 -35.96
C ASN D 113 -33.81 15.26 -35.50
N TYR D 114 -33.21 14.77 -34.42
CA TYR D 114 -31.94 15.30 -33.95
C TYR D 114 -30.82 15.04 -34.96
N SER D 115 -30.93 13.97 -35.75
CA SER D 115 -29.84 13.57 -36.63
C SER D 115 -29.48 14.66 -37.64
N LYS D 116 -29.29 15.88 -37.15
CA LYS D 116 -28.81 17.01 -37.95
C LYS D 116 -27.31 17.20 -37.80
N LYS D 117 -26.60 16.18 -37.36
CA LYS D 117 -25.14 16.16 -37.37
C LYS D 117 -24.71 15.52 -38.70
N GLN D 118 -23.89 16.24 -39.46
CA GLN D 118 -23.55 15.88 -40.84
C GLN D 118 -23.15 14.41 -40.97
N GLY D 119 -24.12 13.57 -41.31
CA GLY D 119 -23.91 12.15 -41.51
C GLY D 119 -23.77 11.33 -40.25
N LYS D 120 -24.26 11.83 -39.11
CA LYS D 120 -24.14 11.10 -37.84
C LYS D 120 -25.48 10.52 -37.38
N PRO D 121 -25.72 9.22 -37.55
CA PRO D 121 -26.94 8.60 -37.00
C PRO D 121 -26.82 8.47 -35.48
N PHE D 122 -27.68 9.19 -34.76
CA PHE D 122 -27.57 9.28 -33.31
C PHE D 122 -28.20 8.07 -32.61
N PRO D 123 -27.43 7.31 -31.81
CA PRO D 123 -28.04 6.24 -31.01
C PRO D 123 -28.58 6.73 -29.67
N LEU D 124 -29.71 6.17 -29.25
CA LEU D 124 -30.32 6.52 -27.97
C LEU D 124 -30.99 5.31 -27.33
N ALA D 125 -30.80 5.14 -26.03
CA ALA D 125 -31.37 4.01 -25.30
C ALA D 125 -32.68 4.41 -24.61
N ILE D 126 -33.60 3.45 -24.54
CA ILE D 126 -34.90 3.64 -23.87
C ILE D 126 -35.02 2.62 -22.75
N ALA D 127 -35.49 3.06 -21.58
CA ALA D 127 -35.58 2.22 -20.39
C ALA D 127 -37.01 2.20 -19.85
N LEU D 128 -37.43 1.02 -19.39
CA LEU D 128 -38.76 0.81 -18.83
C LEU D 128 -38.63 0.48 -17.35
N ASP D 129 -39.31 1.24 -16.50
CA ASP D 129 -39.29 1.03 -15.05
C ASP D 129 -40.66 0.49 -14.64
N THR D 130 -40.67 -0.70 -14.06
CA THR D 130 -41.93 -1.39 -13.76
C THR D 130 -42.58 -0.84 -12.49
N LYS D 131 -43.91 -0.98 -12.44
CA LYS D 131 -44.65 -0.59 -11.24
C LYS D 131 -44.27 -1.45 -10.05
N GLY D 132 -44.14 -2.77 -10.25
CA GLY D 132 -43.67 -3.67 -9.22
C GLY D 132 -44.73 -4.01 -8.19
N PRO D 133 -44.40 -4.97 -7.30
CA PRO D 133 -45.36 -5.40 -6.28
C PRO D 133 -45.47 -4.45 -5.10
N GLU D 134 -46.45 -3.55 -5.12
CA GLU D 134 -46.68 -2.60 -4.05
C GLU D 134 -48.02 -2.85 -3.37
N ILE D 135 -48.14 -2.32 -2.15
CA ILE D 135 -49.33 -2.47 -1.31
C ILE D 135 -49.97 -1.11 -1.17
N ARG D 136 -51.29 -1.04 -1.39
CA ARG D 136 -51.98 0.25 -1.35
C ARG D 136 -53.32 0.15 -0.63
N THR D 137 -53.74 1.29 -0.09
CA THR D 137 -54.98 1.50 0.64
C THR D 137 -56.12 1.91 -0.32
N GLY D 138 -57.32 2.04 0.23
CA GLY D 138 -58.49 2.48 -0.49
C GLY D 138 -58.68 3.98 -0.40
N LEU D 139 -59.92 4.43 -0.63
CA LEU D 139 -60.23 5.86 -0.70
C LEU D 139 -60.65 6.41 0.65
N ILE D 140 -60.26 7.66 0.92
CA ILE D 140 -60.68 8.41 2.09
C ILE D 140 -62.02 9.07 1.77
N GLU D 141 -62.52 9.92 2.67
CA GLU D 141 -63.72 10.70 2.44
C GLU D 141 -63.40 12.18 2.39
N GLY D 142 -62.35 12.55 1.67
CA GLY D 142 -61.87 13.92 1.64
C GLY D 142 -62.78 14.89 0.90
N SER D 143 -63.38 15.82 1.65
CA SER D 143 -64.24 16.84 1.07
C SER D 143 -64.19 18.07 1.97
N GLY D 144 -64.93 19.10 1.58
CA GLY D 144 -64.92 20.37 2.30
C GLY D 144 -63.56 21.03 2.23
N THR D 145 -62.77 20.88 3.30
CA THR D 145 -61.38 21.30 3.26
C THR D 145 -60.56 20.28 2.48
N GLY D 146 -59.49 20.76 1.84
CA GLY D 146 -58.63 19.93 1.01
C GLY D 146 -58.18 18.64 1.67
N GLU D 147 -57.51 18.75 2.81
CA GLU D 147 -56.94 17.61 3.50
C GLU D 147 -57.53 17.48 4.90
N VAL D 148 -57.95 16.27 5.26
CA VAL D 148 -58.41 15.98 6.61
C VAL D 148 -57.20 15.84 7.53
N GLU D 149 -57.41 16.04 8.83
CA GLU D 149 -56.37 15.88 9.83
C GLU D 149 -56.64 14.63 10.65
N LEU D 150 -55.66 13.74 10.72
CA LEU D 150 -55.69 12.58 11.60
C LEU D 150 -54.63 12.76 12.67
N LYS D 151 -55.00 12.46 13.92
CA LYS D 151 -54.18 12.81 15.08
C LYS D 151 -53.46 11.58 15.64
N LYS D 152 -52.38 11.86 16.37
CA LYS D 152 -51.56 10.82 16.98
C LYS D 152 -52.23 10.25 18.22
N GLY D 153 -52.08 8.95 18.42
CA GLY D 153 -52.63 8.28 19.59
C GLY D 153 -53.98 7.63 19.37
N GLU D 154 -54.65 7.90 18.25
CA GLU D 154 -55.89 7.21 17.95
C GLU D 154 -55.61 5.75 17.62
N GLN D 155 -56.67 4.97 17.46
CA GLN D 155 -56.56 3.56 17.18
C GLN D 155 -56.92 3.27 15.74
N ILE D 156 -56.30 2.22 15.18
CA ILE D 156 -56.59 1.83 13.81
C ILE D 156 -56.47 0.32 13.68
N GLN D 157 -57.41 -0.26 12.96
CA GLN D 157 -57.55 -1.70 12.78
C GLN D 157 -57.29 -2.01 11.31
N LEU D 158 -56.18 -2.70 11.05
CA LEU D 158 -55.81 -3.13 9.71
C LEU D 158 -56.51 -4.45 9.41
N THR D 159 -57.36 -4.48 8.40
CA THR D 159 -58.17 -5.64 8.10
C THR D 159 -57.84 -6.17 6.71
N THR D 160 -57.89 -7.50 6.57
CA THR D 160 -57.77 -8.15 5.28
C THR D 160 -59.12 -8.51 4.68
N ASP D 161 -60.20 -8.37 5.45
CA ASP D 161 -61.53 -8.63 4.93
C ASP D 161 -61.87 -7.64 3.83
N LYS D 162 -62.23 -8.17 2.65
CA LYS D 162 -62.44 -7.32 1.50
C LYS D 162 -63.70 -6.45 1.62
N ASP D 163 -64.65 -6.83 2.48
CA ASP D 163 -65.91 -6.09 2.56
C ASP D 163 -65.77 -4.74 3.29
N HIS D 164 -64.56 -4.36 3.67
CA HIS D 164 -64.29 -3.03 4.24
C HIS D 164 -63.45 -2.28 3.22
N LEU D 165 -64.08 -1.46 2.38
CA LEU D 165 -63.31 -0.82 1.31
C LEU D 165 -63.76 0.60 0.99
N GLU D 166 -65.07 0.83 0.88
CA GLU D 166 -65.54 2.12 0.39
C GLU D 166 -65.50 3.21 1.47
N LYS D 167 -65.91 2.88 2.69
CA LYS D 167 -66.13 3.86 3.74
C LYS D 167 -64.89 4.08 4.61
N GLY D 168 -63.71 3.67 4.15
CA GLY D 168 -62.52 3.86 4.96
C GLY D 168 -62.21 5.32 5.18
N SER D 169 -61.65 5.61 6.36
CA SER D 169 -61.32 6.99 6.73
C SER D 169 -60.23 7.03 7.80
N LYS D 170 -60.49 6.41 8.95
CA LYS D 170 -59.54 6.46 10.05
C LYS D 170 -59.75 5.32 11.04
N ASP D 171 -60.97 4.78 11.11
CA ASP D 171 -61.27 3.73 12.07
C ASP D 171 -60.62 2.41 11.67
N LYS D 172 -61.03 1.85 10.53
CA LYS D 172 -60.47 0.61 10.03
C LYS D 172 -59.95 0.82 8.62
N ILE D 173 -58.88 0.12 8.28
CA ILE D 173 -58.14 0.33 7.03
C ILE D 173 -57.86 -1.02 6.39
N PHE D 174 -58.09 -1.12 5.08
CA PHE D 174 -57.92 -2.35 4.34
C PHE D 174 -56.71 -2.24 3.41
N VAL D 175 -56.02 -3.37 3.21
CA VAL D 175 -54.86 -3.46 2.34
C VAL D 175 -55.03 -4.66 1.41
N ASP D 176 -54.32 -4.62 0.28
CA ASP D 176 -54.44 -5.63 -0.75
C ASP D 176 -53.46 -6.78 -0.59
N TYR D 177 -52.47 -6.66 0.29
CA TYR D 177 -51.56 -7.77 0.57
C TYR D 177 -52.30 -8.83 1.38
N VAL D 178 -52.43 -10.03 0.81
CA VAL D 178 -53.18 -11.09 1.46
C VAL D 178 -52.36 -11.74 2.58
N ASN D 179 -51.16 -12.21 2.26
CA ASN D 179 -50.34 -12.96 3.22
C ASN D 179 -49.46 -12.03 4.04
N ILE D 180 -50.11 -11.18 4.83
CA ILE D 180 -49.38 -10.36 5.79
C ILE D 180 -49.14 -11.10 7.10
N VAL D 181 -50.07 -11.97 7.50
CA VAL D 181 -50.01 -12.58 8.83
C VAL D 181 -48.85 -13.57 8.91
N LYS D 182 -48.64 -14.35 7.85
CA LYS D 182 -47.55 -15.32 7.86
C LYS D 182 -46.18 -14.67 7.86
N VAL D 183 -46.10 -13.41 7.43
CA VAL D 183 -44.81 -12.77 7.21
C VAL D 183 -44.45 -11.76 8.30
N VAL D 184 -45.45 -11.13 8.93
CA VAL D 184 -45.23 -10.05 9.90
C VAL D 184 -45.07 -10.62 11.30
N LYS D 185 -44.17 -10.01 12.08
CA LYS D 185 -43.96 -10.35 13.48
C LYS D 185 -44.63 -9.31 14.37
N LYS D 186 -44.36 -9.38 15.68
CA LYS D 186 -45.06 -8.54 16.65
C LYS D 186 -44.72 -7.06 16.52
N GLY D 187 -43.52 -6.68 16.94
CA GLY D 187 -43.13 -5.28 17.01
C GLY D 187 -42.70 -4.66 15.70
N ASP D 188 -43.08 -5.26 14.58
CA ASP D 188 -42.72 -4.72 13.28
C ASP D 188 -43.47 -3.41 13.01
N ARG D 189 -42.88 -2.61 12.15
CA ARG D 189 -43.35 -1.27 11.84
C ARG D 189 -44.01 -1.25 10.47
N VAL D 190 -44.90 -0.28 10.27
CA VAL D 190 -45.63 -0.10 9.02
C VAL D 190 -45.51 1.37 8.63
N PHE D 191 -45.36 1.64 7.34
CA PHE D 191 -45.25 3.01 6.87
C PHE D 191 -46.44 3.38 5.99
N VAL D 192 -46.75 4.68 5.97
CA VAL D 192 -47.77 5.25 5.10
C VAL D 192 -47.23 6.54 4.49
N ASP D 193 -47.52 6.72 3.20
CA ASP D 193 -47.18 7.91 2.42
C ASP D 193 -45.68 8.16 2.36
N ASP D 194 -44.99 7.42 1.47
CA ASP D 194 -43.59 7.68 1.11
C ASP D 194 -42.68 7.72 2.34
N GLY D 195 -43.03 6.95 3.37
CA GLY D 195 -42.22 6.89 4.57
C GLY D 195 -42.41 8.04 5.52
N LEU D 196 -43.32 8.97 5.22
CA LEU D 196 -43.51 10.14 6.06
C LEU D 196 -44.24 9.78 7.36
N ILE D 197 -45.18 8.85 7.30
CA ILE D 197 -46.00 8.49 8.45
C ILE D 197 -45.67 7.06 8.89
N SER D 198 -45.61 6.83 10.20
CA SER D 198 -45.22 5.55 10.75
C SER D 198 -46.19 5.03 11.80
N LEU D 199 -46.49 3.73 11.74
CA LEU D 199 -47.38 3.05 12.66
C LEU D 199 -46.66 1.80 13.17
N VAL D 200 -47.09 1.31 14.33
CA VAL D 200 -46.55 0.07 14.89
C VAL D 200 -47.69 -0.90 15.18
N VAL D 201 -47.52 -2.15 14.72
CA VAL D 201 -48.52 -3.18 14.91
C VAL D 201 -48.54 -3.59 16.38
N ASP D 202 -49.69 -3.43 17.03
CA ASP D 202 -49.83 -3.80 18.44
C ASP D 202 -50.24 -5.26 18.61
N SER D 203 -51.33 -5.69 17.96
CA SER D 203 -51.87 -7.03 18.14
C SER D 203 -52.17 -7.65 16.78
N ILE D 204 -52.40 -8.96 16.80
CA ILE D 204 -52.63 -9.75 15.59
C ILE D 204 -53.76 -10.74 15.86
N SER D 205 -54.76 -10.73 14.99
CA SER D 205 -55.86 -11.70 15.04
C SER D 205 -55.82 -12.56 13.78
N GLY D 206 -56.90 -13.29 13.53
CA GLY D 206 -56.97 -14.16 12.37
C GLY D 206 -56.88 -13.41 11.05
N ASP D 207 -57.86 -12.55 10.79
CA ASP D 207 -57.88 -11.75 9.57
C ASP D 207 -57.34 -10.34 9.79
N THR D 208 -57.40 -9.82 11.01
CA THR D 208 -57.13 -8.41 11.26
C THR D 208 -55.96 -8.25 12.24
N LEU D 209 -55.51 -7.01 12.34
CA LEU D 209 -54.45 -6.58 13.23
C LEU D 209 -54.89 -5.27 13.89
N THR D 210 -54.69 -5.16 15.19
CA THR D 210 -54.94 -3.92 15.92
C THR D 210 -53.61 -3.21 16.10
N CYS D 211 -53.57 -1.91 15.79
CA CYS D 211 -52.28 -1.23 15.79
C CYS D 211 -52.34 0.04 16.62
N THR D 212 -51.16 0.51 17.03
CA THR D 212 -51.00 1.73 17.78
C THR D 212 -50.19 2.73 16.96
N VAL D 213 -50.55 4.00 17.06
CA VAL D 213 -49.95 5.06 16.27
C VAL D 213 -48.70 5.56 16.99
N GLU D 214 -47.52 5.24 16.45
CA GLU D 214 -46.29 5.81 16.97
C GLU D 214 -46.10 7.24 16.49
N ASN D 215 -46.18 7.45 15.19
CA ASN D 215 -46.08 8.76 14.55
C ASN D 215 -47.28 8.92 13.65
N GLY D 216 -48.01 10.03 13.78
CA GLY D 216 -49.29 10.17 13.11
C GLY D 216 -49.32 11.31 12.11
N GLY D 217 -50.04 11.09 11.02
CA GLY D 217 -50.17 12.06 9.94
C GLY D 217 -51.55 11.93 9.36
N LEU D 218 -51.65 12.23 8.06
CA LEU D 218 -52.90 12.16 7.32
C LEU D 218 -52.84 10.97 6.36
N LEU D 219 -53.89 10.14 6.39
CA LEU D 219 -54.01 9.02 5.48
C LEU D 219 -54.75 9.46 4.22
N GLY D 220 -54.13 9.24 3.07
CA GLY D 220 -54.74 9.50 1.79
C GLY D 220 -55.27 8.25 1.13
N SER D 221 -55.44 8.32 -0.18
CA SER D 221 -55.97 7.20 -0.95
C SER D 221 -54.87 6.62 -1.84
N ARG D 222 -54.88 5.29 -1.96
CA ARG D 222 -53.91 4.58 -2.77
C ARG D 222 -52.47 4.98 -2.39
N LYS D 223 -52.09 4.60 -1.17
CA LYS D 223 -50.81 4.97 -0.59
C LYS D 223 -49.95 3.73 -0.40
N GLY D 224 -48.62 3.91 -0.46
CA GLY D 224 -47.74 2.77 -0.39
C GLY D 224 -47.58 2.29 1.04
N VAL D 225 -47.47 0.97 1.18
CA VAL D 225 -47.26 0.32 2.47
C VAL D 225 -46.05 -0.60 2.35
N ASN D 226 -45.02 -0.33 3.14
CA ASN D 226 -43.81 -1.14 3.16
C ASN D 226 -43.60 -1.71 4.56
N LEU D 227 -43.32 -3.02 4.62
CA LEU D 227 -43.07 -3.71 5.86
C LEU D 227 -41.57 -3.93 5.93
N PRO D 228 -40.83 -3.18 6.75
CA PRO D 228 -39.36 -3.22 6.69
C PRO D 228 -38.73 -4.51 7.18
N GLY D 229 -38.94 -4.86 8.44
CA GLY D 229 -38.29 -6.04 9.00
C GLY D 229 -38.53 -7.31 8.20
N VAL D 230 -39.75 -7.49 7.71
CA VAL D 230 -40.17 -8.78 7.15
C VAL D 230 -39.64 -8.98 5.73
N PRO D 231 -39.27 -10.20 5.35
CA PRO D 231 -39.01 -10.51 3.95
C PRO D 231 -40.31 -10.85 3.25
N VAL D 232 -40.69 -10.05 2.26
CA VAL D 232 -42.00 -10.20 1.62
C VAL D 232 -41.97 -11.36 0.64
N ASP D 233 -43.06 -12.14 0.63
CA ASP D 233 -43.18 -13.33 -0.21
C ASP D 233 -43.91 -13.07 -1.52
N LEU D 234 -44.34 -11.84 -1.79
CA LEU D 234 -45.12 -11.57 -2.99
C LEU D 234 -44.35 -11.94 -4.25
N PRO D 235 -45.04 -12.34 -5.31
CA PRO D 235 -44.35 -12.69 -6.56
C PRO D 235 -43.72 -11.45 -7.18
N ALA D 236 -42.50 -11.63 -7.71
CA ALA D 236 -41.78 -10.51 -8.32
C ALA D 236 -42.53 -9.94 -9.51
N VAL D 237 -43.16 -10.81 -10.31
CA VAL D 237 -43.91 -10.39 -11.48
C VAL D 237 -45.37 -10.76 -11.26
N SER D 238 -46.23 -9.75 -11.15
CA SER D 238 -47.66 -9.95 -11.02
C SER D 238 -48.29 -9.95 -12.42
N GLU D 239 -49.61 -9.99 -12.48
CA GLU D 239 -50.30 -10.03 -13.77
C GLU D 239 -50.08 -8.74 -14.55
N LYS D 240 -50.24 -7.60 -13.87
CA LYS D 240 -49.98 -6.31 -14.52
C LYS D 240 -48.53 -6.20 -14.96
N ASP D 241 -47.60 -6.70 -14.14
CA ASP D 241 -46.20 -6.71 -14.55
C ASP D 241 -45.98 -7.56 -15.78
N LYS D 242 -46.70 -8.68 -15.89
CA LYS D 242 -46.60 -9.52 -17.08
C LYS D 242 -47.05 -8.77 -18.33
N SER D 243 -48.24 -8.17 -18.26
CA SER D 243 -48.75 -7.41 -19.41
C SER D 243 -47.82 -6.26 -19.76
N ASP D 244 -47.27 -5.58 -18.75
CA ASP D 244 -46.40 -4.43 -19.00
C ASP D 244 -45.09 -4.86 -19.63
N LEU D 245 -44.51 -5.98 -19.19
CA LEU D 245 -43.27 -6.45 -19.79
C LEU D 245 -43.48 -6.89 -21.23
N GLN D 246 -44.59 -7.57 -21.52
CA GLN D 246 -44.87 -7.93 -22.91
C GLN D 246 -45.11 -6.69 -23.76
N PHE D 247 -45.78 -5.67 -23.19
CA PHE D 247 -45.95 -4.40 -23.90
C PHE D 247 -44.61 -3.76 -24.20
N GLY D 248 -43.68 -3.80 -23.24
CA GLY D 248 -42.36 -3.25 -23.47
C GLY D 248 -41.60 -3.99 -24.56
N VAL D 249 -41.73 -5.32 -24.58
CA VAL D 249 -41.10 -6.10 -25.64
C VAL D 249 -41.67 -5.71 -27.01
N GLU D 250 -42.99 -5.54 -27.09
CA GLU D 250 -43.59 -5.12 -28.35
C GLU D 250 -43.12 -3.73 -28.76
N GLN D 251 -42.97 -2.83 -27.79
CA GLN D 251 -42.50 -1.48 -28.08
C GLN D 251 -41.02 -1.46 -28.47
N GLY D 252 -40.27 -2.50 -28.14
CA GLY D 252 -38.85 -2.55 -28.45
C GLY D 252 -37.98 -1.80 -27.47
N VAL D 253 -38.22 -2.00 -26.18
CA VAL D 253 -37.45 -1.32 -25.14
C VAL D 253 -36.08 -1.97 -25.02
N ASP D 254 -35.10 -1.17 -24.56
CA ASP D 254 -33.72 -1.63 -24.43
C ASP D 254 -33.45 -2.28 -23.08
N VAL D 255 -34.02 -1.75 -22.01
CA VAL D 255 -33.72 -2.17 -20.65
C VAL D 255 -34.99 -2.11 -19.83
N ILE D 256 -35.09 -2.98 -18.83
CA ILE D 256 -36.18 -2.97 -17.85
C ILE D 256 -35.57 -2.77 -16.46
N PHE D 257 -36.18 -1.88 -15.68
CA PHE D 257 -35.85 -1.71 -14.26
C PHE D 257 -36.91 -2.45 -13.45
N ALA D 258 -36.49 -3.55 -12.82
CA ALA D 258 -37.40 -4.42 -12.07
C ALA D 258 -37.36 -4.03 -10.59
N SER D 259 -38.51 -3.67 -10.05
CA SER D 259 -38.61 -3.18 -8.68
C SER D 259 -38.72 -4.34 -7.69
N PHE D 260 -38.19 -4.10 -6.48
CA PHE D 260 -38.29 -5.06 -5.37
C PHE D 260 -37.69 -6.41 -5.74
N ILE D 261 -36.51 -6.39 -6.32
CA ILE D 261 -35.80 -7.61 -6.67
C ILE D 261 -35.21 -8.20 -5.39
N ARG D 262 -35.76 -9.33 -4.95
CA ARG D 262 -35.34 -10.02 -3.74
C ARG D 262 -34.40 -11.19 -4.04
N ASN D 263 -34.79 -12.11 -4.92
CA ASN D 263 -33.97 -13.27 -5.21
C ASN D 263 -33.67 -13.38 -6.71
N ALA D 264 -33.05 -14.48 -7.14
CA ALA D 264 -32.75 -14.68 -8.56
C ALA D 264 -33.91 -15.29 -9.32
N ALA D 265 -34.87 -15.92 -8.63
CA ALA D 265 -36.03 -16.46 -9.34
C ALA D 265 -36.81 -15.34 -10.01
N ALA D 266 -36.74 -14.13 -9.46
CA ALA D 266 -37.34 -12.97 -10.11
C ALA D 266 -36.83 -12.83 -11.54
N LEU D 267 -35.51 -12.84 -11.70
CA LEU D 267 -34.96 -12.68 -13.04
C LEU D 267 -35.20 -13.91 -13.89
N LYS D 268 -35.29 -15.09 -13.28
CA LYS D 268 -35.71 -16.25 -14.08
C LYS D 268 -37.09 -16.01 -14.70
N GLU D 269 -38.03 -15.50 -13.90
CA GLU D 269 -39.36 -15.18 -14.42
C GLU D 269 -39.28 -14.10 -15.50
N ILE D 270 -38.45 -13.08 -15.28
CA ILE D 270 -38.35 -11.99 -16.25
C ILE D 270 -37.77 -12.49 -17.57
N ARG D 271 -36.76 -13.35 -17.52
CA ARG D 271 -36.18 -13.89 -18.75
C ARG D 271 -37.19 -14.77 -19.48
N THR D 272 -37.92 -15.62 -18.75
CA THR D 272 -38.92 -16.45 -19.42
C THR D 272 -40.04 -15.62 -20.01
N ILE D 273 -40.36 -14.47 -19.40
CA ILE D 273 -41.41 -13.64 -19.97
C ILE D 273 -40.90 -12.86 -21.18
N LEU D 274 -39.63 -12.46 -21.18
CA LEU D 274 -39.06 -11.82 -22.37
C LEU D 274 -38.95 -12.81 -23.52
N GLY D 275 -38.73 -14.09 -23.22
CA GLY D 275 -38.80 -15.08 -24.27
C GLY D 275 -37.71 -14.89 -25.32
N GLU D 276 -37.93 -15.53 -26.47
CA GLU D 276 -36.96 -15.49 -27.55
C GLU D 276 -36.75 -14.07 -28.05
N LYS D 277 -37.83 -13.28 -28.14
CA LYS D 277 -37.71 -11.94 -28.70
C LYS D 277 -36.94 -11.01 -27.78
N GLY D 278 -37.27 -10.99 -26.49
CA GLY D 278 -36.57 -10.15 -25.54
C GLY D 278 -35.32 -10.71 -24.92
N LYS D 279 -34.87 -11.92 -25.32
CA LYS D 279 -33.69 -12.51 -24.69
C LYS D 279 -32.49 -11.56 -24.67
N ASN D 280 -32.35 -10.73 -25.70
CA ASN D 280 -31.23 -9.80 -25.76
C ASN D 280 -31.39 -8.63 -24.83
N ILE D 281 -32.62 -8.29 -24.43
CA ILE D 281 -32.86 -7.14 -23.56
C ILE D 281 -32.24 -7.37 -22.20
N LYS D 282 -31.53 -6.37 -21.70
CA LYS D 282 -30.84 -6.46 -20.42
C LYS D 282 -31.75 -5.99 -19.30
N ILE D 283 -31.69 -6.68 -18.17
CA ILE D 283 -32.54 -6.41 -17.01
C ILE D 283 -31.68 -5.79 -15.90
N ILE D 284 -32.13 -4.66 -15.37
CA ILE D 284 -31.48 -4.00 -14.25
C ILE D 284 -32.38 -4.16 -13.03
N SER D 285 -31.84 -4.76 -11.98
CA SER D 285 -32.60 -5.01 -10.76
C SER D 285 -32.56 -3.80 -9.85
N LYS D 286 -33.70 -3.48 -9.23
CA LYS D 286 -33.79 -2.39 -8.28
C LYS D 286 -33.77 -2.99 -6.87
N ILE D 287 -32.82 -2.55 -6.06
CA ILE D 287 -32.66 -3.02 -4.69
C ILE D 287 -33.35 -2.01 -3.79
N GLU D 288 -34.58 -2.32 -3.36
CA GLU D 288 -35.36 -1.39 -2.56
C GLU D 288 -35.61 -1.86 -1.14
N ASN D 289 -35.36 -3.12 -0.80
CA ASN D 289 -35.69 -3.65 0.52
C ASN D 289 -34.51 -4.44 1.08
N GLN D 290 -34.72 -4.94 2.31
CA GLN D 290 -33.66 -5.64 3.03
C GLN D 290 -33.35 -7.00 2.43
N GLN D 291 -34.34 -7.67 1.85
CA GLN D 291 -34.08 -9.02 1.34
C GLN D 291 -33.13 -8.99 0.15
N GLY D 292 -33.32 -8.03 -0.77
CA GLY D 292 -32.39 -7.90 -1.86
C GLY D 292 -30.99 -7.53 -1.41
N MET D 293 -30.90 -6.72 -0.35
CA MET D 293 -29.60 -6.36 0.21
C MET D 293 -28.92 -7.57 0.86
N GLN D 294 -29.70 -8.44 1.49
CA GLN D 294 -29.13 -9.54 2.27
C GLN D 294 -28.40 -10.53 1.39
N ASN D 295 -29.04 -10.98 0.31
CA ASN D 295 -28.40 -11.90 -0.63
C ASN D 295 -28.08 -11.14 -1.91
N LEU D 296 -27.41 -9.99 -1.76
CA LEU D 296 -27.14 -9.12 -2.90
C LEU D 296 -26.22 -9.79 -3.92
N ASP D 297 -25.27 -10.61 -3.45
CA ASP D 297 -24.28 -11.18 -4.36
C ASP D 297 -24.93 -12.10 -5.39
N ALA D 298 -25.89 -12.93 -4.98
CA ALA D 298 -26.57 -13.79 -5.93
C ALA D 298 -27.32 -12.97 -6.97
N ILE D 299 -27.97 -11.89 -6.54
CA ILE D 299 -28.71 -11.04 -7.46
C ILE D 299 -27.76 -10.40 -8.45
N ILE D 300 -26.67 -9.82 -7.95
CA ILE D 300 -25.70 -9.13 -8.80
C ILE D 300 -25.06 -10.09 -9.78
N ALA D 301 -24.78 -11.32 -9.36
CA ALA D 301 -24.24 -12.31 -10.29
C ALA D 301 -25.25 -12.69 -11.35
N ALA D 302 -26.51 -12.92 -10.97
CA ALA D 302 -27.53 -13.34 -11.92
C ALA D 302 -28.07 -12.19 -12.78
N SER D 303 -28.00 -10.95 -12.30
CA SER D 303 -28.58 -9.82 -13.00
C SER D 303 -27.60 -9.24 -14.00
N ASP D 304 -28.13 -8.44 -14.94
CA ASP D 304 -27.28 -7.66 -15.83
C ASP D 304 -26.81 -6.35 -15.19
N GLY D 305 -27.53 -5.85 -14.20
CA GLY D 305 -27.12 -4.65 -13.50
C GLY D 305 -28.09 -4.37 -12.37
N ILE D 306 -27.71 -3.40 -11.54
CA ILE D 306 -28.44 -3.06 -10.33
C ILE D 306 -28.60 -1.55 -10.25
N MET D 307 -29.79 -1.10 -9.82
CA MET D 307 -30.05 0.29 -9.48
C MET D 307 -30.32 0.38 -7.98
N VAL D 308 -29.65 1.32 -7.30
CA VAL D 308 -29.91 1.57 -5.89
C VAL D 308 -31.00 2.63 -5.81
N ALA D 309 -32.24 2.19 -5.65
CA ALA D 309 -33.39 3.07 -5.58
C ALA D 309 -33.50 3.57 -4.15
N ARG D 310 -32.84 4.71 -3.89
CA ARG D 310 -32.76 5.22 -2.53
C ARG D 310 -34.10 5.68 -1.98
N GLY D 311 -35.08 5.94 -2.86
CA GLY D 311 -36.39 6.36 -2.41
C GLY D 311 -37.08 5.35 -1.52
N ASP D 312 -37.37 4.17 -2.07
CA ASP D 312 -38.00 3.12 -1.27
C ASP D 312 -37.03 2.52 -0.26
N LEU D 313 -35.74 2.48 -0.61
CA LEU D 313 -34.76 1.90 0.30
C LEU D 313 -34.66 2.69 1.60
N GLY D 314 -34.69 4.02 1.51
CA GLY D 314 -34.65 4.83 2.71
C GLY D 314 -35.83 4.59 3.62
N ILE D 315 -36.96 4.16 3.05
CA ILE D 315 -38.10 3.77 3.87
C ILE D 315 -37.89 2.40 4.48
N GLU D 316 -37.38 1.45 3.69
CA GLU D 316 -37.16 0.09 4.16
C GLU D 316 -36.11 0.07 5.27
N ILE D 317 -34.84 0.20 4.91
CA ILE D 317 -33.78 0.26 5.92
C ILE D 317 -33.79 1.66 6.52
N PRO D 318 -33.19 1.87 7.68
CA PRO D 318 -33.12 3.23 8.22
C PRO D 318 -32.46 4.18 7.22
N ALA D 319 -33.05 5.37 7.09
CA ALA D 319 -32.57 6.31 6.09
C ALA D 319 -31.11 6.68 6.34
N GLU D 320 -30.73 6.82 7.61
CA GLU D 320 -29.36 7.21 7.93
C GLU D 320 -28.35 6.21 7.39
N LYS D 321 -28.76 4.96 7.18
CA LYS D 321 -27.87 3.92 6.69
C LYS D 321 -27.78 3.85 5.16
N VAL D 322 -28.65 4.55 4.44
CA VAL D 322 -28.80 4.29 2.99
C VAL D 322 -27.46 4.43 2.28
N PHE D 323 -26.67 5.45 2.63
CA PHE D 323 -25.41 5.67 1.93
C PHE D 323 -24.52 4.46 2.03
N LEU D 324 -24.42 3.87 3.23
CA LEU D 324 -23.69 2.62 3.40
C LEU D 324 -24.06 1.65 2.28
N ALA D 325 -25.35 1.35 2.17
CA ALA D 325 -25.83 0.42 1.16
C ALA D 325 -25.30 0.78 -0.21
N GLN D 326 -25.52 2.03 -0.64
CA GLN D 326 -25.12 2.40 -1.98
C GLN D 326 -23.61 2.24 -2.16
N LYS D 327 -22.83 2.68 -1.16
CA LYS D 327 -21.38 2.59 -1.30
C LYS D 327 -20.94 1.13 -1.30
N SER D 328 -21.70 0.26 -0.64
CA SER D 328 -21.47 -1.17 -0.83
C SER D 328 -21.90 -1.59 -2.22
N MET D 329 -23.17 -1.30 -2.56
CA MET D 329 -23.78 -1.84 -3.77
C MET D 329 -22.97 -1.46 -5.00
N ILE D 330 -22.80 -0.15 -5.21
CA ILE D 330 -21.99 0.34 -6.32
C ILE D 330 -20.64 -0.37 -6.35
N ALA D 331 -19.98 -0.42 -5.19
CA ALA D 331 -18.66 -1.03 -5.13
C ALA D 331 -18.72 -2.46 -5.65
N ARG D 332 -19.66 -3.25 -5.15
CA ARG D 332 -19.74 -4.65 -5.59
C ARG D 332 -20.00 -4.71 -7.09
N CYS D 333 -20.84 -3.81 -7.61
CA CYS D 333 -21.07 -3.78 -9.05
C CYS D 333 -19.77 -3.53 -9.80
N ASN D 334 -18.97 -2.57 -9.32
CA ASN D 334 -17.69 -2.30 -9.96
C ASN D 334 -16.80 -3.53 -9.92
N ARG D 335 -16.90 -4.33 -8.85
CA ARG D 335 -16.16 -5.58 -8.80
C ARG D 335 -16.71 -6.58 -9.81
N ALA D 336 -18.03 -6.66 -9.93
CA ALA D 336 -18.63 -7.63 -10.84
C ALA D 336 -18.50 -7.24 -12.29
N GLY D 337 -18.35 -5.94 -12.57
CA GLY D 337 -18.32 -5.45 -13.93
C GLY D 337 -19.68 -5.16 -14.54
N LYS D 338 -20.71 -4.99 -13.71
CA LYS D 338 -22.05 -4.70 -14.18
C LYS D 338 -22.45 -3.28 -13.82
N PRO D 339 -23.23 -2.61 -14.66
CA PRO D 339 -23.60 -1.22 -14.40
C PRO D 339 -24.39 -1.07 -13.11
N VAL D 340 -24.19 0.07 -12.46
CA VAL D 340 -24.91 0.43 -11.24
C VAL D 340 -25.36 1.88 -11.38
N ILE D 341 -26.58 2.15 -10.89
CA ILE D 341 -27.21 3.47 -11.04
C ILE D 341 -27.57 3.99 -9.65
N CYS D 342 -27.15 5.21 -9.36
CA CYS D 342 -27.57 5.93 -8.16
C CYS D 342 -28.72 6.84 -8.54
N ALA D 343 -29.84 6.72 -7.80
CA ALA D 343 -31.09 7.30 -8.26
C ALA D 343 -31.84 7.96 -7.11
N THR D 344 -32.93 8.63 -7.48
CA THR D 344 -33.95 9.22 -6.60
C THR D 344 -33.45 10.40 -5.79
N GLN D 345 -34.10 11.56 -5.96
CA GLN D 345 -33.93 12.72 -5.09
C GLN D 345 -32.51 13.29 -5.15
N MET D 346 -31.83 13.15 -6.30
CA MET D 346 -30.48 13.69 -6.41
C MET D 346 -30.50 15.22 -6.50
N LEU D 347 -31.38 15.77 -7.33
CA LEU D 347 -31.45 17.22 -7.56
C LEU D 347 -32.85 17.79 -7.29
N GLU D 348 -33.56 17.24 -6.31
CA GLU D 348 -34.97 17.58 -6.07
C GLU D 348 -35.26 19.08 -6.09
N SER D 349 -34.42 19.88 -5.42
CA SER D 349 -34.70 21.31 -5.26
C SER D 349 -34.84 22.02 -6.60
N MET D 350 -34.19 21.51 -7.64
CA MET D 350 -34.26 22.12 -8.97
C MET D 350 -35.64 22.05 -9.59
N ILE D 351 -36.55 21.25 -9.02
CA ILE D 351 -37.94 21.25 -9.49
C ILE D 351 -38.55 22.64 -9.34
N LYS D 352 -38.34 23.26 -8.19
CA LYS D 352 -38.93 24.57 -7.91
C LYS D 352 -38.01 25.74 -8.25
N LYS D 353 -36.70 25.58 -8.09
CA LYS D 353 -35.77 26.70 -8.21
C LYS D 353 -34.79 26.47 -9.35
N PRO D 354 -34.30 27.54 -9.97
CA PRO D 354 -33.39 27.38 -11.12
C PRO D 354 -32.03 26.83 -10.74
N ARG D 355 -31.59 26.99 -9.49
CA ARG D 355 -30.28 26.57 -9.06
C ARG D 355 -30.37 25.46 -8.02
N PRO D 356 -29.47 24.48 -8.06
CA PRO D 356 -29.49 23.40 -7.07
C PRO D 356 -28.80 23.82 -5.78
N THR D 357 -28.94 22.97 -4.77
CA THR D 357 -28.26 23.21 -3.51
C THR D 357 -26.87 22.60 -3.52
N ARG D 358 -26.04 23.03 -2.56
CA ARG D 358 -24.70 22.46 -2.45
C ARG D 358 -24.77 20.98 -2.10
N ALA D 359 -25.75 20.59 -1.29
CA ALA D 359 -25.88 19.20 -0.87
C ALA D 359 -26.19 18.30 -2.06
N GLU D 360 -26.99 18.78 -3.01
CA GLU D 360 -27.36 17.96 -4.15
C GLU D 360 -26.19 17.77 -5.11
N ILE D 361 -25.44 18.85 -5.36
CA ILE D 361 -24.22 18.73 -6.16
C ILE D 361 -23.23 17.79 -5.49
N SER D 362 -23.09 17.90 -4.17
CA SER D 362 -22.21 16.98 -3.45
C SER D 362 -22.70 15.55 -3.55
N ASP D 363 -24.02 15.34 -3.52
CA ASP D 363 -24.57 13.99 -3.61
C ASP D 363 -24.25 13.38 -4.96
N VAL D 364 -24.49 14.11 -6.05
CA VAL D 364 -24.22 13.55 -7.37
C VAL D 364 -22.72 13.33 -7.56
N ALA D 365 -21.89 14.27 -7.10
CA ALA D 365 -20.45 14.12 -7.23
C ALA D 365 -19.94 12.91 -6.44
N ASN D 366 -20.45 12.72 -5.22
CA ASN D 366 -20.05 11.57 -4.42
C ASN D 366 -20.60 10.27 -5.00
N ALA D 367 -21.76 10.32 -5.63
CA ALA D 367 -22.30 9.13 -6.27
C ALA D 367 -21.39 8.66 -7.40
N ILE D 368 -20.94 9.60 -8.25
CA ILE D 368 -20.07 9.19 -9.34
C ILE D 368 -18.67 8.84 -8.81
N ILE D 369 -18.19 9.54 -7.79
CA ILE D 369 -16.87 9.21 -7.25
C ILE D 369 -16.89 7.83 -6.60
N ASP D 370 -18.04 7.40 -6.08
CA ASP D 370 -18.16 6.06 -5.53
C ASP D 370 -17.93 4.99 -6.60
N GLY D 371 -18.24 5.31 -7.85
CA GLY D 371 -18.03 4.38 -8.94
C GLY D 371 -19.30 4.09 -9.70
N ALA D 372 -20.33 4.92 -9.49
CA ALA D 372 -21.61 4.69 -10.14
C ALA D 372 -21.49 4.90 -11.65
N ASP D 373 -21.96 3.92 -12.41
CA ASP D 373 -21.88 4.00 -13.86
C ASP D 373 -22.83 5.05 -14.42
N CYS D 374 -24.03 5.14 -13.88
CA CYS D 374 -25.05 6.07 -14.36
C CYS D 374 -25.70 6.78 -13.18
N VAL D 375 -26.22 7.97 -13.46
CA VAL D 375 -27.00 8.75 -12.51
C VAL D 375 -28.38 8.97 -13.09
N MET D 376 -29.37 9.16 -12.21
CA MET D 376 -30.76 9.20 -12.66
C MET D 376 -31.50 10.35 -11.98
N LEU D 377 -32.46 10.92 -12.71
CA LEU D 377 -33.35 11.95 -12.21
C LEU D 377 -34.79 11.46 -12.28
N SER D 378 -35.54 11.70 -11.20
CA SER D 378 -36.92 11.24 -11.14
C SER D 378 -37.82 12.45 -11.33
N GLY D 379 -38.29 13.10 -10.25
CA GLY D 379 -39.15 14.26 -10.38
C GLY D 379 -38.48 15.47 -11.01
N GLU D 380 -37.15 15.50 -11.05
CA GLU D 380 -36.44 16.66 -11.59
C GLU D 380 -36.81 16.89 -13.06
N THR D 381 -36.81 15.83 -13.85
CA THR D 381 -37.13 15.93 -15.27
C THR D 381 -38.62 15.68 -15.57
N ALA D 382 -39.24 14.77 -14.82
CA ALA D 382 -40.64 14.42 -15.09
C ALA D 382 -41.58 15.56 -14.70
N LYS D 383 -41.59 15.92 -13.41
CA LYS D 383 -42.49 16.94 -12.90
C LYS D 383 -41.85 18.33 -12.84
N GLY D 384 -40.53 18.41 -12.76
CA GLY D 384 -39.86 19.67 -12.50
C GLY D 384 -40.05 20.68 -13.61
N GLU D 385 -39.84 21.95 -13.25
CA GLU D 385 -39.97 23.06 -14.19
C GLU D 385 -38.72 23.27 -15.04
N TYR D 386 -37.56 22.81 -14.57
CA TYR D 386 -36.27 23.10 -15.20
C TYR D 386 -35.54 21.84 -15.64
N PRO D 387 -36.08 21.08 -16.59
CA PRO D 387 -35.39 19.83 -17.00
C PRO D 387 -34.02 20.07 -17.64
N LEU D 388 -33.95 21.02 -18.58
CA LEU D 388 -32.70 21.28 -19.30
C LEU D 388 -31.61 21.71 -18.34
N GLU D 389 -31.94 22.59 -17.39
CA GLU D 389 -30.95 23.04 -16.41
C GLU D 389 -30.45 21.89 -15.56
N CYS D 390 -31.34 20.95 -15.21
CA CYS D 390 -30.92 19.77 -14.47
C CYS D 390 -29.90 18.98 -15.27
N VAL D 391 -30.18 18.71 -16.55
CA VAL D 391 -29.23 17.94 -17.35
C VAL D 391 -27.90 18.69 -17.46
N LEU D 392 -27.95 20.02 -17.61
CA LEU D 392 -26.74 20.81 -17.75
C LEU D 392 -25.85 20.70 -16.51
N THR D 393 -26.41 21.01 -15.35
CA THR D 393 -25.62 20.94 -14.13
C THR D 393 -25.15 19.51 -13.85
N MET D 394 -25.96 18.51 -14.23
CA MET D 394 -25.54 17.13 -14.04
C MET D 394 -24.30 16.82 -14.86
N ALA D 395 -24.29 17.23 -16.13
CA ALA D 395 -23.13 17.00 -16.97
C ALA D 395 -21.89 17.69 -16.41
N LYS D 396 -22.05 18.95 -15.96
CA LYS D 396 -20.88 19.69 -15.45
C LYS D 396 -20.30 19.02 -14.21
N THR D 397 -21.14 18.74 -13.21
CA THR D 397 -20.63 18.12 -11.99
C THR D 397 -20.09 16.72 -12.25
N CYS D 398 -20.68 16.00 -13.21
CA CYS D 398 -20.15 14.70 -13.59
C CYS D 398 -18.75 14.82 -14.14
N LYS D 399 -18.51 15.81 -15.02
CA LYS D 399 -17.16 16.02 -15.53
C LYS D 399 -16.18 16.28 -14.41
N GLU D 400 -16.56 17.14 -13.45
CA GLU D 400 -15.63 17.51 -12.39
C GLU D 400 -15.28 16.30 -11.50
N ALA D 401 -16.31 15.61 -11.00
CA ALA D 401 -16.05 14.44 -10.16
C ALA D 401 -15.34 13.33 -10.92
N GLU D 402 -15.56 13.26 -12.23
CA GLU D 402 -14.83 12.31 -13.07
C GLU D 402 -13.35 12.62 -13.09
N ALA D 403 -12.99 13.90 -13.22
CA ALA D 403 -11.59 14.27 -13.20
C ALA D 403 -10.96 14.03 -11.83
N ALA D 404 -11.73 14.19 -10.76
CA ALA D 404 -11.17 14.08 -9.41
C ALA D 404 -10.68 12.66 -9.07
N LEU D 405 -11.03 11.64 -9.85
CA LEU D 405 -10.78 10.26 -9.47
C LEU D 405 -9.29 9.95 -9.34
N TRP D 406 -9.00 8.93 -8.53
CA TRP D 406 -7.64 8.41 -8.32
C TRP D 406 -7.54 7.14 -9.17
N HIS D 407 -7.12 7.32 -10.42
CA HIS D 407 -7.23 6.25 -11.41
C HIS D 407 -6.35 5.04 -11.06
N ARG D 408 -5.12 5.29 -10.60
CA ARG D 408 -4.16 4.20 -10.44
C ARG D 408 -4.62 3.23 -9.36
N ASN D 409 -5.01 3.74 -8.19
CA ASN D 409 -5.39 2.87 -7.07
C ASN D 409 -6.66 2.10 -7.38
N LEU D 410 -7.67 2.76 -7.96
CA LEU D 410 -8.89 2.06 -8.32
C LEU D 410 -8.62 0.98 -9.36
N PHE D 411 -7.77 1.28 -10.35
CA PHE D 411 -7.39 0.27 -11.33
C PHE D 411 -6.67 -0.90 -10.67
N ASN D 412 -5.74 -0.62 -9.76
CA ASN D 412 -5.01 -1.69 -9.07
C ASN D 412 -5.96 -2.57 -8.27
N ASP D 413 -6.94 -1.97 -7.60
CA ASP D 413 -7.93 -2.75 -6.85
C ASP D 413 -8.73 -3.64 -7.79
N LEU D 414 -9.18 -3.07 -8.91
CA LEU D 414 -9.93 -3.86 -9.88
C LEU D 414 -9.09 -4.96 -10.49
N VAL D 415 -7.77 -4.75 -10.59
CA VAL D 415 -6.87 -5.79 -11.10
C VAL D 415 -6.76 -6.93 -10.09
N ASN D 416 -6.62 -6.60 -8.80
CA ASN D 416 -6.40 -7.67 -7.83
C ASN D 416 -7.69 -8.35 -7.40
N THR D 417 -8.86 -7.77 -7.69
CA THR D 417 -10.11 -8.42 -7.34
C THR D 417 -10.42 -9.60 -8.25
N THR D 418 -9.91 -9.57 -9.49
CA THR D 418 -10.24 -10.56 -10.51
C THR D 418 -9.39 -11.82 -10.35
N PRO D 419 -9.97 -13.00 -10.64
CA PRO D 419 -9.31 -14.27 -10.31
C PRO D 419 -7.99 -14.47 -11.05
N THR D 420 -7.24 -15.48 -10.57
CA THR D 420 -5.88 -15.77 -10.99
C THR D 420 -5.81 -16.17 -12.48
N PRO D 421 -6.07 -17.41 -12.94
CA PRO D 421 -6.32 -17.56 -14.38
C PRO D 421 -7.59 -16.82 -14.80
N LEU D 422 -7.48 -16.01 -15.84
CA LEU D 422 -8.59 -15.21 -16.32
C LEU D 422 -8.78 -15.44 -17.81
N ASP D 423 -10.04 -15.33 -18.25
CA ASP D 423 -10.35 -15.46 -19.66
C ASP D 423 -9.56 -14.45 -20.49
N THR D 424 -9.19 -14.87 -21.71
CA THR D 424 -8.34 -14.04 -22.57
C THR D 424 -8.98 -12.70 -22.90
N ALA D 425 -10.32 -12.63 -22.92
CA ALA D 425 -10.98 -11.37 -23.23
C ALA D 425 -10.76 -10.33 -22.13
N SER D 426 -10.93 -10.74 -20.86
CA SER D 426 -10.69 -9.81 -19.77
C SER D 426 -9.22 -9.44 -19.66
N SER D 427 -8.31 -10.36 -20.01
CA SER D 427 -6.89 -10.01 -20.04
C SER D 427 -6.61 -8.97 -21.11
N ILE D 428 -7.22 -9.11 -22.29
CA ILE D 428 -7.08 -8.10 -23.32
C ILE D 428 -7.60 -6.76 -22.83
N ALA D 429 -8.76 -6.77 -22.15
CA ALA D 429 -9.36 -5.53 -21.66
C ALA D 429 -8.46 -4.85 -20.64
N ILE D 430 -7.95 -5.61 -19.67
CA ILE D 430 -7.11 -5.04 -18.63
C ILE D 430 -5.81 -4.51 -19.21
N ALA D 431 -5.23 -5.22 -20.19
CA ALA D 431 -4.02 -4.75 -20.84
C ALA D 431 -4.29 -3.46 -21.62
N ALA D 432 -5.42 -3.38 -22.30
CA ALA D 432 -5.76 -2.17 -23.03
C ALA D 432 -5.95 -0.99 -22.08
N SER D 433 -6.61 -1.22 -20.95
CA SER D 433 -6.79 -0.15 -19.98
C SER D 433 -5.46 0.31 -19.42
N GLU D 434 -4.56 -0.63 -19.09
CA GLU D 434 -3.25 -0.25 -18.58
C GLU D 434 -2.45 0.53 -19.62
N ALA D 435 -2.52 0.10 -20.87
CA ALA D 435 -1.81 0.80 -21.94
C ALA D 435 -2.38 2.21 -22.14
N ALA D 436 -3.71 2.34 -22.12
CA ALA D 436 -4.32 3.65 -22.28
C ALA D 436 -3.95 4.57 -21.13
N ALA D 437 -3.87 4.03 -19.92
CA ALA D 437 -3.47 4.84 -18.78
C ALA D 437 -2.01 5.28 -18.89
N LYS D 438 -1.12 4.37 -19.29
CA LYS D 438 0.29 4.71 -19.32
C LYS D 438 0.62 5.67 -20.46
N SER D 439 0.07 5.43 -21.65
CA SER D 439 0.36 6.28 -22.80
C SER D 439 -0.48 7.55 -22.83
N ARG D 440 -1.41 7.72 -21.88
CA ARG D 440 -2.33 8.85 -21.87
C ARG D 440 -3.03 9.01 -23.22
N ALA D 441 -3.66 7.92 -23.66
CA ALA D 441 -4.31 7.88 -24.96
C ALA D 441 -5.49 8.84 -25.01
N ALA D 442 -5.72 9.41 -26.20
CA ALA D 442 -6.85 10.32 -26.36
C ALA D 442 -8.18 9.58 -26.31
N ALA D 443 -8.20 8.32 -26.74
CA ALA D 443 -9.41 7.49 -26.71
C ALA D 443 -8.99 6.05 -26.94
N VAL D 444 -9.92 5.14 -26.71
CA VAL D 444 -9.74 3.73 -27.06
C VAL D 444 -10.87 3.32 -27.99
N ILE D 445 -10.52 2.73 -29.12
CA ILE D 445 -11.49 2.30 -30.11
C ILE D 445 -11.71 0.79 -29.94
N VAL D 446 -12.98 0.42 -29.74
CA VAL D 446 -13.35 -0.97 -29.50
C VAL D 446 -14.35 -1.38 -30.57
N ILE D 447 -14.07 -2.49 -31.24
CA ILE D 447 -14.96 -3.08 -32.22
C ILE D 447 -15.62 -4.31 -31.61
N THR D 448 -16.94 -4.30 -31.56
CA THR D 448 -17.70 -5.36 -30.90
C THR D 448 -19.06 -5.50 -31.57
N THR D 449 -19.54 -6.73 -31.63
CA THR D 449 -20.89 -7.02 -32.10
C THR D 449 -21.88 -7.15 -30.95
N SER D 450 -21.56 -7.97 -29.94
CA SER D 450 -22.46 -8.13 -28.80
C SER D 450 -22.29 -7.00 -27.80
N GLY D 451 -21.10 -6.44 -27.69
CA GLY D 451 -20.81 -5.36 -26.77
C GLY D 451 -20.04 -5.73 -25.53
N ARG D 452 -19.83 -7.03 -25.28
CA ARG D 452 -19.25 -7.43 -23.99
C ARG D 452 -17.82 -6.93 -23.84
N SER D 453 -17.00 -7.02 -24.89
CA SER D 453 -15.59 -6.62 -24.76
C SER D 453 -15.47 -5.17 -24.30
N ALA D 454 -16.29 -4.28 -24.88
CA ALA D 454 -16.29 -2.89 -24.43
C ALA D 454 -16.76 -2.80 -22.98
N HIS D 455 -17.67 -3.67 -22.56
CA HIS D 455 -18.09 -3.70 -21.16
C HIS D 455 -16.94 -4.09 -20.24
N LEU D 456 -16.15 -5.09 -20.64
CA LEU D 456 -14.97 -5.46 -19.86
C LEU D 456 -14.00 -4.30 -19.77
N ILE D 457 -13.80 -3.57 -20.87
CA ILE D 457 -12.90 -2.43 -20.83
C ILE D 457 -13.45 -1.33 -19.92
N SER D 458 -14.76 -1.09 -19.97
CA SER D 458 -15.39 -0.10 -19.09
C SER D 458 -15.27 -0.48 -17.63
N LYS D 459 -15.28 -1.79 -17.33
CA LYS D 459 -15.14 -2.22 -15.94
C LYS D 459 -13.89 -1.63 -15.29
N TYR D 460 -12.78 -1.57 -16.04
CA TYR D 460 -11.51 -1.14 -15.48
C TYR D 460 -11.35 0.37 -15.44
N ARG D 461 -12.33 1.13 -15.94
CA ARG D 461 -12.41 2.57 -15.74
C ARG D 461 -11.23 3.33 -16.33
N PRO D 462 -11.08 3.39 -17.66
CA PRO D 462 -10.07 4.28 -18.23
C PRO D 462 -10.57 5.72 -18.29
N ARG D 463 -9.62 6.66 -18.26
CA ARG D 463 -9.98 8.07 -18.30
C ARG D 463 -10.46 8.48 -19.69
N CYS D 464 -9.82 7.97 -20.73
CA CYS D 464 -10.17 8.35 -22.09
C CYS D 464 -11.49 7.70 -22.50
N PRO D 465 -12.20 8.29 -23.47
CA PRO D 465 -13.45 7.70 -23.93
C PRO D 465 -13.23 6.35 -24.62
N ILE D 466 -14.28 5.54 -24.61
CA ILE D 466 -14.27 4.21 -25.21
C ILE D 466 -15.23 4.26 -26.39
N ILE D 467 -14.69 4.44 -27.60
CA ILE D 467 -15.50 4.59 -28.80
C ILE D 467 -15.78 3.19 -29.32
N ALA D 468 -17.00 2.69 -29.06
CA ALA D 468 -17.37 1.32 -29.41
C ALA D 468 -18.17 1.33 -30.71
N VAL D 469 -17.62 0.70 -31.74
CA VAL D 469 -18.22 0.68 -33.08
C VAL D 469 -18.99 -0.63 -33.26
N THR D 470 -20.27 -0.53 -33.61
CA THR D 470 -21.11 -1.71 -33.76
C THR D 470 -22.12 -1.49 -34.87
N ARG D 471 -22.45 -2.57 -35.59
CA ARG D 471 -23.50 -2.50 -36.61
C ARG D 471 -24.90 -2.52 -36.00
N PHE D 472 -25.10 -3.17 -34.86
CA PHE D 472 -26.43 -3.33 -34.28
C PHE D 472 -26.77 -2.12 -33.41
N ALA D 473 -27.93 -1.51 -33.68
CA ALA D 473 -28.33 -0.31 -32.96
C ALA D 473 -28.57 -0.58 -31.47
N GLN D 474 -29.27 -1.67 -31.14
CA GLN D 474 -29.69 -1.90 -29.76
C GLN D 474 -28.50 -2.12 -28.84
N THR D 475 -27.45 -2.79 -29.31
CA THR D 475 -26.26 -2.95 -28.50
C THR D 475 -25.62 -1.59 -28.19
N ALA D 476 -25.53 -0.74 -29.21
CA ALA D 476 -25.03 0.62 -28.99
C ALA D 476 -25.89 1.37 -27.99
N ARG D 477 -27.21 1.19 -28.08
CA ARG D 477 -28.13 1.82 -27.15
C ARG D 477 -27.86 1.38 -25.72
N GLN D 478 -27.84 0.06 -25.49
CA GLN D 478 -27.64 -0.44 -24.14
C GLN D 478 -26.23 -0.24 -23.62
N CYS D 479 -25.27 0.11 -24.49
CA CYS D 479 -23.94 0.44 -24.01
C CYS D 479 -23.91 1.65 -23.09
N HIS D 480 -24.90 2.54 -23.17
CA HIS D 480 -24.91 3.74 -22.33
C HIS D 480 -25.02 3.41 -20.84
N LEU D 481 -25.43 2.20 -20.49
CA LEU D 481 -25.48 1.82 -19.09
C LEU D 481 -24.11 1.72 -18.46
N TYR D 482 -23.05 1.65 -19.28
CA TYR D 482 -21.69 1.47 -18.80
C TYR D 482 -20.94 2.79 -18.89
N ARG D 483 -20.10 3.05 -17.88
CA ARG D 483 -19.34 4.29 -17.85
C ARG D 483 -18.30 4.32 -18.96
N GLY D 484 -18.24 5.43 -19.69
CA GLY D 484 -17.18 5.68 -20.64
C GLY D 484 -17.39 5.20 -22.05
N ILE D 485 -18.47 4.46 -22.33
CA ILE D 485 -18.72 3.95 -23.67
C ILE D 485 -19.48 4.99 -24.47
N LEU D 486 -18.84 5.50 -25.53
CA LEU D 486 -19.54 6.25 -26.56
C LEU D 486 -19.89 5.29 -27.68
N PRO D 487 -21.16 4.95 -27.86
CA PRO D 487 -21.53 4.02 -28.93
C PRO D 487 -21.55 4.71 -30.28
N VAL D 488 -21.06 4.01 -31.29
CA VAL D 488 -21.05 4.48 -32.67
C VAL D 488 -21.65 3.38 -33.53
N ILE D 489 -22.65 3.74 -34.33
CA ILE D 489 -23.34 2.78 -35.20
C ILE D 489 -22.80 2.94 -36.62
N TYR D 490 -22.38 1.82 -37.21
CA TYR D 490 -21.74 1.78 -38.52
C TYR D 490 -22.70 1.13 -39.51
N GLU D 491 -23.17 1.93 -40.47
CA GLU D 491 -24.22 1.48 -41.38
C GLU D 491 -23.68 0.73 -42.59
N GLN D 492 -22.44 1.00 -42.99
CA GLN D 492 -21.87 0.34 -44.17
C GLN D 492 -21.93 -1.17 -44.02
N GLN D 493 -22.24 -1.84 -45.13
CA GLN D 493 -22.44 -3.27 -45.18
C GLN D 493 -21.15 -4.06 -45.11
N ALA D 494 -21.28 -5.31 -44.65
CA ALA D 494 -20.24 -6.33 -44.59
C ALA D 494 -19.36 -6.40 -45.84
N LEU D 495 -18.10 -6.00 -45.73
CA LEU D 495 -17.19 -6.14 -46.87
C LEU D 495 -16.64 -7.57 -46.91
N GLU D 496 -16.31 -8.03 -48.11
CA GLU D 496 -15.86 -9.41 -48.29
C GLU D 496 -14.56 -9.67 -47.54
N ASP D 497 -13.60 -8.75 -47.64
CA ASP D 497 -12.34 -8.89 -46.94
C ASP D 497 -12.49 -8.45 -45.49
N TRP D 498 -11.96 -9.26 -44.57
CA TRP D 498 -12.17 -9.03 -43.14
C TRP D 498 -11.35 -7.84 -42.64
N LEU D 499 -10.06 -7.84 -42.94
CA LEU D 499 -9.17 -6.79 -42.43
C LEU D 499 -9.58 -5.42 -42.94
N LYS D 500 -10.01 -5.33 -44.21
CA LYS D 500 -10.46 -4.05 -44.73
C LYS D 500 -11.72 -3.57 -44.01
N ASP D 501 -12.62 -4.49 -43.67
CA ASP D 501 -13.84 -4.10 -42.96
C ASP D 501 -13.52 -3.60 -41.55
N VAL D 502 -12.63 -4.30 -40.84
CA VAL D 502 -12.28 -3.87 -39.49
C VAL D 502 -11.54 -2.54 -39.53
N ASP D 503 -10.68 -2.33 -40.53
CA ASP D 503 -9.97 -1.07 -40.66
C ASP D 503 -10.92 0.07 -41.02
N ALA D 504 -11.91 -0.19 -41.86
CA ALA D 504 -12.90 0.84 -42.18
C ALA D 504 -13.69 1.25 -40.96
N ARG D 505 -14.07 0.27 -40.12
CA ARG D 505 -14.82 0.61 -38.91
C ARG D 505 -13.95 1.40 -37.93
N VAL D 506 -12.67 1.04 -37.80
CA VAL D 506 -11.78 1.79 -36.91
C VAL D 506 -11.54 3.20 -37.45
N GLN D 507 -11.40 3.35 -38.76
CA GLN D 507 -11.22 4.68 -39.33
C GLN D 507 -12.48 5.53 -39.19
N TYR D 508 -13.66 4.92 -39.25
CA TYR D 508 -14.86 5.69 -38.97
C TYR D 508 -14.90 6.12 -37.51
N GLY D 509 -14.43 5.27 -36.60
CA GLY D 509 -14.29 5.70 -35.22
C GLY D 509 -13.33 6.87 -35.08
N MET D 510 -12.23 6.85 -35.84
CA MET D 510 -11.29 7.96 -35.88
C MET D 510 -11.99 9.24 -36.34
N ASP D 511 -12.78 9.13 -37.42
CA ASP D 511 -13.50 10.28 -37.93
C ASP D 511 -14.50 10.80 -36.91
N PHE D 512 -15.19 9.90 -36.21
CA PHE D 512 -16.09 10.31 -35.14
C PHE D 512 -15.35 11.08 -34.05
N GLY D 513 -14.18 10.57 -33.65
CA GLY D 513 -13.40 11.27 -32.64
C GLY D 513 -13.00 12.66 -33.09
N LYS D 514 -12.63 12.80 -34.38
CA LYS D 514 -12.27 14.11 -34.90
C LYS D 514 -13.48 15.02 -34.97
N GLU D 515 -14.64 14.48 -35.34
CA GLU D 515 -15.87 15.28 -35.41
C GLU D 515 -16.24 15.82 -34.03
N ARG D 516 -16.20 14.95 -33.01
CA ARG D 516 -16.53 15.39 -31.67
C ARG D 516 -15.46 16.30 -31.09
N GLY D 517 -14.22 16.18 -31.56
CA GLY D 517 -13.14 16.97 -31.03
C GLY D 517 -12.30 16.28 -29.99
N PHE D 518 -12.41 14.96 -29.85
CA PHE D 518 -11.64 14.22 -28.84
C PHE D 518 -10.14 14.28 -29.12
N LEU D 519 -9.75 14.16 -30.39
CA LEU D 519 -8.35 13.97 -30.73
C LEU D 519 -7.98 14.78 -31.96
N LYS D 520 -6.67 14.89 -32.17
CA LYS D 520 -6.04 15.59 -33.30
C LYS D 520 -4.87 14.75 -33.76
N PRO D 521 -4.25 15.05 -34.92
CA PRO D 521 -3.10 14.26 -35.36
C PRO D 521 -1.97 14.27 -34.34
N GLY D 522 -1.32 13.12 -34.17
CA GLY D 522 -0.25 12.96 -33.23
C GLY D 522 -0.64 12.34 -31.90
N ASN D 523 -1.96 12.19 -31.63
CA ASN D 523 -2.39 11.59 -30.37
C ASN D 523 -2.42 10.06 -30.49
N PRO D 524 -2.11 9.35 -29.41
CA PRO D 524 -2.24 7.89 -29.42
C PRO D 524 -3.62 7.43 -28.97
N VAL D 525 -4.05 6.30 -29.55
CA VAL D 525 -5.31 5.66 -29.21
C VAL D 525 -5.08 4.15 -29.19
N VAL D 526 -5.97 3.45 -28.49
CA VAL D 526 -5.93 1.99 -28.40
C VAL D 526 -7.01 1.44 -29.30
N VAL D 527 -6.67 0.44 -30.11
CA VAL D 527 -7.61 -0.25 -30.97
C VAL D 527 -7.55 -1.72 -30.59
N VAL D 528 -8.71 -2.30 -30.30
CA VAL D 528 -8.81 -3.71 -29.91
C VAL D 528 -9.69 -4.42 -30.91
N THR D 529 -9.13 -5.43 -31.57
CA THR D 529 -9.86 -6.22 -32.56
C THR D 529 -9.60 -7.70 -32.29
N GLY D 530 -9.59 -8.53 -33.33
CA GLY D 530 -9.33 -9.93 -33.13
C GLY D 530 -9.51 -10.73 -34.40
N TRP D 531 -9.68 -12.03 -34.22
CA TRP D 531 -9.93 -12.98 -35.30
C TRP D 531 -11.36 -13.50 -35.19
N LYS D 532 -11.80 -14.16 -36.26
CA LYS D 532 -13.15 -14.71 -36.43
C LYS D 532 -14.15 -13.59 -36.74
N PHE D 537 -15.26 -13.19 -30.01
CA PHE D 537 -13.89 -13.63 -29.79
C PHE D 537 -12.87 -12.55 -30.17
N THR D 538 -12.51 -11.71 -29.20
CA THR D 538 -11.54 -10.65 -29.37
C THR D 538 -10.21 -11.05 -28.74
N ASN D 539 -9.10 -10.77 -29.43
CA ASN D 539 -7.80 -11.15 -28.90
C ASN D 539 -6.64 -10.40 -29.52
N THR D 540 -6.89 -9.21 -30.05
CA THR D 540 -5.83 -8.38 -30.61
C THR D 540 -5.96 -7.00 -30.00
N ILE D 541 -4.83 -6.47 -29.55
CA ILE D 541 -4.79 -5.13 -28.98
C ILE D 541 -3.57 -4.43 -29.53
N ARG D 542 -3.76 -3.21 -30.02
CA ARG D 542 -2.68 -2.46 -30.64
C ARG D 542 -2.81 -0.98 -30.30
N ILE D 543 -1.67 -0.31 -30.26
CA ILE D 543 -1.59 1.14 -30.08
C ILE D 543 -1.33 1.78 -31.43
N VAL D 544 -2.19 2.71 -31.83
CA VAL D 544 -2.07 3.40 -33.11
C VAL D 544 -2.25 4.89 -32.84
N ASN D 545 -1.45 5.72 -33.51
CA ASN D 545 -1.63 7.16 -33.33
C ASN D 545 -2.65 7.68 -34.33
N VAL D 546 -2.88 8.98 -34.32
CA VAL D 546 -3.90 9.60 -35.16
C VAL D 546 -3.30 9.91 -36.53
N GLU D 547 -4.03 9.57 -37.58
CA GLU D 547 -3.60 9.84 -38.95
C GLU D 547 -3.59 11.34 -39.21
P1 FBP E . 11.49 -6.93 -39.55
O1P FBP E . 10.43 -7.77 -40.22
O2P FBP E . 11.77 -5.68 -40.36
O3P FBP E . 12.76 -7.73 -39.40
O1 FBP E . 10.96 -6.49 -38.09
C1 FBP E . 9.59 -6.60 -37.75
C2 FBP E . 9.37 -5.89 -36.42
O2 FBP E . 8.69 -6.78 -35.51
C3 FBP E . 8.52 -4.65 -36.62
O3 FBP E . 7.49 -4.66 -35.66
C4 FBP E . 9.43 -3.48 -36.33
O4 FBP E . 9.74 -2.82 -37.54
C5 FBP E . 10.69 -4.09 -35.75
O5 FBP E . 10.60 -5.49 -35.87
C6 FBP E . 10.83 -3.73 -34.26
O6 FBP E . 11.97 -2.95 -34.02
P2 FBP E . 12.79 -3.14 -32.65
O4P FBP E . 13.48 -4.48 -32.70
O5P FBP E . 13.82 -2.03 -32.52
O6P FBP E . 11.84 -3.08 -31.47
P1 FBP F . -2.51 20.37 36.24
O1P FBP F . -1.12 20.89 36.51
O2P FBP F . -3.48 21.51 36.08
O3P FBP F . -2.94 19.46 37.37
O1 FBP F . -2.46 19.52 34.88
C1 FBP F . -1.83 18.26 34.92
C2 FBP F . -1.31 17.88 33.53
O2 FBP F . -1.48 16.45 33.35
C3 FBP F . 0.18 18.23 33.46
O3 FBP F . 0.98 17.11 33.72
C4 FBP F . 0.36 18.75 32.05
O4 FBP F . 1.26 19.83 32.05
C5 FBP F . -1.02 19.23 31.64
O5 FBP F . -1.96 18.58 32.48
C6 FBP F . -1.30 18.96 30.15
O6 FBP F . -1.32 20.19 29.46
P2 FBP F . -2.12 20.38 28.07
O4P FBP F . -2.71 19.05 27.70
O5P FBP F . -3.20 21.41 28.26
O6P FBP F . -1.20 20.81 26.95
P1 FBP G . 9.57 -5.79 40.53
O1P FBP G . 8.47 -6.62 41.15
O2P FBP G . 10.87 -6.57 40.51
O3P FBP G . 9.75 -4.52 41.33
O1 FBP G . 9.13 -5.42 39.04
C1 FBP G . 8.02 -4.57 38.85
C2 FBP G . 7.64 -4.47 37.38
O2 FBP G . 8.17 -3.25 36.81
C3 FBP G . 6.13 -4.49 37.25
O3 FBP G . 5.64 -3.20 36.95
C4 FBP G . 5.84 -5.45 36.12
O4 FBP G . 4.73 -6.27 36.45
C5 FBP G . 7.10 -6.31 36.01
O5 FBP G . 8.14 -5.58 36.64
C6 FBP G . 7.44 -6.63 34.57
O6 FBP G . 6.46 -7.49 34.05
P2 FBP G . 6.81 -8.65 32.98
O4P FBP G . 8.31 -8.79 32.89
O5P FBP G . 6.23 -9.96 33.44
O6P FBP G . 6.24 -8.30 31.63
P1 FBP H . -17.61 -8.62 -36.84
O1P FBP H . -18.87 -8.01 -36.27
O2P FBP H . -17.35 -8.04 -38.21
O3P FBP H . -17.76 -10.12 -36.91
O1 FBP H . -16.39 -8.25 -35.85
C1 FBP H . -15.77 -9.27 -35.13
C2 FBP H . -14.84 -8.69 -34.07
O2 FBP H . -13.94 -7.70 -34.66
C3 FBP H . -14.04 -9.83 -33.45
O3 FBP H . -12.67 -9.49 -33.36
C4 FBP H . -14.66 -10.02 -32.09
O4 FBP H . -15.07 -11.36 -31.96
C5 FBP H . -15.89 -9.15 -32.11
O5 FBP H . -15.63 -8.12 -33.06
C6 FBP H . -16.25 -8.64 -30.71
O6 FBP H . -16.78 -9.74 -30.00
P2 FBP H . -17.73 -9.54 -28.72
O4P FBP H . -18.54 -8.28 -28.93
O5P FBP H . -18.66 -10.73 -28.58
O6P FBP H . -16.88 -9.40 -27.49
#